data_5A01
#
_entry.id   5A01
#
_cell.length_a   160.946
_cell.length_b   160.946
_cell.length_c   77.189
_cell.angle_alpha   90.00
_cell.angle_beta   90.00
_cell.angle_gamma   120.00
#
_symmetry.space_group_name_H-M   'P 32'
#
loop_
_entity.id
_entity.type
_entity.pdbx_description
1 polymer O-GLYCOSYLTRANSFERASE
2 non-polymer '(2S,3R,4R,5S,6R)-3-(acetylamino)-4,5-dihydroxy-6-(hydroxymethyl)tetrahydro-2H-thiopyran-2-yl [(2R,3S,4R,5R)-5-(2,4-dioxo-3,4-dihydropyrimidin-1(2H)-yl)-3,4-dihydroxytetrahydrofuran-2-yl]methyl dihydrogen diphosphate'
3 water water
#
_entity_poly.entity_id   1
_entity_poly.type   'polypeptide(L)'
_entity_poly.pdbx_seq_one_letter_code
;GPCSNHADSLNNLANIKREQGYIEEATRLYLKALEVFPDFAAAHSNLASVLQQQGKLKEALMHYKEAIRIQPTFADAYSN
MGNTLKELQDVSGALQCYTRAIQINPAFADAHSNLASIHKDSGNIPEAIQSYRTALKLKPDFPDAYCNLAHCLQIVCDWT
DYDIRMKKLVSIVTEQLEKNRLPSVHPHHSMLYPLTHDCRKAIAARHANLCLEKVHVLHKKPYNFLKKLPTKGRLRIGYL
SSDFGNHPTSHLMQSVPGLHDRSKVEIFCYALSPDDGTTFRHKISRESENFVDLSQIPCNGKAADKIFNDGIHILVNMNG
YTKGARNEIFALRPAPIQVMWLGYPGTSGASFMDYIITDSVTSPLELAYQYSEKLSYMPHTYFIGDHKQMFPHLKERIIV
CDKQQSSVVDNVTVINATDLSPLVENTDVKEIKEVVNAQKPVEITHKVAELPNTTQIVSMIATGQVQTSLNGVVVQNGLA
TTQTNNKAATGEEVPQNIVITTRRQYMLPDDAVVYCNFNQLYMIDPQTLESWVEILKNVPKSVLWLLRFPAVGEQNIKKT
VSDFGISPDRVIFSNVAAKEEHVRRGQLADICLDTPLCNGHTTSMDVLWTGTPVVTLPGETLASRVAASQLATLGCPELI
ARTREEYQNIAIRLGTKKEYLKALRAKVWKARVESPLFDCSQYAKGLEKLFLRMWEKYENGELPDHISAV
;
_entity_poly.pdbx_strand_id   A,B,C
#
loop_
_chem_comp.id
_chem_comp.type
_chem_comp.name
_chem_comp.formula
12V non-polymer '(2S,3R,4R,5S,6R)-3-(acetylamino)-4,5-dihydroxy-6-(hydroxymethyl)tetrahydro-2H-thiopyran-2-yl [(2R,3S,4R,5R)-5-(2,4-dioxo-3,4-dihydropyrimidin-1(2H)-yl)-3,4-dihydroxytetrahydrofuran-2-yl]methyl dihydrogen diphosphate' 'C17 H27 N3 O16 P2 S'
#
# COMPACT_ATOMS: atom_id res chain seq x y z
N GLY A 1 14.43 50.97 16.44
CA GLY A 1 15.80 50.86 17.03
C GLY A 1 15.99 49.66 17.97
N PRO A 2 16.72 49.88 19.09
CA PRO A 2 16.92 48.84 20.12
C PRO A 2 16.12 49.01 21.42
N CYS A 3 15.16 48.15 21.78
CA CYS A 3 14.46 47.16 20.92
C CYS A 3 15.26 45.95 20.37
N SER A 4 16.22 46.21 19.47
CA SER A 4 17.19 45.21 19.09
C SER A 4 18.06 44.85 20.27
N ASN A 5 18.06 45.73 21.28
CA ASN A 5 18.71 45.44 22.55
C ASN A 5 17.87 44.49 23.42
N HIS A 6 16.54 44.60 23.34
CA HIS A 6 15.65 43.64 24.00
C HIS A 6 15.79 42.26 23.40
N ALA A 7 15.83 42.20 22.07
CA ALA A 7 16.09 40.94 21.35
C ALA A 7 17.39 40.28 21.80
N ASP A 8 18.42 41.10 22.03
CA ASP A 8 19.71 40.61 22.58
C ASP A 8 19.55 39.93 23.94
N SER A 9 18.76 40.53 24.85
CA SER A 9 18.55 39.96 26.17
C SER A 9 18.01 38.54 26.05
N LEU A 10 16.96 38.40 25.24
CA LEU A 10 16.26 37.14 25.03
C LEU A 10 17.14 36.10 24.35
N ASN A 11 17.89 36.53 23.34
CA ASN A 11 18.80 35.63 22.62
C ASN A 11 19.85 35.04 23.55
N ASN A 12 20.44 35.88 24.39
CA ASN A 12 21.45 35.44 25.34
C ASN A 12 20.84 34.59 26.46
N LEU A 13 19.62 34.93 26.86
CA LEU A 13 18.87 34.16 27.84
C LEU A 13 18.55 32.76 27.28
N ALA A 14 18.12 32.72 26.04
CA ALA A 14 17.91 31.46 25.35
C ALA A 14 19.24 30.69 25.30
N ASN A 15 20.33 31.42 25.06
CA ASN A 15 21.65 30.80 25.02
C ASN A 15 21.97 30.14 26.37
N ILE A 16 21.78 30.89 27.46
CA ILE A 16 21.97 30.38 28.82
C ILE A 16 21.11 29.12 29.06
N LYS A 17 19.83 29.17 28.68
CA LYS A 17 18.94 28.02 28.86
C LYS A 17 19.39 26.82 28.01
N ARG A 18 19.98 27.09 26.85
CA ARG A 18 20.49 26.03 26.00
C ARG A 18 21.72 25.36 26.59
N GLU A 19 22.62 26.15 27.18
CA GLU A 19 23.82 25.62 27.85
C GLU A 19 23.42 24.66 28.97
N GLN A 20 22.38 25.02 29.72
CA GLN A 20 21.91 24.19 30.85
C GLN A 20 21.13 22.96 30.43
N GLY A 21 20.81 22.85 29.14
CA GLY A 21 20.09 21.69 28.63
C GLY A 21 18.58 21.82 28.65
N TYR A 22 18.07 23.05 28.78
CA TYR A 22 16.64 23.30 28.66
C TYR A 22 16.25 23.68 27.23
N ILE A 23 16.12 22.66 26.39
CA ILE A 23 15.95 22.85 24.94
C ILE A 23 14.62 23.51 24.57
N GLU A 24 13.52 23.11 25.22
CA GLU A 24 12.20 23.70 24.98
C GLU A 24 12.11 25.19 25.33
N GLU A 25 12.64 25.56 26.50
CA GLU A 25 12.74 26.94 26.95
C GLU A 25 13.53 27.79 25.94
N ALA A 26 14.69 27.28 25.53
CA ALA A 26 15.54 27.99 24.59
C ALA A 26 14.78 28.29 23.30
N THR A 27 14.15 27.27 22.73
CA THR A 27 13.35 27.39 21.52
C THR A 27 12.37 28.54 21.66
N ARG A 28 11.60 28.53 22.75
CA ARG A 28 10.58 29.54 23.01
C ARG A 28 11.19 30.94 23.13
N LEU A 29 12.33 31.03 23.80
CA LEU A 29 13.02 32.30 23.95
C LEU A 29 13.64 32.83 22.64
N TYR A 30 14.12 31.93 21.79
CA TYR A 30 14.60 32.31 20.45
C TYR A 30 13.45 32.81 19.59
N LEU A 31 12.30 32.15 19.74
CA LEU A 31 11.07 32.58 19.06
C LEU A 31 10.66 33.97 19.53
N LYS A 32 10.71 34.17 20.85
CA LYS A 32 10.33 35.44 21.45
C LYS A 32 11.26 36.55 20.96
N ALA A 33 12.55 36.24 20.81
CA ALA A 33 13.51 37.19 20.26
C ALA A 33 13.18 37.60 18.83
N LEU A 34 12.62 36.68 18.06
CA LEU A 34 12.33 36.92 16.64
C LEU A 34 10.99 37.62 16.40
N GLU A 35 10.05 37.39 17.30
CA GLU A 35 8.82 38.18 17.38
C GLU A 35 9.12 39.65 17.68
N VAL A 36 10.16 39.89 18.48
CA VAL A 36 10.60 41.24 18.86
C VAL A 36 11.45 41.95 17.80
N PHE A 37 12.36 41.22 17.15
CA PHE A 37 13.19 41.78 16.10
C PHE A 37 13.46 40.70 15.06
N PRO A 38 12.59 40.61 14.04
CA PRO A 38 12.69 39.55 13.02
C PRO A 38 14.02 39.49 12.26
N ASP A 39 14.61 40.63 11.91
CA ASP A 39 15.84 40.64 11.11
C ASP A 39 17.11 40.36 11.95
N PHE A 40 17.02 39.37 12.83
CA PHE A 40 18.09 39.01 13.75
C PHE A 40 18.79 37.71 13.34
N ALA A 41 19.93 37.84 12.64
CA ALA A 41 20.63 36.69 12.06
C ALA A 41 20.99 35.65 13.10
N ALA A 42 21.74 36.07 14.13
CA ALA A 42 22.21 35.15 15.17
C ALA A 42 21.09 34.31 15.80
N ALA A 43 19.92 34.90 15.99
CA ALA A 43 18.81 34.18 16.62
C ALA A 43 18.20 33.11 15.71
N HIS A 44 18.04 33.42 14.41
CA HIS A 44 17.58 32.43 13.45
C HIS A 44 18.50 31.22 13.45
N SER A 45 19.81 31.48 13.39
CA SER A 45 20.82 30.42 13.39
C SER A 45 20.79 29.58 14.65
N ASN A 46 20.61 30.22 15.81
CA ASN A 46 20.60 29.51 17.10
C ASN A 46 19.36 28.64 17.27
N LEU A 47 18.22 29.22 16.91
CA LEU A 47 16.96 28.49 16.83
C LEU A 47 17.06 27.28 15.90
N ALA A 48 17.66 27.50 14.72
CA ALA A 48 17.84 26.43 13.76
C ALA A 48 18.62 25.26 14.32
N SER A 49 19.70 25.54 15.06
CA SER A 49 20.55 24.46 15.56
C SER A 49 19.95 23.77 16.79
N VAL A 50 19.08 24.48 17.50
CA VAL A 50 18.30 23.85 18.55
C VAL A 50 17.23 22.96 17.89
N LEU A 51 16.60 23.49 16.83
CA LEU A 51 15.63 22.72 16.03
C LEU A 51 16.24 21.46 15.41
N GLN A 52 17.50 21.57 14.97
CA GLN A 52 18.24 20.41 14.46
C GLN A 52 18.47 19.33 15.52
N GLN A 53 18.83 19.74 16.73
CA GLN A 53 19.00 18.82 17.87
C GLN A 53 17.76 17.98 18.11
N GLN A 54 16.59 18.63 18.06
CA GLN A 54 15.31 18.02 18.41
C GLN A 54 14.76 17.11 17.30
N GLY A 55 15.46 17.03 16.17
CA GLY A 55 15.03 16.23 15.02
C GLY A 55 14.09 16.95 14.06
N LYS A 56 13.75 18.21 14.36
CA LYS A 56 12.94 19.03 13.47
C LYS A 56 13.80 19.61 12.34
N LEU A 57 14.31 18.72 11.49
CA LEU A 57 15.21 19.05 10.39
C LEU A 57 14.64 20.00 9.33
N LYS A 58 13.37 19.86 9.01
CA LYS A 58 12.71 20.71 8.03
C LYS A 58 12.65 22.16 8.54
N GLU A 59 12.33 22.32 9.83
CA GLU A 59 12.22 23.67 10.43
C GLU A 59 13.58 24.35 10.57
N ALA A 60 14.59 23.60 11.01
CA ALA A 60 15.98 24.09 11.09
C ALA A 60 16.44 24.72 9.78
N LEU A 61 16.27 23.95 8.71
CA LEU A 61 16.55 24.38 7.36
C LEU A 61 15.88 25.71 7.01
N MET A 62 14.64 25.90 7.43
CA MET A 62 13.93 27.18 7.18
C MET A 62 14.64 28.37 7.85
N HIS A 63 15.09 28.18 9.09
CA HIS A 63 15.73 29.25 9.87
C HIS A 63 17.20 29.50 9.58
N TYR A 64 17.93 28.49 9.11
CA TYR A 64 19.29 28.73 8.59
C TYR A 64 19.25 29.62 7.36
N LYS A 65 18.27 29.37 6.50
CA LYS A 65 18.08 30.20 5.31
C LYS A 65 17.75 31.63 5.67
N GLU A 66 16.87 31.83 6.67
CA GLU A 66 16.60 33.20 7.13
C GLU A 66 17.86 33.89 7.64
N ALA A 67 18.66 33.16 8.41
CA ALA A 67 19.95 33.69 8.87
C ALA A 67 20.84 34.11 7.71
N ILE A 68 20.94 33.26 6.68
CA ILE A 68 21.84 33.49 5.56
C ILE A 68 21.33 34.62 4.67
N ARG A 69 20.00 34.77 4.58
CA ARG A 69 19.41 35.86 3.80
C ARG A 69 19.78 37.21 4.41
N ILE A 70 19.60 37.32 5.72
CA ILE A 70 19.96 38.52 6.49
C ILE A 70 21.46 38.77 6.53
N GLN A 71 22.25 37.71 6.73
CA GLN A 71 23.71 37.84 6.73
C GLN A 71 24.39 36.88 5.75
N PRO A 72 24.49 37.28 4.46
CA PRO A 72 25.04 36.40 3.41
C PRO A 72 26.42 35.85 3.68
N THR A 73 27.20 36.48 4.58
CA THR A 73 28.58 36.04 4.82
C THR A 73 28.71 35.24 6.13
N PHE A 74 27.59 34.67 6.54
CA PHE A 74 27.47 33.88 7.77
C PHE A 74 27.94 32.44 7.50
N ALA A 75 29.24 32.28 7.32
CA ALA A 75 29.85 30.99 6.99
C ALA A 75 29.38 29.86 7.92
N ASP A 76 29.24 30.17 9.20
CA ASP A 76 28.84 29.17 10.18
C ASP A 76 27.41 28.62 9.99
N ALA A 77 26.49 29.47 9.57
CA ALA A 77 25.14 29.05 9.22
C ALA A 77 25.17 28.13 7.99
N TYR A 78 25.96 28.48 6.98
CA TYR A 78 26.11 27.64 5.79
C TYR A 78 26.58 26.25 6.16
N SER A 79 27.47 26.20 7.15
CA SER A 79 28.07 24.94 7.56
C SER A 79 27.05 24.05 8.25
N ASN A 80 26.35 24.57 9.24
CA ASN A 80 25.33 23.81 9.96
C ASN A 80 24.14 23.41 9.09
N MET A 81 23.79 24.26 8.13
CA MET A 81 22.74 23.98 7.15
C MET A 81 23.14 22.79 6.30
N GLY A 82 24.42 22.76 5.92
CA GLY A 82 25.00 21.61 5.24
C GLY A 82 24.84 20.30 5.99
N ASN A 83 25.04 20.32 7.32
CA ASN A 83 24.78 19.14 8.15
C ASN A 83 23.30 18.76 8.18
N THR A 84 22.39 19.74 8.19
CA THR A 84 20.97 19.41 8.26
C THR A 84 20.55 18.78 6.95
N LEU A 85 21.06 19.35 5.86
CA LEU A 85 20.82 18.82 4.53
C LEU A 85 21.40 17.43 4.35
N LYS A 86 22.53 17.18 5.03
CA LYS A 86 23.15 15.86 5.06
C LYS A 86 22.22 14.84 5.72
N GLU A 87 21.78 15.13 6.95
CA GLU A 87 20.84 14.28 7.70
C GLU A 87 19.56 13.98 6.91
N LEU A 88 19.14 14.92 6.06
CA LEU A 88 17.92 14.77 5.25
C LEU A 88 18.17 14.04 3.93
N GLN A 89 19.28 13.31 3.85
CA GLN A 89 19.64 12.50 2.67
C GLN A 89 20.02 13.33 1.45
N ASP A 90 20.03 14.66 1.58
CA ASP A 90 20.37 15.53 0.46
C ASP A 90 21.87 15.82 0.40
N VAL A 91 22.62 14.85 -0.10
CA VAL A 91 24.07 14.91 -0.18
C VAL A 91 24.51 16.03 -1.14
N SER A 92 23.70 16.22 -2.17
CA SER A 92 23.93 17.26 -3.18
C SER A 92 23.93 18.69 -2.61
N GLY A 93 22.87 19.05 -1.88
CA GLY A 93 22.76 20.35 -1.22
C GLY A 93 23.78 20.59 -0.12
N ALA A 94 24.02 19.60 0.73
CA ALA A 94 25.03 19.67 1.78
C ALA A 94 26.38 20.11 1.18
N LEU A 95 26.70 19.52 0.05
CA LEU A 95 27.96 19.75 -0.62
C LEU A 95 28.10 21.22 -1.02
N GLN A 96 27.02 21.84 -1.47
CA GLN A 96 27.04 23.28 -1.85
C GLN A 96 27.17 24.23 -0.67
N CYS A 97 26.52 23.90 0.45
CA CYS A 97 26.61 24.69 1.66
C CYS A 97 28.04 24.69 2.18
N TYR A 98 28.66 23.50 2.23
CA TYR A 98 30.04 23.40 2.73
C TYR A 98 30.98 24.16 1.76
N THR A 99 30.69 24.03 0.46
CA THR A 99 31.47 24.74 -0.55
C THR A 99 31.38 26.23 -0.32
N ARG A 100 30.19 26.69 -0.02
CA ARG A 100 29.94 28.10 0.14
C ARG A 100 30.67 28.64 1.38
N ALA A 101 30.69 27.82 2.43
CA ALA A 101 31.36 28.20 3.67
C ALA A 101 32.86 28.34 3.45
N ILE A 102 33.40 27.48 2.59
CA ILE A 102 34.82 27.54 2.28
C ILE A 102 35.11 28.76 1.40
N GLN A 103 34.13 29.15 0.57
CA GLN A 103 34.32 30.31 -0.32
C GLN A 103 34.29 31.58 0.50
N ILE A 104 33.40 31.61 1.48
CA ILE A 104 33.35 32.72 2.43
C ILE A 104 34.61 32.79 3.28
N ASN A 105 35.09 31.64 3.73
CA ASN A 105 36.27 31.55 4.59
C ASN A 105 37.09 30.27 4.35
N PRO A 106 38.15 30.35 3.49
CA PRO A 106 38.90 29.14 3.14
C PRO A 106 39.61 28.56 4.33
N ALA A 107 39.68 29.30 5.43
CA ALA A 107 40.36 28.83 6.63
C ALA A 107 39.39 28.26 7.70
N PHE A 108 38.12 28.11 7.33
CA PHE A 108 37.10 27.53 8.19
C PHE A 108 37.31 26.02 8.31
N ALA A 109 38.03 25.62 9.33
CA ALA A 109 38.37 24.21 9.55
C ALA A 109 37.18 23.23 9.53
N ASP A 110 36.06 23.60 10.16
CA ASP A 110 34.89 22.71 10.24
C ASP A 110 34.29 22.37 8.88
N ALA A 111 34.27 23.36 8.00
CA ALA A 111 33.66 23.20 6.70
C ALA A 111 34.47 22.21 5.89
N HIS A 112 35.81 22.27 6.04
CA HIS A 112 36.70 21.29 5.40
C HIS A 112 36.48 19.91 5.93
N SER A 113 36.30 19.81 7.25
CA SER A 113 35.96 18.55 7.87
C SER A 113 34.57 18.02 7.47
N ASN A 114 33.57 18.89 7.46
CA ASN A 114 32.24 18.52 6.99
C ASN A 114 32.27 18.01 5.54
N LEU A 115 32.97 18.74 4.67
CA LEU A 115 33.18 18.31 3.31
C LEU A 115 33.81 16.91 3.25
N ALA A 116 34.86 16.70 4.05
CA ALA A 116 35.53 15.42 4.13
C ALA A 116 34.56 14.30 4.49
N SER A 117 33.59 14.58 5.35
CA SER A 117 32.58 13.57 5.72
C SER A 117 31.73 13.14 4.53
N ILE A 118 31.35 14.09 3.68
CA ILE A 118 30.63 13.77 2.46
C ILE A 118 31.45 12.79 1.63
N HIS A 119 32.70 13.15 1.33
CA HIS A 119 33.62 12.29 0.57
C HIS A 119 33.79 10.92 1.15
N LYS A 120 33.88 10.84 2.47
CA LYS A 120 34.02 9.58 3.15
C LYS A 120 32.75 8.75 3.00
N ASP A 121 31.59 9.37 3.18
CA ASP A 121 30.30 8.69 3.05
C ASP A 121 30.09 8.10 1.66
N SER A 122 30.59 8.79 0.63
CA SER A 122 30.43 8.35 -0.76
C SER A 122 31.55 7.41 -1.23
N GLY A 123 32.35 6.88 -0.29
CA GLY A 123 33.42 5.96 -0.64
C GLY A 123 34.64 6.59 -1.30
N ASN A 124 34.62 7.91 -1.42
CA ASN A 124 35.77 8.66 -1.94
C ASN A 124 36.82 8.97 -0.86
N ILE A 125 37.59 7.96 -0.48
CA ILE A 125 38.47 8.05 0.68
C ILE A 125 39.71 8.94 0.46
N PRO A 126 40.37 8.84 -0.72
CA PRO A 126 41.53 9.74 -0.90
C PRO A 126 41.19 11.22 -0.79
N GLU A 127 40.07 11.63 -1.38
CA GLU A 127 39.61 13.01 -1.24
C GLU A 127 39.25 13.37 0.20
N ALA A 128 38.48 12.52 0.87
CA ALA A 128 38.18 12.72 2.30
C ALA A 128 39.45 12.93 3.15
N ILE A 129 40.49 12.16 2.86
CA ILE A 129 41.73 12.26 3.63
C ILE A 129 42.40 13.61 3.45
N GLN A 130 42.39 14.14 2.22
CA GLN A 130 42.91 15.51 1.97
C GLN A 130 42.14 16.56 2.78
N SER A 131 40.82 16.53 2.68
CA SER A 131 40.02 17.46 3.42
C SER A 131 40.19 17.38 4.93
N TYR A 132 40.26 16.17 5.50
CA TYR A 132 40.53 16.03 6.93
C TYR A 132 41.91 16.56 7.28
N ARG A 133 42.91 16.21 6.48
CA ARG A 133 44.25 16.80 6.66
C ARG A 133 44.20 18.32 6.64
N THR A 134 43.54 18.88 5.63
CA THR A 134 43.36 20.33 5.58
C THR A 134 42.75 20.87 6.88
N ALA A 135 41.66 20.27 7.36
CA ALA A 135 41.00 20.71 8.58
C ALA A 135 41.98 20.73 9.76
N LEU A 136 42.82 19.71 9.84
CA LEU A 136 43.73 19.58 10.96
C LEU A 136 44.93 20.50 10.87
N LYS A 137 45.34 20.90 9.66
CA LYS A 137 46.36 21.96 9.55
C LYS A 137 45.80 23.28 10.06
N LEU A 138 44.56 23.59 9.72
CA LEU A 138 43.96 24.83 10.13
C LEU A 138 43.59 24.81 11.61
N LYS A 139 43.09 23.67 12.10
CA LYS A 139 42.73 23.55 13.53
C LYS A 139 43.23 22.20 14.09
N PRO A 140 44.47 22.17 14.66
CA PRO A 140 45.08 20.90 15.06
C PRO A 140 44.39 20.16 16.20
N ASP A 141 43.66 20.89 17.04
CA ASP A 141 42.92 20.27 18.11
C ASP A 141 41.44 20.10 17.72
N PHE A 142 41.18 19.14 16.84
CA PHE A 142 39.88 18.98 16.22
C PHE A 142 39.47 17.50 16.30
N PRO A 143 39.04 17.06 17.50
CA PRO A 143 38.71 15.66 17.76
C PRO A 143 37.85 15.01 16.65
N ASP A 144 36.80 15.67 16.18
CA ASP A 144 35.94 15.08 15.14
C ASP A 144 36.73 14.80 13.86
N ALA A 145 37.51 15.79 13.41
CA ALA A 145 38.38 15.61 12.26
C ALA A 145 39.40 14.50 12.47
N TYR A 146 40.04 14.49 13.63
CA TYR A 146 41.07 13.48 13.92
C TYR A 146 40.51 12.06 13.91
N CYS A 147 39.34 11.85 14.50
CA CYS A 147 38.82 10.49 14.62
C CYS A 147 38.28 9.98 13.30
N ASN A 148 37.72 10.87 12.51
CA ASN A 148 37.29 10.48 11.16
C ASN A 148 38.49 10.21 10.25
N LEU A 149 39.58 10.95 10.44
CA LEU A 149 40.77 10.73 9.64
C LEU A 149 41.34 9.39 10.00
N ALA A 150 41.36 9.12 11.30
CA ALA A 150 41.89 7.85 11.79
C ALA A 150 41.13 6.68 11.14
N HIS A 151 39.80 6.79 11.06
CA HIS A 151 38.98 5.79 10.40
C HIS A 151 39.27 5.63 8.93
N CYS A 152 39.57 6.71 8.22
CA CYS A 152 39.95 6.64 6.82
C CYS A 152 41.30 5.93 6.62
N LEU A 153 42.26 6.21 7.49
CA LEU A 153 43.54 5.50 7.46
C LEU A 153 43.40 3.99 7.71
N GLN A 154 42.41 3.59 8.53
CA GLN A 154 42.10 2.15 8.71
C GLN A 154 41.61 1.55 7.41
N ILE A 155 40.64 2.20 6.77
CA ILE A 155 40.02 1.72 5.53
C ILE A 155 41.07 1.44 4.44
N VAL A 156 42.19 2.15 4.49
CA VAL A 156 43.19 2.14 3.42
C VAL A 156 44.48 1.47 3.91
N CYS A 157 44.47 1.04 5.17
CA CYS A 157 45.62 0.35 5.77
C CYS A 157 46.88 1.21 5.78
N ASP A 158 46.71 2.50 6.07
CA ASP A 158 47.82 3.37 6.32
C ASP A 158 48.08 3.26 7.81
N TRP A 159 49.21 2.67 8.15
CA TRP A 159 49.51 2.41 9.56
C TRP A 159 50.64 3.23 10.11
N THR A 160 50.95 4.34 9.44
CA THR A 160 52.02 5.18 9.90
C THR A 160 51.59 5.79 11.23
N ASP A 161 52.48 5.73 12.21
CA ASP A 161 52.20 6.23 13.58
C ASP A 161 51.09 5.46 14.30
N TYR A 162 50.76 4.27 13.80
CA TYR A 162 49.64 3.50 14.29
C TYR A 162 49.53 3.45 15.81
N ASP A 163 50.62 3.15 16.50
CA ASP A 163 50.54 2.99 17.95
C ASP A 163 50.22 4.30 18.68
N ILE A 164 50.81 5.40 18.25
CA ILE A 164 50.50 6.71 18.87
C ILE A 164 49.07 7.17 18.50
N ARG A 165 48.66 6.93 17.24
CA ARG A 165 47.31 7.24 16.77
C ARG A 165 46.26 6.54 17.62
N MET A 166 46.43 5.24 17.86
CA MET A 166 45.50 4.48 18.68
C MET A 166 45.42 5.01 20.12
N LYS A 167 46.56 5.43 20.67
CA LYS A 167 46.55 6.00 22.02
C LYS A 167 45.93 7.39 22.03
N LYS A 168 46.16 8.16 20.97
CA LYS A 168 45.56 9.49 20.86
C LYS A 168 44.03 9.40 20.77
N LEU A 169 43.54 8.42 20.01
CA LEU A 169 42.13 8.12 19.94
C LEU A 169 41.53 7.82 21.30
N VAL A 170 42.24 7.00 22.07
CA VAL A 170 41.79 6.58 23.39
C VAL A 170 41.79 7.76 24.37
N SER A 171 42.81 8.62 24.32
CA SER A 171 42.85 9.86 25.07
C SER A 171 41.62 10.69 24.81
N ILE A 172 41.38 11.02 23.54
CA ILE A 172 40.26 11.87 23.16
C ILE A 172 38.92 11.33 23.66
N VAL A 173 38.68 10.02 23.50
CA VAL A 173 37.42 9.43 23.95
C VAL A 173 37.25 9.54 25.47
N THR A 174 38.25 9.06 26.21
CA THR A 174 38.18 9.10 27.67
C THR A 174 38.01 10.53 28.17
N GLU A 175 38.75 11.48 27.58
CA GLU A 175 38.56 12.89 27.90
C GLU A 175 37.11 13.35 27.66
N GLN A 176 36.58 13.04 26.47
CA GLN A 176 35.24 13.43 26.09
C GLN A 176 34.17 12.86 27.02
N LEU A 177 34.30 11.59 27.40
CA LEU A 177 33.36 10.96 28.34
C LEU A 177 33.36 11.66 29.68
N GLU A 178 34.56 11.99 30.19
CA GLU A 178 34.71 12.72 31.46
C GLU A 178 34.10 14.11 31.44
N LYS A 179 34.23 14.81 30.31
CA LYS A 179 33.63 16.15 30.15
C LYS A 179 32.16 16.06 29.75
N ASN A 180 31.61 14.85 29.82
CA ASN A 180 30.21 14.61 29.54
C ASN A 180 29.74 15.05 28.12
N ARG A 181 30.61 14.86 27.14
CA ARG A 181 30.30 15.17 25.75
C ARG A 181 30.13 13.88 24.95
N LEU A 182 29.44 13.96 23.83
CA LEU A 182 29.28 12.84 22.92
C LEU A 182 30.61 12.62 22.20
N PRO A 183 31.15 11.40 22.21
CA PRO A 183 32.53 11.26 21.73
C PRO A 183 32.65 11.31 20.22
N SER A 184 33.86 11.49 19.72
CA SER A 184 34.11 11.61 18.28
C SER A 184 34.20 10.27 17.59
N VAL A 185 34.16 9.19 18.33
CA VAL A 185 34.28 7.88 17.73
C VAL A 185 32.88 7.21 17.72
N HIS A 186 32.51 6.63 16.57
CA HIS A 186 31.19 6.03 16.41
C HIS A 186 31.12 4.68 17.08
N PRO A 187 29.98 4.35 17.70
CA PRO A 187 29.98 3.08 18.43
C PRO A 187 30.35 1.88 17.54
N HIS A 188 29.98 1.94 16.27
CA HIS A 188 30.28 0.88 15.33
C HIS A 188 31.75 0.79 15.00
N HIS A 189 32.50 1.88 15.14
CA HIS A 189 33.94 1.84 14.92
C HIS A 189 34.73 1.44 16.15
N SER A 190 34.15 1.71 17.32
CA SER A 190 34.61 1.25 18.63
C SER A 190 35.43 -0.03 18.66
N MET A 191 34.96 -1.03 17.92
CA MET A 191 35.55 -2.36 17.99
C MET A 191 36.93 -2.46 17.34
N LEU A 192 37.39 -1.41 16.68
CA LEU A 192 38.69 -1.43 16.03
C LEU A 192 39.80 -0.92 16.92
N TYR A 193 39.43 -0.10 17.91
CA TYR A 193 40.37 0.63 18.73
C TYR A 193 40.48 0.03 20.13
N PRO A 194 41.67 0.16 20.78
CA PRO A 194 41.95 -0.47 22.09
C PRO A 194 41.32 0.26 23.26
N LEU A 195 40.04 0.59 23.13
CA LEU A 195 39.27 1.13 24.25
C LEU A 195 38.87 0.01 25.20
N THR A 196 38.71 0.34 26.47
CA THR A 196 38.16 -0.62 27.44
C THR A 196 36.71 -0.92 27.07
N HIS A 197 36.21 -2.06 27.49
CA HIS A 197 34.81 -2.43 27.27
C HIS A 197 33.89 -1.41 27.87
N ASP A 198 34.21 -0.94 29.07
CA ASP A 198 33.42 0.11 29.70
C ASP A 198 33.32 1.36 28.83
N CYS A 199 34.43 1.78 28.23
CA CYS A 199 34.42 2.92 27.30
C CYS A 199 33.49 2.70 26.10
N ARG A 200 33.63 1.55 25.45
CA ARG A 200 32.81 1.23 24.30
C ARG A 200 31.33 1.25 24.65
N LYS A 201 31.00 0.79 25.84
CA LYS A 201 29.60 0.73 26.27
C LYS A 201 29.06 2.13 26.53
N ALA A 202 29.90 3.00 27.09
CA ALA A 202 29.52 4.38 27.38
C ALA A 202 29.26 5.16 26.07
N ILE A 203 30.09 4.94 25.05
CA ILE A 203 29.86 5.54 23.76
C ILE A 203 28.48 5.09 23.29
N ALA A 204 28.20 3.79 23.41
CA ALA A 204 26.93 3.23 22.93
C ALA A 204 25.74 3.87 23.67
N ALA A 205 25.86 3.99 25.00
CA ALA A 205 24.79 4.53 25.83
C ALA A 205 24.49 5.98 25.45
N ARG A 206 25.52 6.74 25.14
CA ARG A 206 25.32 8.14 24.80
C ARG A 206 24.56 8.29 23.50
N HIS A 207 24.76 7.37 22.55
CA HIS A 207 23.96 7.37 21.35
C HIS A 207 22.54 6.97 21.61
N ALA A 208 22.35 6.09 22.57
CA ALA A 208 21.02 5.70 23.00
C ALA A 208 20.28 6.87 23.65
N ASN A 209 20.98 7.66 24.49
CA ASN A 209 20.41 8.88 25.09
C ASN A 209 20.04 9.93 24.05
N LEU A 210 20.91 10.12 23.07
CA LEU A 210 20.56 10.93 21.91
C LEU A 210 19.17 10.56 21.39
N CYS A 211 18.95 9.27 21.16
CA CYS A 211 17.65 8.78 20.71
C CYS A 211 16.51 9.12 21.68
N LEU A 212 16.74 8.97 22.99
CA LEU A 212 15.73 9.35 23.96
C LEU A 212 15.42 10.86 23.91
N GLU A 213 16.46 11.69 23.85
CA GLU A 213 16.33 13.14 23.76
C GLU A 213 15.56 13.56 22.52
N LYS A 214 16.01 13.12 21.35
CA LYS A 214 15.29 13.41 20.10
C LYS A 214 13.81 13.05 20.19
N VAL A 215 13.48 12.08 21.01
CA VAL A 215 12.15 11.52 21.05
C VAL A 215 11.28 12.16 22.14
N HIS A 216 11.93 12.68 23.17
CA HIS A 216 11.28 13.42 24.26
C HIS A 216 10.48 14.61 23.74
N VAL A 217 10.92 15.17 22.62
CA VAL A 217 10.25 16.30 21.95
C VAL A 217 8.81 16.02 21.54
N LEU A 218 8.52 14.77 21.20
CA LEU A 218 7.18 14.37 20.80
C LEU A 218 6.17 14.39 21.96
N HIS A 219 6.66 14.35 23.19
CA HIS A 219 5.81 14.31 24.39
C HIS A 219 4.74 13.26 24.31
N LYS A 220 5.14 12.02 24.08
CA LYS A 220 4.20 10.90 24.04
C LYS A 220 4.07 10.27 25.41
N LYS A 221 2.90 9.68 25.68
CA LYS A 221 2.73 8.93 26.93
C LYS A 221 3.29 7.53 26.73
N PRO A 222 3.79 6.89 27.81
CA PRO A 222 4.33 5.54 27.61
C PRO A 222 3.22 4.59 27.19
N TYR A 223 3.53 3.67 26.30
CA TYR A 223 2.57 2.66 25.88
C TYR A 223 2.20 1.71 27.01
N ASN A 224 0.93 1.32 27.04
CA ASN A 224 0.43 0.36 28.04
C ASN A 224 0.20 -1.01 27.42
N PHE A 225 0.69 -2.04 28.10
CA PHE A 225 0.74 -3.36 27.49
C PHE A 225 -0.22 -4.41 28.01
N LEU A 226 -0.76 -5.16 27.06
CA LEU A 226 -1.17 -6.55 27.23
C LEU A 226 -0.17 -7.31 28.13
N LYS A 227 -0.67 -7.98 29.17
CA LYS A 227 0.19 -8.68 30.14
C LYS A 227 0.10 -10.20 30.06
N LYS A 228 -1.07 -10.71 29.66
CA LYS A 228 -1.30 -12.14 29.54
C LYS A 228 -1.55 -12.51 28.08
N LEU A 229 -1.15 -13.72 27.70
CA LEU A 229 -1.42 -14.29 26.37
C LEU A 229 -2.07 -15.66 26.56
N PRO A 230 -3.07 -15.97 25.72
CA PRO A 230 -3.72 -17.27 25.82
C PRO A 230 -3.03 -18.32 24.93
N GLY A 233 -2.46 -17.37 22.19
CA GLY A 233 -1.91 -18.46 21.43
C GLY A 233 -0.59 -18.10 20.77
N ARG A 234 -0.61 -17.13 19.88
CA ARG A 234 0.59 -16.80 19.10
C ARG A 234 1.29 -15.54 19.57
N LEU A 235 2.61 -15.67 19.73
CA LEU A 235 3.49 -14.52 19.91
C LEU A 235 3.59 -13.71 18.61
N ARG A 236 3.43 -12.40 18.73
CA ARG A 236 3.65 -11.55 17.57
C ARG A 236 5.06 -11.00 17.60
N ILE A 237 5.85 -11.41 16.62
CA ILE A 237 7.24 -10.97 16.49
C ILE A 237 7.41 -10.03 15.31
N GLY A 238 8.15 -8.95 15.55
CA GLY A 238 8.42 -7.98 14.53
C GLY A 238 9.90 -7.83 14.26
N TYR A 239 10.31 -8.14 13.03
CA TYR A 239 11.69 -7.92 12.60
C TYR A 239 11.81 -6.59 11.89
N LEU A 240 12.60 -5.70 12.46
CA LEU A 240 12.71 -4.37 11.92
C LEU A 240 14.12 -4.13 11.37
N SER A 241 14.20 -3.85 10.07
CA SER A 241 15.47 -3.70 9.38
C SER A 241 15.40 -2.79 8.16
N SER A 242 16.52 -2.12 7.88
CA SER A 242 16.66 -1.33 6.67
C SER A 242 17.35 -2.15 5.56
N ASP A 243 17.49 -3.45 5.77
CA ASP A 243 18.34 -4.26 4.90
C ASP A 243 17.60 -5.37 4.17
N PHE A 244 16.27 -5.27 4.10
CA PHE A 244 15.49 -6.23 3.35
C PHE A 244 15.59 -5.86 1.88
N GLY A 245 16.47 -6.56 1.16
CA GLY A 245 16.78 -6.26 -0.23
C GLY A 245 18.13 -6.84 -0.56
N ASN A 246 18.84 -6.26 -1.52
CA ASN A 246 20.20 -6.73 -1.80
C ASN A 246 21.24 -6.20 -0.79
N HIS A 247 21.36 -6.90 0.33
CA HIS A 247 22.20 -6.50 1.45
C HIS A 247 22.59 -7.74 2.21
N PRO A 248 23.85 -7.80 2.69
CA PRO A 248 24.32 -8.97 3.43
C PRO A 248 23.32 -9.54 4.48
N THR A 249 22.55 -8.68 5.12
CA THR A 249 21.62 -9.16 6.13
C THR A 249 20.62 -10.16 5.52
N SER A 250 20.04 -9.83 4.35
CA SER A 250 19.10 -10.74 3.67
C SER A 250 19.78 -11.98 3.14
N HIS A 251 21.05 -11.91 2.76
CA HIS A 251 21.79 -13.10 2.36
C HIS A 251 21.98 -14.06 3.53
N LEU A 252 21.79 -13.58 4.75
CA LEU A 252 21.88 -14.44 5.91
C LEU A 252 20.52 -15.01 6.35
N MET A 253 19.48 -14.20 6.31
CA MET A 253 18.28 -14.50 7.09
C MET A 253 16.97 -14.65 6.30
N GLN A 254 17.02 -14.39 4.99
CA GLN A 254 15.84 -14.36 4.14
C GLN A 254 14.90 -15.58 4.19
N SER A 255 15.43 -16.76 4.51
CA SER A 255 14.62 -17.96 4.62
C SER A 255 13.94 -18.10 5.98
N VAL A 256 14.43 -17.35 6.95
CA VAL A 256 13.94 -17.48 8.31
C VAL A 256 12.45 -17.11 8.49
N PRO A 257 11.98 -15.95 7.94
CA PRO A 257 10.55 -15.63 8.17
C PRO A 257 9.61 -16.73 7.67
N GLY A 258 9.90 -17.29 6.50
CA GLY A 258 9.05 -18.33 5.94
C GLY A 258 9.20 -19.68 6.61
N LEU A 259 10.25 -19.86 7.40
CA LEU A 259 10.46 -21.12 8.11
C LEU A 259 9.93 -21.13 9.53
N HIS A 260 9.45 -20.00 10.02
CA HIS A 260 8.87 -19.96 11.37
C HIS A 260 7.60 -20.74 11.52
N ASP A 261 7.48 -21.46 12.64
CA ASP A 261 6.25 -22.23 12.92
C ASP A 261 5.06 -21.29 13.15
N ARG A 262 4.18 -21.23 12.15
CA ARG A 262 3.04 -20.30 12.16
C ARG A 262 1.98 -20.60 13.22
N SER A 263 2.00 -21.78 13.82
CA SER A 263 1.11 -22.06 14.92
C SER A 263 1.66 -21.52 16.26
N LYS A 264 2.96 -21.26 16.31
CA LYS A 264 3.56 -20.72 17.53
C LYS A 264 3.71 -19.18 17.47
N VAL A 265 4.15 -18.67 16.32
CA VAL A 265 4.44 -17.24 16.22
C VAL A 265 3.85 -16.66 14.94
N GLU A 266 3.42 -15.41 15.02
CA GLU A 266 3.03 -14.65 13.85
C GLU A 266 4.14 -13.62 13.54
N ILE A 267 4.73 -13.71 12.35
CA ILE A 267 5.86 -12.85 12.01
C ILE A 267 5.46 -11.63 11.20
N PHE A 268 5.99 -10.47 11.60
CA PHE A 268 5.82 -9.20 10.90
C PHE A 268 7.19 -8.71 10.49
N CYS A 269 7.41 -8.47 9.19
CA CYS A 269 8.66 -7.84 8.78
C CYS A 269 8.43 -6.39 8.48
N TYR A 270 9.09 -5.52 9.25
CA TYR A 270 8.99 -4.10 9.04
C TYR A 270 10.22 -3.63 8.28
N ALA A 271 10.04 -3.29 7.00
CA ALA A 271 11.11 -2.70 6.21
C ALA A 271 11.25 -1.20 6.41
N LEU A 272 12.46 -0.73 6.68
CA LEU A 272 12.74 0.69 6.88
C LEU A 272 13.22 1.38 5.61
N SER A 273 13.51 0.58 4.58
CA SER A 273 13.98 1.08 3.28
C SER A 273 13.01 0.75 2.14
N PRO A 274 13.03 1.58 1.07
CA PRO A 274 12.16 1.34 -0.09
C PRO A 274 12.42 -0.01 -0.76
N ASP A 275 11.40 -0.53 -1.44
CA ASP A 275 11.53 -1.69 -2.32
C ASP A 275 12.61 -1.39 -3.37
N ASP A 276 13.55 -2.32 -3.52
CA ASP A 276 14.64 -2.16 -4.47
C ASP A 276 14.47 -3.17 -5.61
N GLY A 277 13.30 -3.81 -5.65
CA GLY A 277 12.89 -4.64 -6.78
C GLY A 277 13.61 -5.95 -6.87
N THR A 278 14.49 -6.21 -5.91
CA THR A 278 15.30 -7.42 -5.93
C THR A 278 14.51 -8.61 -5.43
N THR A 279 14.93 -9.80 -5.84
CA THR A 279 14.34 -11.06 -5.41
C THR A 279 14.36 -11.24 -3.89
N PHE A 280 15.39 -10.69 -3.23
CA PHE A 280 15.55 -10.85 -1.79
C PHE A 280 14.42 -10.16 -1.05
N ARG A 281 14.03 -8.98 -1.53
CA ARG A 281 12.90 -8.22 -0.98
C ARG A 281 11.60 -8.93 -1.27
N HIS A 282 11.43 -9.42 -2.49
CA HIS A 282 10.26 -10.21 -2.90
C HIS A 282 10.08 -11.43 -2.02
N LYS A 283 11.16 -12.17 -1.80
CA LYS A 283 11.10 -13.40 -0.98
C LYS A 283 10.68 -13.12 0.46
N ILE A 284 11.24 -12.09 1.06
CA ILE A 284 10.87 -11.72 2.41
C ILE A 284 9.42 -11.20 2.42
N SER A 285 9.03 -10.44 1.39
CA SER A 285 7.64 -9.99 1.22
C SER A 285 6.64 -11.14 1.20
N ARG A 286 6.90 -12.15 0.36
CA ARG A 286 5.98 -13.28 0.22
C ARG A 286 5.97 -14.17 1.46
N GLU A 287 7.14 -14.70 1.82
CA GLU A 287 7.31 -15.66 2.91
C GLU A 287 6.82 -15.18 4.28
N SER A 288 6.94 -13.89 4.56
CA SER A 288 6.60 -13.35 5.87
C SER A 288 5.09 -13.16 5.96
N GLU A 289 4.49 -13.65 7.04
CA GLU A 289 3.05 -13.57 7.24
C GLU A 289 2.56 -12.14 7.12
N ASN A 290 3.35 -11.20 7.59
CA ASN A 290 2.99 -9.79 7.52
C ASN A 290 4.16 -8.99 7.04
N PHE A 291 3.94 -8.18 6.02
CA PHE A 291 4.95 -7.25 5.58
C PHE A 291 4.42 -5.83 5.62
N VAL A 292 5.13 -4.98 6.35
CA VAL A 292 4.82 -3.57 6.45
C VAL A 292 6.05 -2.79 5.98
N ASP A 293 5.82 -1.77 5.18
CA ASP A 293 6.89 -0.87 4.74
C ASP A 293 6.86 0.46 5.51
N LEU A 294 7.77 0.61 6.48
CA LEU A 294 7.83 1.81 7.32
C LEU A 294 8.62 2.95 6.67
N SER A 295 9.17 2.67 5.48
CA SER A 295 9.83 3.73 4.72
C SER A 295 8.78 4.69 4.13
N GLN A 296 7.53 4.25 4.10
CA GLN A 296 6.38 5.09 3.75
C GLN A 296 5.81 5.87 4.95
N ILE A 297 6.38 5.67 6.13
CA ILE A 297 5.94 6.39 7.34
C ILE A 297 7.15 7.10 7.96
N PRO A 298 7.55 8.25 7.38
CA PRO A 298 8.71 9.04 7.84
C PRO A 298 8.74 9.38 9.35
N CYS A 299 7.59 9.72 9.93
CA CYS A 299 7.57 10.12 11.35
C CYS A 299 7.80 8.91 12.27
N ASN A 300 8.80 9.00 13.14
CA ASN A 300 9.11 7.93 14.09
C ASN A 300 7.98 7.67 15.08
N GLY A 301 7.28 8.74 15.44
CA GLY A 301 6.12 8.64 16.32
C GLY A 301 5.03 7.80 15.71
N LYS A 302 4.70 8.05 14.45
CA LYS A 302 3.68 7.25 13.77
C LYS A 302 4.12 5.82 13.56
N ALA A 303 5.40 5.66 13.19
CA ALA A 303 5.97 4.33 13.01
C ALA A 303 5.85 3.46 14.29
N ALA A 304 6.19 4.04 15.45
CA ALA A 304 6.00 3.36 16.72
C ALA A 304 4.52 2.97 16.90
N ASP A 305 3.62 3.90 16.57
CA ASP A 305 2.17 3.68 16.72
C ASP A 305 1.72 2.50 15.90
N LYS A 306 2.18 2.42 14.65
CA LYS A 306 1.80 1.28 13.81
C LYS A 306 2.20 -0.02 14.49
N ILE A 307 3.44 -0.09 14.94
CA ILE A 307 3.95 -1.26 15.66
C ILE A 307 3.06 -1.57 16.87
N PHE A 308 2.84 -0.59 17.76
CA PHE A 308 1.92 -0.79 18.89
C PHE A 308 0.55 -1.31 18.44
N ASN A 309 0.04 -0.75 17.36
CA ASN A 309 -1.23 -1.20 16.81
C ASN A 309 -1.22 -2.59 16.23
N ASP A 310 -0.08 -3.06 15.75
CA ASP A 310 -0.04 -4.44 15.30
C ASP A 310 0.03 -5.37 16.53
N GLY A 311 0.29 -4.82 17.70
CA GLY A 311 0.18 -5.55 18.96
C GLY A 311 1.33 -6.51 19.12
N ILE A 312 2.52 -6.00 18.84
CA ILE A 312 3.70 -6.80 18.83
C ILE A 312 4.27 -7.01 20.22
N HIS A 313 4.61 -8.26 20.52
CA HIS A 313 5.19 -8.61 21.81
C HIS A 313 6.69 -8.45 21.83
N ILE A 314 7.34 -8.91 20.78
CA ILE A 314 8.79 -8.88 20.72
C ILE A 314 9.28 -8.12 19.49
N LEU A 315 9.89 -6.97 19.71
CA LEU A 315 10.39 -6.15 18.63
C LEU A 315 11.90 -6.33 18.46
N VAL A 316 12.30 -6.78 17.26
CA VAL A 316 13.68 -7.15 16.99
C VAL A 316 14.43 -6.11 16.16
N ASN A 317 15.38 -5.43 16.80
CA ASN A 317 16.34 -4.51 16.13
C ASN A 317 17.43 -5.26 15.34
N MET A 318 17.41 -5.13 14.02
CA MET A 318 18.39 -5.77 13.16
C MET A 318 19.42 -4.78 12.60
N ASN A 319 19.47 -3.59 13.16
CA ASN A 319 20.33 -2.53 12.65
C ASN A 319 21.33 -2.03 13.63
N GLY A 320 20.92 -1.78 14.87
CA GLY A 320 21.82 -1.17 15.84
C GLY A 320 22.30 0.17 15.27
N TYR A 321 23.55 0.54 15.56
CA TYR A 321 24.06 1.81 15.08
C TYR A 321 24.73 1.65 13.72
N THR A 322 23.91 1.41 12.70
CA THR A 322 24.39 1.26 11.32
C THR A 322 23.60 2.19 10.44
N LYS A 323 24.04 2.38 9.20
CA LYS A 323 23.35 3.25 8.24
C LYS A 323 21.90 2.79 8.08
N GLY A 324 20.97 3.75 7.98
CA GLY A 324 19.56 3.44 7.84
C GLY A 324 18.77 3.17 9.12
N ALA A 325 19.43 3.07 10.28
CA ALA A 325 18.71 2.73 11.50
C ALA A 325 17.70 3.81 11.83
N ARG A 326 16.59 3.43 12.44
CA ARG A 326 15.67 4.39 13.04
C ARG A 326 15.41 4.01 14.49
N ASN A 327 16.46 4.13 15.29
CA ASN A 327 16.42 3.67 16.68
C ASN A 327 15.52 4.49 17.60
N GLU A 328 15.01 5.61 17.09
CA GLU A 328 14.08 6.40 17.86
C GLU A 328 12.80 5.60 18.10
N ILE A 329 12.48 4.74 17.13
CA ILE A 329 11.32 3.85 17.23
C ILE A 329 11.44 3.00 18.48
N PHE A 330 12.64 2.43 18.69
CA PHE A 330 12.89 1.58 19.85
C PHE A 330 12.94 2.37 21.13
N ALA A 331 13.31 3.64 21.04
CA ALA A 331 13.36 4.48 22.24
C ALA A 331 11.94 4.87 22.72
N LEU A 332 10.96 4.72 21.83
CA LEU A 332 9.59 5.02 22.20
C LEU A 332 8.92 3.82 22.89
N ARG A 333 9.57 2.65 22.81
CA ARG A 333 9.11 1.43 23.47
C ARG A 333 7.70 1.02 23.06
N PRO A 334 7.48 0.75 21.76
CA PRO A 334 6.17 0.33 21.27
C PRO A 334 5.84 -1.14 21.47
N ALA A 335 6.75 -1.90 22.08
CA ALA A 335 6.54 -3.32 22.37
C ALA A 335 7.11 -3.66 23.75
N PRO A 336 6.46 -4.55 24.51
CA PRO A 336 6.96 -4.76 25.87
C PRO A 336 8.41 -5.32 25.93
N ILE A 337 8.83 -6.10 24.94
CA ILE A 337 10.18 -6.67 24.93
C ILE A 337 10.90 -6.32 23.63
N GLN A 338 12.12 -5.80 23.76
CA GLN A 338 12.92 -5.42 22.60
C GLN A 338 14.33 -6.03 22.58
N VAL A 339 14.71 -6.50 21.39
CA VAL A 339 15.78 -7.45 21.21
C VAL A 339 16.72 -6.99 20.09
N MET A 340 18.02 -7.12 20.32
CA MET A 340 19.03 -6.94 19.26
C MET A 340 19.26 -8.30 18.60
N TRP A 341 19.31 -8.31 17.27
CA TRP A 341 19.60 -9.54 16.56
C TRP A 341 20.28 -9.41 15.22
N LEU A 342 21.47 -9.98 15.11
CA LEU A 342 22.15 -10.28 13.83
C LEU A 342 22.87 -9.13 13.12
N GLY A 343 22.22 -7.98 12.94
CA GLY A 343 22.82 -6.90 12.15
C GLY A 343 24.00 -6.13 12.75
N TYR A 344 24.01 -5.95 14.07
CA TYR A 344 25.03 -5.10 14.72
C TYR A 344 25.85 -5.93 15.71
N PRO A 345 27.16 -6.08 15.44
CA PRO A 345 27.98 -6.91 16.31
C PRO A 345 28.51 -6.12 17.50
N GLY A 346 27.61 -5.70 18.38
CA GLY A 346 27.98 -4.95 19.57
C GLY A 346 26.78 -4.70 20.45
N THR A 347 27.01 -4.02 21.56
CA THR A 347 25.96 -3.64 22.47
C THR A 347 25.37 -2.31 22.02
N SER A 348 24.10 -2.10 22.37
CA SER A 348 23.44 -0.83 22.13
C SER A 348 23.69 0.15 23.27
N GLY A 349 24.02 -0.37 24.46
CA GLY A 349 24.09 0.46 25.65
C GLY A 349 22.79 1.13 26.03
N ALA A 350 21.67 0.72 25.43
CA ALA A 350 20.37 1.36 25.62
C ALA A 350 19.53 0.75 26.73
N SER A 351 18.91 1.61 27.54
CA SER A 351 17.97 1.19 28.57
C SER A 351 16.71 0.53 28.00
N PHE A 352 16.42 0.79 26.73
CA PHE A 352 15.20 0.28 26.09
C PHE A 352 15.41 -0.99 25.28
N MET A 353 16.58 -1.59 25.40
CA MET A 353 16.87 -2.90 24.82
C MET A 353 17.07 -3.90 25.96
N ASP A 354 16.33 -5.02 25.91
CA ASP A 354 16.31 -5.98 26.99
C ASP A 354 17.28 -7.13 26.76
N TYR A 355 17.37 -7.58 25.50
CA TYR A 355 18.04 -8.82 25.18
C TYR A 355 18.88 -8.68 23.94
N ILE A 356 20.00 -9.41 23.92
CA ILE A 356 20.80 -9.56 22.74
C ILE A 356 20.83 -11.06 22.39
N ILE A 357 20.62 -11.40 21.12
CA ILE A 357 20.73 -12.78 20.67
C ILE A 357 22.18 -13.17 20.29
N THR A 358 22.76 -14.09 21.04
CA THR A 358 24.09 -14.65 20.77
C THR A 358 24.13 -16.11 21.11
N ASP A 359 25.30 -16.56 21.57
CA ASP A 359 25.56 -17.93 21.89
C ASP A 359 26.71 -17.93 22.89
N SER A 360 27.00 -19.09 23.47
CA SER A 360 27.98 -19.21 24.56
C SER A 360 29.42 -19.01 24.09
N VAL A 361 29.71 -19.28 22.82
CA VAL A 361 31.07 -19.00 22.36
C VAL A 361 31.26 -17.49 22.08
N THR A 362 30.40 -16.91 21.25
CA THR A 362 30.48 -15.48 20.94
C THR A 362 30.50 -14.56 22.18
N SER A 363 29.65 -14.85 23.15
CA SER A 363 29.44 -13.99 24.29
C SER A 363 29.44 -14.80 25.58
N PRO A 364 30.62 -15.32 25.97
CA PRO A 364 30.67 -16.12 27.19
C PRO A 364 30.25 -15.26 28.38
N LEU A 365 29.52 -15.84 29.34
CA LEU A 365 29.08 -15.09 30.52
C LEU A 365 30.17 -14.34 31.26
N GLU A 366 31.40 -14.81 31.18
CA GLU A 366 32.52 -14.05 31.74
C GLU A 366 32.56 -12.63 31.17
N LEU A 367 32.06 -12.44 29.95
CA LEU A 367 32.20 -11.16 29.26
C LEU A 367 30.92 -10.34 29.26
N ALA A 368 29.94 -10.76 30.05
CA ALA A 368 28.61 -10.12 30.09
C ALA A 368 28.61 -8.65 30.44
N TYR A 369 29.58 -8.18 31.20
CA TYR A 369 29.67 -6.75 31.58
C TYR A 369 29.85 -5.83 30.36
N GLN A 370 30.31 -6.39 29.24
CA GLN A 370 30.43 -5.67 27.96
C GLN A 370 29.11 -5.12 27.48
N TYR A 371 28.03 -5.78 27.87
CA TYR A 371 26.72 -5.59 27.24
C TYR A 371 25.78 -4.94 28.23
N SER A 372 24.96 -4.03 27.75
CA SER A 372 23.89 -3.45 28.56
C SER A 372 22.74 -4.45 28.62
N GLU A 373 22.58 -5.18 27.53
CA GLU A 373 21.51 -6.12 27.36
C GLU A 373 21.83 -7.34 28.17
N LYS A 374 20.77 -8.07 28.54
CA LYS A 374 20.86 -9.41 29.04
C LYS A 374 21.12 -10.37 27.87
N LEU A 375 22.00 -11.35 28.08
CA LEU A 375 22.34 -12.32 27.04
C LEU A 375 21.23 -13.35 26.83
N SER A 376 21.04 -13.76 25.58
CA SER A 376 20.11 -14.84 25.29
C SER A 376 20.72 -15.82 24.30
N TYR A 377 20.96 -17.05 24.76
CA TYR A 377 21.76 -18.02 24.03
C TYR A 377 20.95 -18.88 23.07
N MET A 378 21.25 -18.75 21.79
CA MET A 378 20.82 -19.69 20.79
C MET A 378 21.42 -21.05 21.12
N PRO A 379 20.83 -22.13 20.61
CA PRO A 379 21.38 -23.44 20.97
C PRO A 379 22.80 -23.65 20.42
N HIS A 380 23.08 -23.15 19.23
CA HIS A 380 24.45 -23.17 18.72
C HIS A 380 24.81 -21.77 18.35
N THR A 381 25.44 -21.53 17.20
CA THR A 381 25.85 -20.13 16.90
C THR A 381 24.67 -19.20 16.59
N TYR A 382 24.82 -17.92 16.88
CA TYR A 382 23.78 -16.94 16.53
C TYR A 382 23.81 -16.58 15.06
N PHE A 383 24.81 -17.06 14.32
CA PHE A 383 24.95 -16.69 12.93
C PHE A 383 24.21 -17.68 11.99
N ILE A 384 23.77 -17.21 10.81
CA ILE A 384 23.22 -18.08 9.79
C ILE A 384 23.48 -17.55 8.42
N GLY A 385 23.22 -18.38 7.42
CA GLY A 385 23.36 -17.99 6.05
C GLY A 385 22.41 -18.80 5.21
N ASP A 386 21.98 -18.20 4.12
CA ASP A 386 21.03 -18.81 3.20
C ASP A 386 21.76 -19.58 2.12
N HIS A 387 23.03 -19.88 2.35
CA HIS A 387 23.89 -20.52 1.35
C HIS A 387 23.31 -21.75 0.71
N LYS A 388 22.73 -22.63 1.54
CA LYS A 388 22.08 -23.86 1.09
C LYS A 388 21.04 -23.58 0.02
N GLN A 389 20.37 -22.43 0.13
CA GLN A 389 19.36 -22.03 -0.85
C GLN A 389 19.90 -21.13 -1.96
N MET A 390 20.85 -20.27 -1.65
CA MET A 390 21.38 -19.34 -2.67
C MET A 390 22.43 -19.97 -3.57
N PHE A 391 23.17 -20.94 -3.04
CA PHE A 391 24.29 -21.51 -3.79
C PHE A 391 24.28 -23.05 -3.78
N PRO A 392 23.16 -23.64 -4.26
CA PRO A 392 23.07 -25.09 -4.32
C PRO A 392 24.09 -25.67 -5.28
N HIS A 393 24.44 -24.94 -6.34
CA HIS A 393 25.47 -25.40 -7.27
C HIS A 393 26.86 -25.48 -6.67
N LEU A 394 27.03 -24.89 -5.49
CA LEU A 394 28.29 -24.98 -4.77
C LEU A 394 28.27 -26.06 -3.69
N LYS A 395 27.23 -26.90 -3.67
CA LYS A 395 27.11 -28.01 -2.72
C LYS A 395 28.28 -28.99 -2.84
N GLU A 396 28.74 -29.23 -4.05
CA GLU A 396 30.01 -29.92 -4.26
C GLU A 396 30.71 -29.45 -5.50
N ARG A 397 31.99 -29.82 -5.61
CA ARG A 397 32.83 -29.39 -6.71
C ARG A 397 33.14 -30.61 -7.56
N ILE A 398 33.52 -30.39 -8.81
CA ILE A 398 34.06 -31.45 -9.65
C ILE A 398 35.46 -31.03 -10.06
N ILE A 399 36.44 -31.84 -9.70
CA ILE A 399 37.85 -31.59 -10.02
C ILE A 399 38.06 -31.97 -11.48
N VAL A 400 38.87 -31.18 -12.20
CA VAL A 400 39.28 -31.55 -13.56
C VAL A 400 40.79 -31.81 -13.66
N CYS A 401 41.17 -32.67 -14.60
CA CYS A 401 42.60 -33.00 -14.88
C CYS A 401 42.80 -33.72 -16.23
N VAL A 409 44.47 -33.30 -6.22
CA VAL A 409 44.42 -31.87 -5.94
C VAL A 409 43.05 -31.28 -6.29
N ASP A 410 42.39 -30.64 -5.32
CA ASP A 410 40.97 -30.26 -5.47
C ASP A 410 40.68 -28.76 -5.62
N ASN A 411 41.72 -27.94 -5.72
CA ASN A 411 41.53 -26.49 -5.71
C ASN A 411 42.35 -25.72 -6.72
N VAL A 412 42.62 -26.33 -7.87
CA VAL A 412 43.31 -25.65 -8.97
C VAL A 412 42.34 -25.39 -10.10
N THR A 413 41.56 -26.41 -10.47
CA THR A 413 40.57 -26.30 -11.53
C THR A 413 39.32 -27.04 -11.10
N VAL A 414 38.19 -26.34 -11.11
CA VAL A 414 36.97 -26.80 -10.48
C VAL A 414 35.78 -26.49 -11.37
N ILE A 415 34.86 -27.46 -11.49
CA ILE A 415 33.59 -27.26 -12.20
C ILE A 415 32.44 -27.34 -11.21
N ASN A 416 31.46 -26.45 -11.40
CA ASN A 416 30.24 -26.44 -10.61
C ASN A 416 29.04 -26.34 -11.53
N ALA A 417 27.93 -26.98 -11.12
CA ALA A 417 26.72 -26.95 -11.92
C ALA A 417 25.49 -27.23 -11.05
N THR A 418 24.38 -26.58 -11.39
CA THR A 418 23.08 -26.94 -10.82
C THR A 418 22.60 -28.29 -11.37
N ASP A 419 22.81 -28.54 -12.67
CA ASP A 419 22.54 -29.84 -13.31
C ASP A 419 23.73 -30.43 -14.05
N LEU A 420 24.28 -31.51 -13.51
CA LEU A 420 25.50 -32.16 -14.02
C LEU A 420 25.23 -33.20 -15.12
N SER A 421 23.96 -33.45 -15.39
CA SER A 421 23.55 -34.44 -16.41
C SER A 421 24.39 -34.37 -17.70
N PRO A 422 24.39 -33.22 -18.43
CA PRO A 422 25.09 -33.16 -19.72
C PRO A 422 26.55 -33.57 -19.63
N LEU A 423 27.21 -33.18 -18.53
CA LEU A 423 28.64 -33.47 -18.37
C LEU A 423 28.89 -34.96 -18.10
N VAL A 424 28.12 -35.52 -17.17
CA VAL A 424 28.20 -36.95 -16.82
C VAL A 424 27.79 -37.88 -17.96
N GLU A 425 26.89 -37.41 -18.80
CA GLU A 425 26.47 -38.14 -19.98
C GLU A 425 27.50 -38.13 -21.12
N ASN A 426 28.36 -37.11 -21.18
CA ASN A 426 29.28 -36.93 -22.31
C ASN A 426 30.76 -36.83 -21.98
N THR A 427 31.13 -37.12 -20.73
CA THR A 427 32.56 -37.20 -20.35
C THR A 427 32.79 -38.17 -19.22
N ASP A 428 34.07 -38.45 -18.92
CA ASP A 428 34.44 -39.44 -17.90
C ASP A 428 34.49 -38.88 -16.49
N VAL A 429 33.31 -38.57 -15.95
CA VAL A 429 33.20 -38.08 -14.58
C VAL A 429 33.01 -39.27 -13.67
N LYS A 430 33.79 -39.35 -12.60
CA LYS A 430 33.74 -40.48 -11.67
C LYS A 430 34.00 -40.08 -10.20
N GLU A 431 33.50 -40.89 -9.26
CA GLU A 431 33.66 -40.60 -7.84
C GLU A 431 34.76 -41.43 -7.16
N ILE A 432 36.02 -41.13 -7.47
CA ILE A 432 37.21 -41.75 -6.84
C ILE A 432 37.20 -41.73 -5.29
N LYS A 433 37.90 -42.67 -4.68
CA LYS A 433 38.22 -42.64 -3.25
C LYS A 433 39.73 -42.57 -3.01
N GLU A 434 40.11 -41.77 -2.01
CA GLU A 434 41.51 -41.61 -1.63
C GLU A 434 41.65 -41.80 -0.12
N VAL A 435 42.69 -42.52 0.27
CA VAL A 435 42.94 -42.72 1.70
C VAL A 435 44.08 -41.79 2.14
N VAL A 436 43.86 -41.12 3.26
CA VAL A 436 44.80 -40.14 3.78
C VAL A 436 45.13 -40.42 5.24
N ASN A 437 46.43 -40.39 5.57
CA ASN A 437 46.96 -40.77 6.89
C ASN A 437 46.61 -39.78 8.00
N LYS A 440 45.47 -40.49 12.44
CA LYS A 440 44.31 -41.20 11.89
C LYS A 440 44.58 -41.74 10.48
N PRO A 441 43.58 -42.42 9.90
CA PRO A 441 43.44 -42.94 8.54
C PRO A 441 42.02 -42.68 8.04
N VAL A 442 41.87 -41.75 7.09
CA VAL A 442 40.56 -41.29 6.62
C VAL A 442 40.37 -41.59 5.13
N GLU A 443 39.15 -41.93 4.75
CA GLU A 443 38.79 -42.08 3.33
C GLU A 443 37.96 -40.89 2.85
N ILE A 444 38.39 -40.28 1.75
CA ILE A 444 37.69 -39.12 1.17
C ILE A 444 37.22 -39.42 -0.24
N THR A 445 36.03 -38.93 -0.57
CA THR A 445 35.49 -39.06 -1.92
C THR A 445 35.69 -37.76 -2.71
N HIS A 446 36.06 -37.89 -3.97
CA HIS A 446 36.09 -36.75 -4.89
C HIS A 446 35.32 -37.09 -6.13
N LYS A 447 34.65 -36.09 -6.70
CA LYS A 447 34.17 -36.24 -8.06
C LYS A 447 35.19 -35.63 -9.00
N VAL A 448 35.62 -36.42 -9.98
CA VAL A 448 36.68 -36.03 -10.91
C VAL A 448 36.17 -36.18 -12.34
N ALA A 449 36.29 -35.11 -13.12
CA ALA A 449 36.06 -35.18 -14.56
C ALA A 449 37.43 -35.21 -15.23
N GLU A 450 37.75 -36.32 -15.88
CA GLU A 450 39.01 -36.42 -16.61
C GLU A 450 38.79 -36.44 -18.11
N LEU A 451 39.54 -35.61 -18.83
CA LEU A 451 39.45 -35.52 -20.29
C LEU A 451 40.81 -35.34 -21.01
N PRO A 452 41.94 -35.63 -20.31
CA PRO A 452 43.30 -35.14 -20.59
C PRO A 452 43.46 -34.20 -21.79
N ASN A 453 42.59 -33.20 -21.86
CA ASN A 453 42.69 -32.11 -22.81
C ASN A 453 42.54 -30.80 -22.05
N THR A 454 43.60 -30.45 -21.31
CA THR A 454 43.66 -29.19 -20.56
C THR A 454 43.58 -27.98 -21.50
N THR A 455 44.09 -28.17 -22.73
CA THR A 455 44.27 -27.11 -23.72
C THR A 455 43.08 -26.15 -23.84
N GLN A 456 41.97 -26.64 -24.41
CA GLN A 456 40.81 -25.77 -24.69
C GLN A 456 40.17 -25.15 -23.42
N ILE A 457 40.43 -25.75 -22.27
CA ILE A 457 40.03 -25.17 -20.98
C ILE A 457 40.96 -24.01 -20.59
N VAL A 458 42.27 -24.22 -20.73
CA VAL A 458 43.24 -23.16 -20.45
C VAL A 458 43.17 -22.08 -21.54
N SER A 459 43.04 -22.54 -22.79
CA SER A 459 42.94 -21.69 -23.97
C SER A 459 41.77 -20.70 -23.87
N MET A 460 40.63 -21.17 -23.40
CA MET A 460 39.46 -20.34 -23.13
C MET A 460 39.76 -19.22 -22.13
N ILE A 461 40.43 -19.55 -21.04
CA ILE A 461 40.83 -18.56 -20.03
C ILE A 461 41.93 -17.63 -20.55
N ALA A 462 42.91 -18.23 -21.24
CA ALA A 462 44.06 -17.52 -21.80
C ALA A 462 43.67 -16.38 -22.74
N THR A 463 42.68 -16.62 -23.58
CA THR A 463 42.25 -15.63 -24.58
C THR A 463 41.12 -14.72 -24.08
N GLY A 464 40.61 -15.01 -22.89
CA GLY A 464 39.49 -14.27 -22.32
C GLY A 464 38.11 -14.63 -22.87
N GLN A 465 37.98 -15.88 -23.35
CA GLN A 465 36.74 -16.39 -23.91
C GLN A 465 35.65 -16.52 -22.85
N VAL A 466 34.42 -16.28 -23.27
CA VAL A 466 33.23 -16.47 -22.44
C VAL A 466 32.90 -17.97 -22.26
N GLN A 467 33.08 -18.74 -23.33
CA GLN A 467 32.67 -20.16 -23.34
C GLN A 467 33.63 -21.08 -24.09
N THR A 468 33.51 -22.37 -23.79
CA THR A 468 34.21 -23.43 -24.50
C THR A 468 33.27 -24.63 -24.44
N SER A 469 33.64 -25.71 -25.14
CA SER A 469 32.84 -26.93 -25.12
C SER A 469 33.68 -28.18 -25.04
N LEU A 470 33.60 -28.86 -23.91
CA LEU A 470 34.18 -30.18 -23.76
C LEU A 470 33.15 -31.19 -24.28
N ASN A 471 33.48 -31.81 -25.42
CA ASN A 471 32.67 -32.86 -26.06
C ASN A 471 31.18 -32.54 -26.21
N GLY A 472 30.89 -31.36 -26.74
CA GLY A 472 29.50 -30.95 -27.03
C GLY A 472 28.79 -30.24 -25.89
N VAL A 473 29.39 -30.24 -24.70
CA VAL A 473 28.80 -29.62 -23.51
C VAL A 473 29.36 -28.21 -23.32
N VAL A 474 28.48 -27.23 -23.15
CA VAL A 474 28.90 -25.84 -22.97
C VAL A 474 29.32 -25.52 -21.53
N VAL A 475 30.56 -25.06 -21.38
CA VAL A 475 31.12 -24.68 -20.10
C VAL A 475 31.44 -23.19 -20.11
N GLN A 476 30.83 -22.43 -19.19
CA GLN A 476 31.05 -20.99 -19.05
C GLN A 476 32.30 -20.66 -18.21
N ASN A 477 33.08 -19.70 -18.70
CA ASN A 477 34.23 -19.14 -17.98
C ASN A 477 33.74 -18.37 -16.73
N GLY A 478 34.20 -18.81 -15.55
CA GLY A 478 33.78 -18.24 -14.27
C GLY A 478 33.95 -16.75 -14.09
N LEU A 479 34.91 -16.15 -14.79
CA LEU A 479 35.10 -14.70 -14.81
C LEU A 479 33.99 -14.08 -15.63
N ILE A 498 26.60 -24.67 -16.25
CA ILE A 498 27.91 -25.31 -16.00
C ILE A 498 29.08 -24.30 -16.07
N VAL A 499 29.78 -24.13 -14.93
CA VAL A 499 30.79 -23.06 -14.75
C VAL A 499 32.16 -23.64 -14.37
N ILE A 500 33.22 -22.97 -14.83
CA ILE A 500 34.58 -23.40 -14.52
C ILE A 500 35.36 -22.32 -13.75
N THR A 501 36.05 -22.74 -12.69
CA THR A 501 36.85 -21.84 -11.86
C THR A 501 38.27 -22.41 -11.84
N THR A 502 39.25 -21.57 -12.14
CA THR A 502 40.66 -22.01 -12.17
C THR A 502 41.57 -20.95 -11.57
N ARG A 503 42.70 -21.38 -11.00
CA ARG A 503 43.66 -20.45 -10.40
C ARG A 503 44.20 -19.40 -11.35
N ARG A 504 44.22 -19.71 -12.64
CA ARG A 504 44.69 -18.79 -13.65
C ARG A 504 43.83 -17.54 -13.68
N GLN A 505 42.53 -17.73 -13.52
CA GLN A 505 41.58 -16.63 -13.56
C GLN A 505 41.95 -15.51 -12.60
N TYR A 506 42.65 -15.85 -11.53
CA TYR A 506 42.95 -14.88 -10.48
C TYR A 506 44.44 -14.68 -10.24
N MET A 507 45.25 -15.24 -11.14
CA MET A 507 46.70 -15.06 -11.13
C MET A 507 47.37 -15.80 -9.98
N LEU A 508 46.75 -16.88 -9.51
CA LEU A 508 47.33 -17.66 -8.44
C LEU A 508 48.15 -18.79 -9.04
N PRO A 509 49.38 -18.98 -8.55
CA PRO A 509 50.19 -20.11 -9.04
C PRO A 509 49.47 -21.42 -8.75
N ASP A 510 49.59 -22.37 -9.67
CA ASP A 510 48.93 -23.67 -9.56
C ASP A 510 49.46 -24.52 -8.42
N ASP A 511 50.75 -24.40 -8.14
CA ASP A 511 51.40 -25.21 -7.09
C ASP A 511 51.49 -24.44 -5.77
N ALA A 512 50.98 -23.22 -5.76
CA ALA A 512 50.99 -22.40 -4.55
C ALA A 512 50.10 -22.96 -3.45
N VAL A 513 50.52 -22.81 -2.20
CA VAL A 513 49.57 -22.95 -1.12
C VAL A 513 48.99 -21.56 -0.89
N VAL A 514 47.68 -21.45 -1.11
CA VAL A 514 46.96 -20.18 -1.08
C VAL A 514 46.23 -19.97 0.24
N TYR A 515 46.71 -18.99 0.99
CA TYR A 515 46.05 -18.52 2.18
C TYR A 515 45.21 -17.37 1.69
N CYS A 516 43.97 -17.27 2.14
CA CYS A 516 43.13 -16.17 1.69
C CYS A 516 42.43 -15.43 2.84
N ASN A 517 42.08 -14.17 2.58
CA ASN A 517 41.13 -13.43 3.35
C ASN A 517 40.42 -12.53 2.40
N PHE A 518 39.11 -12.48 2.47
CA PHE A 518 38.30 -11.74 1.52
C PHE A 518 37.48 -10.65 2.21
N ASN A 519 37.99 -10.13 3.32
CA ASN A 519 37.29 -9.05 4.03
C ASN A 519 37.68 -7.68 3.48
N GLN A 520 36.84 -6.70 3.76
CA GLN A 520 37.24 -5.32 3.64
C GLN A 520 38.55 -5.15 4.40
N LEU A 521 39.48 -4.42 3.79
CA LEU A 521 40.84 -4.32 4.33
C LEU A 521 40.92 -3.65 5.69
N TYR A 522 39.90 -2.89 6.06
CA TYR A 522 39.90 -2.17 7.34
C TYR A 522 40.02 -3.11 8.53
N MET A 523 39.63 -4.36 8.33
CA MET A 523 39.72 -5.36 9.36
C MET A 523 41.15 -5.79 9.72
N ILE A 524 42.12 -5.45 8.86
CA ILE A 524 43.51 -5.80 9.07
C ILE A 524 44.25 -4.72 9.85
N ASP A 525 44.93 -5.12 10.92
CA ASP A 525 45.86 -4.23 11.62
C ASP A 525 47.33 -4.73 11.49
N PRO A 526 48.31 -3.90 11.94
CA PRO A 526 49.72 -4.33 11.78
C PRO A 526 50.06 -5.68 12.41
N GLN A 527 49.59 -5.94 13.62
CA GLN A 527 49.79 -7.24 14.26
C GLN A 527 49.25 -8.40 13.42
N THR A 528 48.08 -8.22 12.81
CA THR A 528 47.55 -9.23 11.91
C THR A 528 48.50 -9.45 10.76
N LEU A 529 48.85 -8.39 10.06
CA LEU A 529 49.70 -8.53 8.88
C LEU A 529 51.06 -9.18 9.19
N GLU A 530 51.60 -8.87 10.38
CA GLU A 530 52.89 -9.41 10.81
C GLU A 530 52.81 -10.92 10.95
N SER A 531 51.75 -11.39 11.59
CA SER A 531 51.46 -12.82 11.66
C SER A 531 51.36 -13.48 10.31
N TRP A 532 50.71 -12.81 9.35
CA TRP A 532 50.54 -13.38 8.01
C TRP A 532 51.86 -13.48 7.28
N VAL A 533 52.70 -12.47 7.44
CA VAL A 533 54.04 -12.54 6.84
C VAL A 533 54.85 -13.60 7.57
N GLU A 534 54.59 -13.74 8.86
CA GLU A 534 55.22 -14.78 9.64
C GLU A 534 54.89 -16.16 9.06
N ILE A 535 53.62 -16.42 8.74
CA ILE A 535 53.28 -17.73 8.19
C ILE A 535 53.84 -17.89 6.77
N LEU A 536 53.84 -16.82 5.98
CA LEU A 536 54.36 -16.88 4.63
C LEU A 536 55.87 -17.20 4.59
N LYS A 537 56.59 -16.72 5.58
CA LYS A 537 58.03 -16.96 5.68
C LYS A 537 58.36 -18.42 5.99
N ASN A 538 57.42 -19.12 6.62
CA ASN A 538 57.61 -20.49 7.07
C ASN A 538 56.86 -21.50 6.26
N VAL A 539 56.28 -21.10 5.13
CA VAL A 539 55.48 -22.04 4.34
C VAL A 539 55.96 -21.96 2.90
N PRO A 540 56.60 -23.04 2.42
CA PRO A 540 57.45 -23.01 1.21
C PRO A 540 56.89 -22.32 -0.03
N LYS A 541 55.73 -22.73 -0.54
CA LYS A 541 55.27 -22.10 -1.79
C LYS A 541 54.01 -21.26 -1.58
N SER A 542 53.98 -20.56 -0.45
CA SER A 542 52.76 -19.93 0.02
C SER A 542 52.57 -18.55 -0.53
N VAL A 543 51.30 -18.22 -0.70
CA VAL A 543 50.86 -16.96 -1.26
C VAL A 543 49.68 -16.42 -0.44
N LEU A 544 49.52 -15.11 -0.41
CA LEU A 544 48.39 -14.53 0.30
C LEU A 544 47.45 -13.90 -0.69
N TRP A 545 46.18 -14.29 -0.63
CA TRP A 545 45.17 -13.81 -1.57
C TRP A 545 44.24 -12.86 -0.88
N LEU A 546 44.25 -11.59 -1.30
CA LEU A 546 43.36 -10.60 -0.71
C LEU A 546 42.56 -9.85 -1.80
N LEU A 547 41.68 -8.93 -1.39
CA LEU A 547 40.84 -8.18 -2.33
C LEU A 547 41.03 -6.68 -2.31
N ARG A 548 40.96 -6.06 -3.48
CA ARG A 548 41.00 -4.60 -3.60
C ARG A 548 39.70 -4.04 -3.02
N PHE A 549 39.72 -3.80 -1.72
CA PHE A 549 38.52 -3.54 -0.97
C PHE A 549 38.86 -2.56 0.16
N PRO A 550 39.20 -1.32 -0.18
CA PRO A 550 39.26 -0.76 -1.54
C PRO A 550 40.64 -0.84 -2.23
N ALA A 551 40.62 -0.69 -3.54
CA ALA A 551 41.84 -0.61 -4.39
C ALA A 551 43.02 0.16 -3.79
N VAL A 552 42.76 1.36 -3.28
CA VAL A 552 43.83 2.21 -2.76
C VAL A 552 44.58 1.64 -1.55
N GLY A 553 44.09 0.55 -0.99
CA GLY A 553 44.77 -0.09 0.14
C GLY A 553 45.84 -1.03 -0.33
N GLU A 554 45.69 -1.53 -1.55
CA GLU A 554 46.63 -2.47 -2.12
C GLU A 554 48.09 -2.02 -1.96
N GLN A 555 48.38 -0.77 -2.34
CA GLN A 555 49.74 -0.22 -2.26
C GLN A 555 50.32 -0.25 -0.86
N ASN A 556 49.55 0.22 0.12
CA ASN A 556 50.01 0.23 1.52
C ASN A 556 50.37 -1.15 2.06
N ILE A 557 49.55 -2.13 1.70
CA ILE A 557 49.77 -3.51 2.10
C ILE A 557 51.03 -4.07 1.46
N LYS A 558 51.24 -3.80 0.16
CA LYS A 558 52.50 -4.18 -0.51
C LYS A 558 53.69 -3.58 0.23
N LYS A 559 53.67 -2.27 0.42
CA LYS A 559 54.78 -1.59 1.08
C LYS A 559 55.12 -2.21 2.44
N THR A 560 54.11 -2.52 3.25
CA THR A 560 54.34 -3.02 4.60
C THR A 560 54.86 -4.46 4.54
N VAL A 561 54.35 -5.21 3.58
CA VAL A 561 54.76 -6.58 3.39
C VAL A 561 56.25 -6.57 3.05
N SER A 562 56.61 -5.72 2.10
CA SER A 562 58.00 -5.50 1.71
C SER A 562 58.87 -5.18 2.95
N ASP A 563 58.43 -4.19 3.73
CA ASP A 563 59.10 -3.80 4.98
C ASP A 563 59.28 -4.94 5.96
N PHE A 564 58.38 -5.92 5.96
CA PHE A 564 58.46 -7.07 6.87
C PHE A 564 59.37 -8.19 6.35
N GLY A 565 59.90 -8.03 5.13
CA GLY A 565 60.92 -8.94 4.59
C GLY A 565 60.38 -10.06 3.72
N ILE A 566 59.37 -9.75 2.93
CA ILE A 566 58.77 -10.74 2.06
C ILE A 566 58.49 -10.02 0.75
N SER A 567 58.66 -10.72 -0.37
CA SER A 567 58.37 -10.16 -1.66
C SER A 567 56.89 -9.76 -1.78
N PRO A 568 56.61 -8.51 -2.22
CA PRO A 568 55.24 -8.05 -2.46
C PRO A 568 54.45 -8.88 -3.46
N ASP A 569 55.14 -9.57 -4.37
CA ASP A 569 54.49 -10.38 -5.39
C ASP A 569 53.75 -11.57 -4.80
N ARG A 570 54.14 -11.97 -3.60
CA ARG A 570 53.50 -13.10 -2.93
C ARG A 570 52.15 -12.73 -2.27
N VAL A 571 51.73 -11.48 -2.38
CA VAL A 571 50.39 -11.07 -1.97
C VAL A 571 49.61 -10.66 -3.22
N ILE A 572 48.69 -11.52 -3.64
CA ILE A 572 47.93 -11.33 -4.86
C ILE A 572 46.57 -10.74 -4.51
N PHE A 573 46.18 -9.69 -5.25
CA PHE A 573 44.91 -9.02 -5.02
C PHE A 573 43.99 -9.29 -6.20
N SER A 574 42.71 -9.59 -5.93
CA SER A 574 41.70 -9.65 -6.98
C SER A 574 40.66 -8.58 -6.74
N ASN A 575 39.87 -8.30 -7.76
CA ASN A 575 38.78 -7.35 -7.64
C ASN A 575 37.63 -7.92 -6.86
N VAL A 576 36.97 -7.05 -6.08
CA VAL A 576 35.67 -7.30 -5.52
C VAL A 576 34.76 -7.82 -6.65
N ALA A 577 34.14 -8.97 -6.43
CA ALA A 577 33.34 -9.63 -7.44
C ALA A 577 31.88 -9.63 -7.03
N ALA A 578 31.00 -10.01 -7.94
CA ALA A 578 29.60 -10.23 -7.60
C ALA A 578 29.48 -11.40 -6.63
N LYS A 579 28.44 -11.37 -5.80
CA LYS A 579 28.24 -12.36 -4.75
C LYS A 579 28.55 -13.81 -5.18
N GLU A 580 27.95 -14.26 -6.29
CA GLU A 580 28.16 -15.63 -6.79
C GLU A 580 29.63 -15.97 -7.08
N GLU A 581 30.30 -15.13 -7.89
CA GLU A 581 31.70 -15.33 -8.25
C GLU A 581 32.57 -15.40 -6.99
N HIS A 582 32.24 -14.56 -6.03
CA HIS A 582 32.98 -14.45 -4.78
C HIS A 582 32.99 -15.76 -4.04
N VAL A 583 31.80 -16.28 -3.73
CA VAL A 583 31.68 -17.54 -2.99
C VAL A 583 32.33 -18.68 -3.80
N ARG A 584 32.11 -18.70 -5.10
CA ARG A 584 32.68 -19.69 -5.98
C ARG A 584 34.23 -19.68 -6.02
N ARG A 585 34.84 -18.50 -6.06
CA ARG A 585 36.31 -18.32 -6.01
C ARG A 585 36.97 -19.06 -4.86
N GLY A 586 36.32 -19.01 -3.70
CA GLY A 586 36.90 -19.48 -2.43
C GLY A 586 37.34 -20.92 -2.52
N GLN A 587 36.69 -21.67 -3.39
CA GLN A 587 37.06 -23.04 -3.69
C GLN A 587 38.52 -23.19 -4.10
N LEU A 588 39.14 -22.12 -4.58
CA LEU A 588 40.54 -22.18 -5.02
C LEU A 588 41.53 -21.96 -3.89
N ALA A 589 41.05 -21.59 -2.70
CA ALA A 589 41.95 -21.35 -1.60
C ALA A 589 42.27 -22.67 -0.93
N ASP A 590 43.43 -22.77 -0.28
CA ASP A 590 43.74 -23.95 0.52
C ASP A 590 43.24 -23.74 1.95
N ILE A 591 43.54 -22.56 2.48
CA ILE A 591 43.30 -22.19 3.88
C ILE A 591 42.88 -20.74 3.90
N CYS A 592 41.92 -20.41 4.73
CA CYS A 592 41.50 -19.03 4.90
C CYS A 592 41.96 -18.54 6.27
N LEU A 593 42.42 -17.29 6.32
CA LEU A 593 42.89 -16.70 7.58
C LEU A 593 41.98 -15.57 8.02
N ASP A 594 41.42 -15.71 9.21
CA ASP A 594 40.53 -14.71 9.75
C ASP A 594 41.30 -13.55 10.34
N THR A 595 40.63 -12.40 10.44
CA THR A 595 41.21 -11.19 11.02
C THR A 595 40.76 -11.11 12.48
N PRO A 596 41.69 -11.28 13.44
CA PRO A 596 41.32 -11.27 14.88
C PRO A 596 40.87 -9.92 15.43
N LEU A 597 41.23 -8.83 14.78
CA LEU A 597 40.74 -7.52 15.15
C LEU A 597 39.22 -7.47 15.06
N CYS A 598 38.70 -7.81 13.89
CA CYS A 598 37.27 -7.90 13.68
C CYS A 598 37.10 -8.99 12.64
N ASN A 599 36.44 -10.07 13.03
CA ASN A 599 36.32 -11.23 12.18
C ASN A 599 35.50 -10.88 10.97
N GLY A 600 35.58 -11.71 9.93
CA GLY A 600 34.75 -11.54 8.74
C GLY A 600 33.49 -12.33 8.92
N HIS A 601 32.42 -11.67 9.39
CA HIS A 601 31.20 -12.37 9.77
C HIS A 601 30.56 -13.08 8.61
N THR A 602 30.41 -12.39 7.48
CA THR A 602 29.71 -13.03 6.37
C THR A 602 30.68 -13.78 5.46
N THR A 603 31.83 -13.18 5.16
CA THR A 603 32.70 -13.78 4.16
C THR A 603 33.21 -15.11 4.69
N SER A 604 33.38 -15.18 6.00
CA SER A 604 33.79 -16.42 6.64
C SER A 604 32.72 -17.52 6.50
N MET A 605 31.42 -17.16 6.54
CA MET A 605 30.33 -18.07 6.15
C MET A 605 30.50 -18.47 4.70
N ASP A 606 30.73 -17.50 3.82
CA ASP A 606 30.93 -17.78 2.39
C ASP A 606 32.01 -18.87 2.18
N VAL A 607 33.14 -18.70 2.85
CA VAL A 607 34.29 -19.59 2.69
C VAL A 607 34.01 -20.98 3.28
N LEU A 608 33.44 -21.03 4.48
CA LEU A 608 33.06 -22.32 5.07
C LEU A 608 32.11 -23.12 4.15
N TRP A 609 31.21 -22.42 3.47
CA TRP A 609 30.25 -23.06 2.61
C TRP A 609 30.93 -23.91 1.56
N THR A 610 32.12 -23.50 1.12
CA THR A 610 32.86 -24.29 0.13
C THR A 610 33.81 -25.30 0.79
N GLY A 611 33.71 -25.43 2.10
CA GLY A 611 34.51 -26.38 2.85
C GLY A 611 35.96 -25.96 2.95
N THR A 612 36.22 -24.67 2.88
CA THR A 612 37.60 -24.18 3.06
C THR A 612 37.80 -23.85 4.54
N PRO A 613 38.76 -24.50 5.19
CA PRO A 613 38.99 -24.21 6.62
C PRO A 613 39.31 -22.73 6.83
N VAL A 614 38.81 -22.16 7.93
CA VAL A 614 39.25 -20.82 8.33
C VAL A 614 39.86 -20.91 9.73
N VAL A 615 41.05 -20.33 9.89
CA VAL A 615 41.71 -20.35 11.20
C VAL A 615 41.59 -18.99 11.86
N THR A 616 41.12 -18.98 13.10
CA THR A 616 40.82 -17.75 13.77
C THR A 616 41.47 -17.68 15.15
N LEU A 617 41.56 -16.47 15.69
CA LEU A 617 42.01 -16.24 17.05
C LEU A 617 41.02 -15.26 17.72
N PRO A 618 40.13 -15.77 18.60
CA PRO A 618 39.08 -14.92 19.17
C PRO A 618 39.64 -13.97 20.20
N GLY A 619 39.07 -12.78 20.30
CA GLY A 619 39.42 -11.86 21.36
C GLY A 619 38.31 -11.71 22.37
N GLU A 620 38.05 -10.47 22.77
CA GLU A 620 37.07 -10.21 23.81
C GLU A 620 35.76 -9.58 23.30
N THR A 621 35.85 -8.64 22.37
CA THR A 621 34.63 -8.08 21.73
C THR A 621 33.83 -9.12 20.93
N LEU A 622 32.51 -8.96 20.85
CA LEU A 622 31.66 -9.88 20.07
C LEU A 622 32.18 -10.07 18.65
N ALA A 623 32.57 -8.98 18.00
CA ALA A 623 33.02 -9.01 16.62
C ALA A 623 34.34 -9.76 16.46
N SER A 624 35.06 -9.96 17.56
CA SER A 624 36.31 -10.73 17.59
C SER A 624 36.09 -12.22 17.65
N ARG A 625 34.89 -12.62 18.05
CA ARG A 625 34.63 -13.99 18.44
C ARG A 625 33.67 -14.74 17.50
N VAL A 626 33.21 -14.09 16.43
CA VAL A 626 32.18 -14.69 15.57
C VAL A 626 32.66 -15.95 14.85
N ALA A 627 33.83 -15.91 14.24
CA ALA A 627 34.35 -17.11 13.57
C ALA A 627 34.50 -18.30 14.53
N ALA A 628 34.99 -18.05 15.74
CA ALA A 628 35.10 -19.12 16.74
C ALA A 628 33.76 -19.79 16.96
N SER A 629 32.73 -18.97 17.08
CA SER A 629 31.37 -19.43 17.24
C SER A 629 30.93 -20.28 16.05
N GLN A 630 31.27 -19.84 14.86
CA GLN A 630 30.89 -20.58 13.66
C GLN A 630 31.60 -21.94 13.64
N LEU A 631 32.92 -21.91 13.80
CA LEU A 631 33.70 -23.15 13.86
C LEU A 631 33.28 -24.12 14.98
N ALA A 632 32.88 -23.59 16.13
CA ALA A 632 32.46 -24.44 17.24
C ALA A 632 31.21 -25.21 16.84
N THR A 633 30.30 -24.53 16.13
CA THR A 633 29.06 -25.12 15.66
C THR A 633 29.37 -26.15 14.58
N LEU A 634 30.42 -25.87 13.82
CA LEU A 634 30.86 -26.77 12.77
C LEU A 634 31.58 -28.00 13.33
N GLY A 635 31.98 -27.93 14.60
CA GLY A 635 32.63 -29.05 15.27
C GLY A 635 34.09 -29.14 14.90
N CYS A 636 34.75 -27.97 14.81
CA CYS A 636 36.16 -27.87 14.44
C CYS A 636 36.92 -26.94 15.36
N PRO A 637 36.91 -27.22 16.65
CA PRO A 637 37.63 -26.34 17.57
C PRO A 637 39.14 -26.27 17.31
N GLU A 638 39.69 -27.30 16.64
CA GLU A 638 41.13 -27.34 16.34
C GLU A 638 41.57 -26.17 15.48
N LEU A 639 40.61 -25.47 14.87
CA LEU A 639 40.93 -24.28 14.09
C LEU A 639 40.84 -22.97 14.85
N ILE A 640 40.55 -23.06 16.16
CA ILE A 640 40.42 -21.88 17.01
C ILE A 640 41.68 -21.75 17.85
N ALA A 641 42.54 -20.80 17.51
CA ALA A 641 43.78 -20.59 18.27
C ALA A 641 43.51 -19.94 19.66
N ARG A 642 44.53 -19.94 20.51
CA ARG A 642 44.41 -19.31 21.83
C ARG A 642 45.41 -18.19 22.00
N THR A 643 46.45 -18.18 21.16
CA THR A 643 47.47 -17.11 21.14
C THR A 643 47.86 -16.82 19.68
N ARG A 644 48.60 -15.72 19.47
CA ARG A 644 49.18 -15.42 18.16
C ARG A 644 50.08 -16.54 17.69
N GLU A 645 50.84 -17.09 18.64
CA GLU A 645 51.74 -18.17 18.34
C GLU A 645 50.96 -19.38 17.80
N GLU A 646 49.89 -19.75 18.49
CA GLU A 646 49.08 -20.89 18.08
C GLU A 646 48.38 -20.63 16.73
N TYR A 647 47.90 -19.40 16.56
CA TYR A 647 47.30 -18.98 15.30
C TYR A 647 48.26 -19.27 14.15
N GLN A 648 49.47 -18.72 14.25
CA GLN A 648 50.51 -18.94 13.24
C GLN A 648 50.86 -20.42 13.07
N ASN A 649 51.03 -21.13 14.17
CA ASN A 649 51.37 -22.56 14.10
C ASN A 649 50.30 -23.41 13.44
N ILE A 650 49.03 -23.18 13.79
CA ILE A 650 47.93 -23.87 13.11
C ILE A 650 47.95 -23.62 11.61
N ALA A 651 48.22 -22.39 11.21
CA ALA A 651 48.23 -22.05 9.79
C ALA A 651 49.44 -22.63 9.06
N ILE A 652 50.59 -22.63 9.75
CA ILE A 652 51.84 -23.22 9.20
C ILE A 652 51.77 -24.75 9.06
N ARG A 653 51.24 -25.43 10.08
CA ARG A 653 51.02 -26.87 10.03
C ARG A 653 50.12 -27.23 8.83
N LEU A 654 49.07 -26.47 8.62
CA LEU A 654 48.12 -26.76 7.54
C LEU A 654 48.68 -26.57 6.13
N GLY A 655 49.70 -25.73 5.98
CA GLY A 655 50.31 -25.49 4.66
C GLY A 655 51.50 -26.40 4.45
N THR A 656 51.79 -27.20 5.45
CA THR A 656 53.07 -27.93 5.54
C THR A 656 52.82 -29.44 5.60
N LYS A 657 51.67 -29.82 6.14
CA LYS A 657 51.29 -31.22 6.20
C LYS A 657 50.11 -31.49 5.26
N LYS A 658 50.45 -31.79 4.01
CA LYS A 658 49.46 -32.08 2.96
C LYS A 658 48.35 -33.01 3.39
N GLU A 659 48.72 -34.10 4.07
CA GLU A 659 47.74 -35.10 4.52
C GLU A 659 46.80 -34.58 5.61
N TYR A 660 47.34 -33.79 6.54
CA TYR A 660 46.53 -33.22 7.59
C TYR A 660 45.56 -32.18 7.01
N LEU A 661 46.04 -31.35 6.08
CA LEU A 661 45.17 -30.41 5.36
C LEU A 661 44.04 -31.11 4.62
N LYS A 662 44.36 -32.16 3.88
CA LYS A 662 43.34 -32.96 3.19
C LYS A 662 42.26 -33.50 4.14
N ALA A 663 42.67 -34.03 5.28
CA ALA A 663 41.74 -34.59 6.26
C ALA A 663 40.83 -33.53 6.86
N LEU A 664 41.38 -32.36 7.15
CA LEU A 664 40.59 -31.29 7.73
C LEU A 664 39.61 -30.65 6.76
N ARG A 665 40.01 -30.43 5.50
CA ARG A 665 39.06 -29.95 4.47
C ARG A 665 37.88 -30.89 4.25
N ALA A 666 38.13 -32.19 4.40
CA ALA A 666 37.09 -33.22 4.26
C ALA A 666 36.16 -33.15 5.45
N LYS A 667 36.73 -32.97 6.64
CA LYS A 667 35.94 -32.84 7.85
C LYS A 667 35.04 -31.60 7.78
N VAL A 668 35.61 -30.48 7.34
CA VAL A 668 34.88 -29.23 7.18
C VAL A 668 33.77 -29.39 6.14
N TRP A 669 34.08 -30.08 5.04
CA TRP A 669 33.08 -30.34 4.03
C TRP A 669 31.94 -31.18 4.56
N LYS A 670 32.27 -32.25 5.30
CA LYS A 670 31.27 -33.11 5.90
C LYS A 670 30.38 -32.32 6.87
N ALA A 671 31.02 -31.53 7.73
CA ALA A 671 30.33 -30.79 8.78
C ALA A 671 29.36 -29.75 8.22
N ARG A 672 29.70 -29.19 7.06
CA ARG A 672 28.88 -28.15 6.46
C ARG A 672 27.47 -28.62 6.13
N VAL A 673 27.30 -29.89 5.76
CA VAL A 673 25.93 -30.41 5.55
C VAL A 673 25.33 -31.11 6.77
N GLU A 674 26.16 -31.72 7.60
CA GLU A 674 25.69 -32.41 8.80
C GLU A 674 25.35 -31.52 9.98
N SER A 675 25.98 -30.35 10.08
CA SER A 675 25.90 -29.54 11.30
C SER A 675 24.80 -28.48 11.23
N PRO A 676 24.48 -27.79 12.36
CA PRO A 676 23.39 -26.80 12.29
C PRO A 676 23.77 -25.48 11.61
N LEU A 677 25.07 -25.22 11.44
CA LEU A 677 25.53 -23.93 10.91
C LEU A 677 24.74 -23.35 9.75
N PHE A 678 24.43 -24.16 8.74
CA PHE A 678 23.66 -23.72 7.59
C PHE A 678 22.22 -24.21 7.61
N ASP A 679 21.76 -24.75 8.74
CA ASP A 679 20.40 -25.28 8.86
C ASP A 679 19.44 -24.18 9.28
N CYS A 680 18.76 -23.56 8.31
CA CYS A 680 17.87 -22.45 8.63
C CYS A 680 16.64 -22.81 9.47
N SER A 681 16.15 -24.05 9.37
CA SER A 681 15.02 -24.49 10.20
C SER A 681 15.33 -24.74 11.67
N GLN A 682 16.50 -25.31 11.94
CA GLN A 682 16.98 -25.39 13.32
C GLN A 682 17.04 -23.99 13.94
N TYR A 683 17.52 -23.05 13.15
CA TYR A 683 17.70 -21.69 13.60
C TYR A 683 16.34 -21.08 13.98
N ALA A 684 15.34 -21.19 13.09
CA ALA A 684 13.98 -20.72 13.43
C ALA A 684 13.46 -21.32 14.73
N LYS A 685 13.63 -22.62 14.91
CA LYS A 685 13.20 -23.24 16.15
C LYS A 685 13.84 -22.55 17.34
N GLY A 686 15.15 -22.33 17.27
CA GLY A 686 15.92 -21.72 18.36
C GLY A 686 15.42 -20.33 18.71
N LEU A 687 15.13 -19.54 17.69
CA LEU A 687 14.60 -18.22 17.89
C LEU A 687 13.29 -18.32 18.65
N GLU A 688 12.41 -19.23 18.21
CA GLU A 688 11.11 -19.47 18.85
C GLU A 688 11.25 -19.76 20.35
N LYS A 689 12.08 -20.74 20.73
CA LYS A 689 12.30 -21.06 22.14
C LYS A 689 12.72 -19.84 22.92
N LEU A 690 13.64 -19.07 22.33
CA LEU A 690 14.15 -17.86 22.98
C LEU A 690 13.00 -16.86 23.19
N PHE A 691 12.19 -16.63 22.14
CA PHE A 691 11.05 -15.72 22.22
C PHE A 691 10.03 -16.17 23.26
N LEU A 692 9.77 -17.47 23.32
CA LEU A 692 8.85 -18.04 24.31
C LEU A 692 9.32 -17.77 25.71
N ARG A 693 10.61 -18.03 25.92
CA ARG A 693 11.26 -17.81 27.20
C ARG A 693 11.17 -16.34 27.60
N MET A 694 11.38 -15.42 26.65
CA MET A 694 11.27 -13.98 26.91
C MET A 694 9.87 -13.63 27.36
N TRP A 695 8.88 -14.16 26.65
CA TRP A 695 7.49 -13.97 27.04
C TRP A 695 7.14 -14.54 28.40
N GLU A 696 7.55 -15.78 28.66
CA GLU A 696 7.28 -16.41 29.96
C GLU A 696 7.68 -15.48 31.09
N LYS A 697 8.90 -14.90 30.99
CA LYS A 697 9.42 -14.04 32.04
C LYS A 697 8.58 -12.80 32.21
N TYR A 698 8.10 -12.30 31.07
CA TYR A 698 7.27 -11.12 31.07
C TYR A 698 5.90 -11.40 31.66
N GLU A 699 5.36 -12.56 31.35
CA GLU A 699 4.03 -12.96 31.82
C GLU A 699 4.01 -13.06 33.32
N ASN A 700 5.06 -13.63 33.91
CA ASN A 700 5.32 -13.53 35.35
C ASN A 700 5.87 -12.13 35.61
N GLY A 701 6.13 -11.78 36.86
CA GLY A 701 6.57 -10.42 37.11
C GLY A 701 8.05 -10.19 36.86
N GLU A 702 8.65 -10.99 35.99
CA GLU A 702 10.11 -11.10 35.95
C GLU A 702 10.80 -10.02 35.11
N LEU A 703 11.81 -9.38 35.70
CA LEU A 703 12.70 -8.49 34.97
C LEU A 703 13.56 -9.33 34.02
N PRO A 704 14.03 -8.73 32.89
CA PRO A 704 14.89 -9.50 31.99
C PRO A 704 16.16 -9.99 32.71
N ASP A 705 16.54 -11.22 32.39
CA ASP A 705 17.74 -11.84 32.93
C ASP A 705 18.25 -12.72 31.81
N HIS A 706 19.47 -13.27 31.93
CA HIS A 706 20.03 -14.08 30.85
C HIS A 706 19.23 -15.33 30.68
N ILE A 707 19.01 -15.74 29.43
CA ILE A 707 18.26 -16.94 29.12
C ILE A 707 19.00 -17.77 28.06
N SER A 708 18.56 -19.00 27.84
CA SER A 708 19.12 -19.85 26.81
C SER A 708 18.03 -20.71 26.21
N ALA A 709 18.21 -21.14 24.97
CA ALA A 709 17.24 -21.98 24.29
C ALA A 709 17.26 -23.45 24.74
N VAL A 710 18.45 -24.09 24.74
CA VAL A 710 18.58 -25.52 25.04
C VAL A 710 18.53 -25.81 26.55
N GLY B 1 6.02 84.10 7.01
CA GLY B 1 5.90 84.63 5.62
C GLY B 1 6.70 83.84 4.60
N PRO B 2 7.30 84.54 3.61
CA PRO B 2 8.19 83.90 2.62
C PRO B 2 9.70 84.15 2.82
N CYS B 3 10.54 83.16 3.13
CA CYS B 3 10.22 81.80 3.65
C CYS B 3 9.43 80.81 2.76
N SER B 4 8.18 81.13 2.45
CA SER B 4 7.45 80.43 1.39
C SER B 4 8.08 80.67 0.04
N ASN B 5 8.88 81.73 -0.05
CA ASN B 5 9.72 81.98 -1.21
C ASN B 5 10.96 81.08 -1.24
N HIS B 6 11.52 80.76 -0.08
CA HIS B 6 12.60 79.76 0.02
C HIS B 6 12.11 78.39 -0.41
N ALA B 7 10.91 78.03 0.05
CA ALA B 7 10.26 76.78 -0.33
C ALA B 7 10.07 76.67 -1.84
N ASP B 8 9.70 77.79 -2.48
CA ASP B 8 9.63 77.88 -3.95
C ASP B 8 10.95 77.56 -4.67
N SER B 9 12.07 78.08 -4.16
CA SER B 9 13.39 77.83 -4.75
C SER B 9 13.66 76.33 -4.78
N LEU B 10 13.41 75.69 -3.64
CA LEU B 10 13.66 74.26 -3.46
C LEU B 10 12.73 73.39 -4.31
N ASN B 11 11.45 73.77 -4.35
CA ASN B 11 10.47 73.06 -5.15
C ASN B 11 10.79 73.08 -6.65
N ASN B 12 11.20 74.26 -7.15
CA ASN B 12 11.61 74.39 -8.55
C ASN B 12 12.96 73.71 -8.85
N LEU B 13 13.86 73.75 -7.87
CA LEU B 13 15.14 73.08 -7.97
C LEU B 13 14.88 71.58 -8.05
N ALA B 14 14.05 71.08 -7.15
CA ALA B 14 13.64 69.68 -7.17
C ALA B 14 13.02 69.35 -8.52
N ASN B 15 12.19 70.26 -9.03
CA ASN B 15 11.60 70.15 -10.36
C ASN B 15 12.66 70.01 -11.48
N ILE B 16 13.63 70.94 -11.51
CA ILE B 16 14.79 70.82 -12.40
C ILE B 16 15.49 69.45 -12.26
N LYS B 17 15.76 69.02 -11.03
CA LYS B 17 16.43 67.74 -10.82
C LYS B 17 15.60 66.55 -11.30
N ARG B 18 14.28 66.69 -11.21
CA ARG B 18 13.37 65.66 -11.71
C ARG B 18 13.33 65.57 -13.23
N GLU B 19 13.37 66.72 -13.91
CA GLU B 19 13.44 66.76 -15.39
C GLU B 19 14.69 66.05 -15.91
N GLN B 20 15.82 66.23 -15.21
CA GLN B 20 17.09 65.63 -15.64
C GLN B 20 17.20 64.14 -15.32
N GLY B 21 16.23 63.62 -14.58
CA GLY B 21 16.19 62.20 -14.21
C GLY B 21 16.91 61.85 -12.91
N TYR B 22 17.18 62.86 -12.09
CA TYR B 22 17.79 62.63 -10.77
C TYR B 22 16.69 62.50 -9.71
N ILE B 23 16.11 61.31 -9.65
CA ILE B 23 14.92 61.05 -8.83
C ILE B 23 15.19 61.15 -7.31
N GLU B 24 16.33 60.60 -6.85
CA GLU B 24 16.72 60.67 -5.43
C GLU B 24 16.91 62.10 -4.93
N GLU B 25 17.67 62.90 -5.69
CA GLU B 25 17.91 64.32 -5.42
C GLU B 25 16.60 65.09 -5.30
N ALA B 26 15.72 64.95 -6.30
CA ALA B 26 14.39 65.59 -6.30
C ALA B 26 13.59 65.26 -5.04
N THR B 27 13.50 63.97 -4.71
CA THR B 27 12.83 63.53 -3.48
C THR B 27 13.36 64.32 -2.27
N ARG B 28 14.68 64.34 -2.11
CA ARG B 28 15.32 65.02 -0.98
C ARG B 28 14.99 66.51 -1.00
N LEU B 29 15.03 67.14 -2.17
CA LEU B 29 14.71 68.56 -2.31
C LEU B 29 13.24 68.90 -2.05
N TYR B 30 12.32 68.04 -2.49
CA TYR B 30 10.88 68.18 -2.12
C TYR B 30 10.67 68.05 -0.61
N LEU B 31 11.40 67.12 0.02
CA LEU B 31 11.36 66.96 1.47
C LEU B 31 11.88 68.21 2.16
N LYS B 32 13.00 68.73 1.66
CA LYS B 32 13.61 69.94 2.19
C LYS B 32 12.64 71.13 2.08
N ALA B 33 11.91 71.21 0.97
CA ALA B 33 10.89 72.25 0.77
C ALA B 33 9.72 72.18 1.76
N LEU B 34 9.38 70.96 2.20
CA LEU B 34 8.28 70.75 3.15
C LEU B 34 8.69 70.91 4.61
N GLU B 35 9.95 70.61 4.91
CA GLU B 35 10.53 70.95 6.20
C GLU B 35 10.51 72.47 6.40
N VAL B 36 10.69 73.22 5.33
CA VAL B 36 10.74 74.69 5.36
C VAL B 36 9.35 75.33 5.38
N PHE B 37 8.40 74.76 4.65
CA PHE B 37 7.03 75.28 4.62
C PHE B 37 6.09 74.10 4.40
N PRO B 38 5.59 73.50 5.50
CA PRO B 38 4.76 72.29 5.44
C PRO B 38 3.46 72.42 4.64
N ASP B 39 2.80 73.58 4.71
CA ASP B 39 1.49 73.75 4.04
C ASP B 39 1.58 74.09 2.54
N PHE B 40 2.50 73.41 1.85
CA PHE B 40 2.82 73.66 0.44
C PHE B 40 2.20 72.57 -0.44
N ALA B 41 1.04 72.87 -1.01
CA ALA B 41 0.28 71.90 -1.81
C ALA B 41 1.08 71.33 -2.97
N ALA B 42 1.60 72.21 -3.83
CA ALA B 42 2.37 71.78 -5.01
C ALA B 42 3.49 70.79 -4.66
N ALA B 43 4.15 71.03 -3.54
CA ALA B 43 5.31 70.23 -3.14
C ALA B 43 4.93 68.82 -2.69
N HIS B 44 3.85 68.71 -1.91
CA HIS B 44 3.28 67.41 -1.55
C HIS B 44 2.89 66.58 -2.74
N SER B 45 2.26 67.23 -3.72
CA SER B 45 1.86 66.58 -4.96
C SER B 45 3.06 66.11 -5.77
N ASN B 46 4.11 66.94 -5.86
CA ASN B 46 5.30 66.62 -6.65
C ASN B 46 6.12 65.47 -6.07
N LEU B 47 6.30 65.55 -4.76
CA LEU B 47 6.90 64.48 -4.00
C LEU B 47 6.15 63.16 -4.17
N ALA B 48 4.83 63.24 -4.09
CA ALA B 48 4.01 62.04 -4.23
C ALA B 48 4.20 61.37 -5.59
N SER B 49 4.30 62.16 -6.66
CA SER B 49 4.42 61.58 -8.02
C SER B 49 5.84 61.07 -8.28
N VAL B 50 6.80 61.62 -7.54
CA VAL B 50 8.17 61.11 -7.60
C VAL B 50 8.23 59.80 -6.82
N LEU B 51 7.54 59.76 -5.70
CA LEU B 51 7.40 58.55 -4.88
C LEU B 51 6.66 57.45 -5.62
N GLN B 52 5.66 57.82 -6.43
CA GLN B 52 4.94 56.86 -7.26
C GLN B 52 5.90 56.20 -8.26
N GLN B 53 6.73 57.01 -8.92
CA GLN B 53 7.69 56.52 -9.91
C GLN B 53 8.58 55.43 -9.34
N GLN B 54 9.00 55.64 -8.08
CA GLN B 54 9.96 54.78 -7.42
C GLN B 54 9.36 53.50 -6.82
N GLY B 55 8.04 53.36 -6.95
CA GLY B 55 7.35 52.16 -6.47
C GLY B 55 6.93 52.27 -5.01
N LYS B 56 7.24 53.40 -4.39
CA LYS B 56 6.77 53.71 -3.05
C LYS B 56 5.31 54.21 -3.06
N LEU B 57 4.39 53.30 -3.44
CA LEU B 57 2.97 53.62 -3.60
C LEU B 57 2.28 54.07 -2.31
N LYS B 58 2.66 53.48 -1.18
CA LYS B 58 2.00 53.79 0.08
C LYS B 58 2.35 55.20 0.56
N GLU B 59 3.60 55.60 0.33
CA GLU B 59 4.04 56.95 0.68
C GLU B 59 3.45 58.02 -0.23
N ALA B 60 3.46 57.78 -1.55
CA ALA B 60 2.81 58.66 -2.51
C ALA B 60 1.41 59.02 -2.06
N LEU B 61 0.65 57.98 -1.70
CA LEU B 61 -0.73 58.10 -1.31
C LEU B 61 -0.89 59.03 -0.11
N MET B 62 0.07 58.96 0.82
CA MET B 62 0.07 59.86 1.99
C MET B 62 0.23 61.35 1.61
N HIS B 63 1.10 61.63 0.64
CA HIS B 63 1.37 63.00 0.26
C HIS B 63 0.38 63.61 -0.70
N TYR B 64 -0.28 62.78 -1.51
CA TYR B 64 -1.38 63.30 -2.35
C TYR B 64 -2.51 63.78 -1.46
N LYS B 65 -2.79 63.03 -0.41
CA LYS B 65 -3.81 63.41 0.56
C LYS B 65 -3.47 64.70 1.31
N GLU B 66 -2.21 64.89 1.68
CA GLU B 66 -1.80 66.18 2.21
C GLU B 66 -2.04 67.30 1.21
N ALA B 67 -1.68 67.07 -0.05
CA ALA B 67 -1.91 68.07 -1.09
C ALA B 67 -3.39 68.45 -1.16
N ILE B 68 -4.25 67.43 -1.15
CA ILE B 68 -5.70 67.61 -1.31
C ILE B 68 -6.35 68.24 -0.08
N ARG B 69 -5.83 67.93 1.09
CA ARG B 69 -6.26 68.60 2.32
C ARG B 69 -6.02 70.12 2.26
N ILE B 70 -4.78 70.51 1.93
CA ILE B 70 -4.38 71.92 1.80
C ILE B 70 -5.15 72.62 0.66
N GLN B 71 -5.27 71.95 -0.49
CA GLN B 71 -5.95 72.54 -1.64
C GLN B 71 -7.02 71.57 -2.17
N PRO B 72 -8.24 71.63 -1.59
CA PRO B 72 -9.34 70.74 -1.96
C PRO B 72 -9.75 70.75 -3.44
N THR B 73 -9.42 71.79 -4.19
CA THR B 73 -9.81 71.87 -5.60
C THR B 73 -8.67 71.49 -6.55
N PHE B 74 -7.69 70.78 -6.00
CA PHE B 74 -6.51 70.30 -6.72
C PHE B 74 -6.91 69.06 -7.52
N ALA B 75 -7.65 69.26 -8.61
CA ALA B 75 -8.11 68.17 -9.46
C ALA B 75 -6.98 67.23 -9.91
N ASP B 76 -5.81 67.80 -10.19
CA ASP B 76 -4.67 67.03 -10.68
C ASP B 76 -4.14 66.04 -9.64
N ALA B 77 -4.17 66.44 -8.38
CA ALA B 77 -3.75 65.57 -7.28
C ALA B 77 -4.71 64.41 -7.12
N TYR B 78 -6.02 64.68 -7.19
CA TYR B 78 -7.04 63.63 -7.21
C TYR B 78 -6.80 62.60 -8.32
N SER B 79 -6.42 63.08 -9.50
CA SER B 79 -6.20 62.20 -10.64
C SER B 79 -5.00 61.28 -10.40
N ASN B 80 -3.88 61.85 -9.98
CA ASN B 80 -2.69 61.06 -9.79
C ASN B 80 -2.78 60.10 -8.61
N MET B 81 -3.51 60.52 -7.58
CA MET B 81 -3.84 59.64 -6.46
C MET B 81 -4.67 58.46 -6.94
N GLY B 82 -5.63 58.72 -7.83
CA GLY B 82 -6.40 57.66 -8.48
C GLY B 82 -5.53 56.60 -9.13
N ASN B 83 -4.50 57.03 -9.85
CA ASN B 83 -3.53 56.10 -10.47
C ASN B 83 -2.72 55.29 -9.46
N THR B 84 -2.35 55.90 -8.35
CA THR B 84 -1.64 55.17 -7.29
C THR B 84 -2.56 54.12 -6.62
N LEU B 85 -3.79 54.52 -6.30
CA LEU B 85 -4.80 53.60 -5.81
C LEU B 85 -5.04 52.46 -6.82
N LYS B 86 -4.98 52.79 -8.12
CA LYS B 86 -5.18 51.80 -9.18
C LYS B 86 -4.10 50.72 -9.11
N GLU B 87 -2.85 51.17 -9.09
CA GLU B 87 -1.70 50.29 -9.01
C GLU B 87 -1.68 49.42 -7.74
N LEU B 88 -2.34 49.88 -6.67
CA LEU B 88 -2.42 49.15 -5.40
C LEU B 88 -3.64 48.24 -5.33
N GLN B 89 -4.21 47.90 -6.50
CA GLN B 89 -5.37 47.00 -6.60
C GLN B 89 -6.69 47.58 -6.07
N ASP B 90 -6.68 48.83 -5.61
CA ASP B 90 -7.89 49.46 -5.12
C ASP B 90 -8.64 50.16 -6.26
N VAL B 91 -9.36 49.37 -7.04
CA VAL B 91 -10.16 49.86 -8.15
C VAL B 91 -11.31 50.75 -7.66
N SER B 92 -11.82 50.41 -6.48
CA SER B 92 -12.88 51.15 -5.83
C SER B 92 -12.44 52.59 -5.54
N GLY B 93 -11.30 52.74 -4.87
CA GLY B 93 -10.76 54.06 -4.51
C GLY B 93 -10.37 54.92 -5.70
N ALA B 94 -9.65 54.32 -6.63
CA ALA B 94 -9.27 54.96 -7.90
C ALA B 94 -10.47 55.58 -8.61
N LEU B 95 -11.59 54.86 -8.63
CA LEU B 95 -12.83 55.30 -9.24
C LEU B 95 -13.35 56.61 -8.62
N GLN B 96 -13.25 56.73 -7.30
CA GLN B 96 -13.73 57.91 -6.58
C GLN B 96 -12.87 59.12 -6.86
N CYS B 97 -11.56 58.88 -6.96
CA CYS B 97 -10.60 59.94 -7.20
C CYS B 97 -10.84 60.57 -8.56
N TYR B 98 -10.99 59.71 -9.56
CA TYR B 98 -11.25 60.17 -10.92
C TYR B 98 -12.60 60.89 -10.99
N THR B 99 -13.61 60.34 -10.33
CA THR B 99 -14.94 60.97 -10.21
C THR B 99 -14.80 62.36 -9.65
N ARG B 100 -14.07 62.47 -8.54
CA ARG B 100 -13.88 63.74 -7.84
C ARG B 100 -13.22 64.76 -8.76
N ALA B 101 -12.22 64.30 -9.52
CA ALA B 101 -11.48 65.14 -10.46
C ALA B 101 -12.41 65.68 -11.51
N ILE B 102 -13.37 64.85 -11.92
CA ILE B 102 -14.33 65.28 -12.95
C ILE B 102 -15.38 66.25 -12.40
N GLN B 103 -15.67 66.12 -11.10
CA GLN B 103 -16.60 67.05 -10.42
C GLN B 103 -15.97 68.40 -10.23
N ILE B 104 -14.67 68.41 -9.88
CA ILE B 104 -13.91 69.64 -9.79
C ILE B 104 -13.79 70.32 -11.15
N ASN B 105 -13.52 69.51 -12.17
CA ASN B 105 -13.31 70.00 -13.52
C ASN B 105 -13.82 69.00 -14.56
N PRO B 106 -15.08 69.17 -15.01
CA PRO B 106 -15.62 68.23 -16.00
C PRO B 106 -14.84 68.25 -17.32
N ALA B 107 -13.98 69.25 -17.51
CA ALA B 107 -13.24 69.40 -18.77
C ALA B 107 -11.81 68.87 -18.64
N PHE B 108 -11.56 68.16 -17.54
CA PHE B 108 -10.26 67.55 -17.28
C PHE B 108 -10.12 66.26 -18.08
N ALA B 109 -9.54 66.39 -19.28
CA ALA B 109 -9.37 65.25 -20.21
C ALA B 109 -8.73 64.00 -19.62
N ASP B 110 -7.66 64.16 -18.85
CA ASP B 110 -6.96 62.99 -18.28
C ASP B 110 -7.80 62.16 -17.34
N ALA B 111 -8.69 62.82 -16.58
CA ALA B 111 -9.51 62.14 -15.59
C ALA B 111 -10.53 61.26 -16.29
N HIS B 112 -11.07 61.78 -17.40
CA HIS B 112 -11.96 60.99 -18.26
C HIS B 112 -11.26 59.79 -18.80
N SER B 113 -10.03 59.98 -19.26
CA SER B 113 -9.23 58.88 -19.78
C SER B 113 -8.86 57.87 -18.69
N ASN B 114 -8.50 58.36 -17.51
CA ASN B 114 -8.22 57.47 -16.38
C ASN B 114 -9.45 56.65 -15.96
N LEU B 115 -10.61 57.28 -15.93
CA LEU B 115 -11.86 56.61 -15.67
C LEU B 115 -12.10 55.51 -16.72
N ALA B 116 -11.88 55.86 -17.99
CA ALA B 116 -12.03 54.94 -19.10
C ALA B 116 -11.14 53.70 -18.94
N SER B 117 -9.95 53.87 -18.35
CA SER B 117 -9.07 52.73 -18.07
C SER B 117 -9.66 51.79 -17.04
N ILE B 118 -10.30 52.32 -16.00
CA ILE B 118 -10.98 51.47 -15.03
C ILE B 118 -12.03 50.63 -15.76
N HIS B 119 -12.92 51.29 -16.52
CA HIS B 119 -13.97 50.58 -17.26
C HIS B 119 -13.43 49.51 -18.14
N LYS B 120 -12.37 49.82 -18.88
CA LYS B 120 -11.71 48.87 -19.76
C LYS B 120 -11.14 47.68 -18.98
N ASP B 121 -10.48 47.95 -17.85
CA ASP B 121 -9.93 46.89 -17.00
C ASP B 121 -11.00 45.95 -16.50
N SER B 122 -12.19 46.48 -16.22
CA SER B 122 -13.28 45.67 -15.68
C SER B 122 -14.15 45.01 -16.75
N GLY B 123 -13.68 44.99 -18.00
CA GLY B 123 -14.43 44.40 -19.10
C GLY B 123 -15.64 45.19 -19.58
N ASN B 124 -15.84 46.38 -19.00
CA ASN B 124 -16.93 47.26 -19.43
C ASN B 124 -16.52 48.16 -20.60
N ILE B 125 -16.49 47.58 -21.80
CA ILE B 125 -15.89 48.24 -22.96
C ILE B 125 -16.74 49.37 -23.56
N PRO B 126 -18.08 49.20 -23.64
CA PRO B 126 -18.86 50.33 -24.16
C PRO B 126 -18.70 51.61 -23.32
N GLU B 127 -18.75 51.48 -22.00
CA GLU B 127 -18.52 52.63 -21.14
C GLU B 127 -17.12 53.22 -21.32
N ALA B 128 -16.09 52.38 -21.27
CA ALA B 128 -14.72 52.80 -21.57
C ALA B 128 -14.59 53.62 -22.86
N ILE B 129 -15.22 53.16 -23.93
CA ILE B 129 -15.19 53.86 -25.21
C ILE B 129 -15.78 55.26 -25.10
N GLN B 130 -16.93 55.40 -24.41
CA GLN B 130 -17.50 56.73 -24.18
C GLN B 130 -16.50 57.69 -23.51
N SER B 131 -15.95 57.25 -22.38
CA SER B 131 -14.98 58.04 -21.66
C SER B 131 -13.73 58.40 -22.45
N TYR B 132 -13.15 57.45 -23.20
CA TYR B 132 -12.04 57.78 -24.09
C TYR B 132 -12.46 58.79 -25.14
N ARG B 133 -13.64 58.60 -25.76
CA ARG B 133 -14.17 59.56 -26.74
C ARG B 133 -14.29 60.94 -26.13
N THR B 134 -14.82 60.99 -24.90
CA THR B 134 -14.91 62.25 -24.17
C THR B 134 -13.56 62.92 -23.98
N ALA B 135 -12.57 62.15 -23.52
CA ALA B 135 -11.23 62.67 -23.30
C ALA B 135 -10.68 63.27 -24.59
N LEU B 136 -10.91 62.61 -25.72
CA LEU B 136 -10.36 63.07 -26.98
C LEU B 136 -11.09 64.26 -27.57
N LYS B 137 -12.38 64.44 -27.23
CA LYS B 137 -13.08 65.70 -27.62
C LYS B 137 -12.48 66.87 -26.85
N LEU B 138 -12.20 66.66 -25.57
CA LEU B 138 -11.61 67.72 -24.75
C LEU B 138 -10.15 67.96 -25.07
N LYS B 139 -9.38 66.90 -25.31
CA LYS B 139 -7.98 67.04 -25.69
C LYS B 139 -7.63 66.11 -26.86
N PRO B 140 -7.73 66.61 -28.12
CA PRO B 140 -7.58 65.74 -29.30
C PRO B 140 -6.20 65.13 -29.49
N ASP B 141 -5.17 65.78 -28.98
CA ASP B 141 -3.82 65.24 -29.08
C ASP B 141 -3.45 64.56 -27.76
N PHE B 142 -4.00 63.36 -27.58
CA PHE B 142 -3.89 62.65 -26.32
C PHE B 142 -3.50 61.19 -26.57
N PRO B 143 -2.22 60.95 -26.91
CA PRO B 143 -1.71 59.63 -27.29
C PRO B 143 -2.19 58.47 -26.38
N ASP B 144 -2.20 58.66 -25.06
CA ASP B 144 -2.63 57.58 -24.18
C ASP B 144 -4.09 57.22 -24.42
N ALA B 145 -4.94 58.24 -24.48
CA ALA B 145 -6.36 58.04 -24.75
C ALA B 145 -6.58 57.42 -26.12
N TYR B 146 -5.85 57.91 -27.12
CA TYR B 146 -6.02 57.41 -28.47
C TYR B 146 -5.66 55.93 -28.59
N CYS B 147 -4.56 55.53 -27.95
CA CYS B 147 -4.09 54.15 -28.07
C CYS B 147 -4.95 53.16 -27.32
N ASN B 148 -5.41 53.57 -26.15
CA ASN B 148 -6.35 52.75 -25.43
C ASN B 148 -7.73 52.66 -26.11
N LEU B 149 -8.15 53.74 -26.78
CA LEU B 149 -9.40 53.70 -27.52
C LEU B 149 -9.25 52.74 -28.67
N ALA B 150 -8.10 52.83 -29.35
CA ALA B 150 -7.83 51.94 -30.48
C ALA B 150 -7.93 50.48 -30.06
N HIS B 151 -7.39 50.17 -28.87
CA HIS B 151 -7.49 48.82 -28.33
C HIS B 151 -8.91 48.40 -28.10
N CYS B 152 -9.75 49.32 -27.59
CA CYS B 152 -11.15 49.00 -27.32
C CYS B 152 -11.93 48.71 -28.59
N LEU B 153 -11.64 49.48 -29.64
CA LEU B 153 -12.21 49.22 -30.95
C LEU B 153 -11.77 47.88 -31.56
N GLN B 154 -10.56 47.39 -31.21
CA GLN B 154 -10.15 46.03 -31.60
C GLN B 154 -10.99 44.96 -30.92
N ILE B 155 -11.19 45.11 -29.62
CA ILE B 155 -11.92 44.15 -28.79
C ILE B 155 -13.35 43.96 -29.28
N VAL B 156 -13.90 44.98 -29.94
CA VAL B 156 -15.30 45.03 -30.31
C VAL B 156 -15.45 44.94 -31.84
N CYS B 157 -14.31 44.84 -32.52
CA CYS B 157 -14.28 44.71 -33.99
C CYS B 157 -14.95 45.91 -34.68
N ASP B 158 -14.74 47.09 -34.12
CA ASP B 158 -15.11 48.31 -34.79
C ASP B 158 -13.92 48.69 -35.66
N TRP B 159 -14.10 48.58 -36.97
CA TRP B 159 -13.01 48.78 -37.90
C TRP B 159 -13.17 49.99 -38.76
N THR B 160 -13.96 50.94 -38.28
CA THR B 160 -14.18 52.16 -39.04
C THR B 160 -12.89 52.96 -38.98
N ASP B 161 -12.42 53.40 -40.15
CA ASP B 161 -11.14 54.11 -40.30
C ASP B 161 -9.91 53.24 -40.00
N TYR B 162 -10.11 51.92 -40.03
CA TYR B 162 -9.08 50.99 -39.61
C TYR B 162 -7.67 51.31 -40.15
N ASP B 163 -7.57 51.54 -41.46
CA ASP B 163 -6.26 51.77 -42.04
C ASP B 163 -5.57 53.04 -41.56
N ILE B 164 -6.31 54.14 -41.41
CA ILE B 164 -5.71 55.37 -40.91
C ILE B 164 -5.39 55.25 -39.41
N ARG B 165 -6.29 54.64 -38.64
CA ARG B 165 -6.06 54.36 -37.22
C ARG B 165 -4.76 53.58 -36.97
N MET B 166 -4.54 52.52 -37.73
CA MET B 166 -3.32 51.73 -37.63
C MET B 166 -2.08 52.56 -37.94
N LYS B 167 -2.17 53.44 -38.94
CA LYS B 167 -1.02 54.28 -39.27
C LYS B 167 -0.83 55.34 -38.21
N LYS B 168 -1.94 55.83 -37.66
CA LYS B 168 -1.85 56.88 -36.64
C LYS B 168 -1.17 56.31 -35.41
N LEU B 169 -1.51 55.07 -35.06
CA LEU B 169 -0.86 54.35 -33.98
C LEU B 169 0.65 54.26 -34.20
N VAL B 170 1.03 53.88 -35.42
CA VAL B 170 2.44 53.70 -35.77
C VAL B 170 3.19 55.04 -35.69
N SER B 171 2.58 56.13 -36.18
CA SER B 171 3.13 57.48 -36.01
C SER B 171 3.42 57.79 -34.54
N ILE B 172 2.40 57.65 -33.70
CA ILE B 172 2.52 57.99 -32.29
C ILE B 172 3.68 57.22 -31.63
N VAL B 173 3.76 55.92 -31.85
CA VAL B 173 4.82 55.11 -31.27
C VAL B 173 6.22 55.55 -31.75
N THR B 174 6.42 55.62 -33.05
CA THR B 174 7.71 56.01 -33.60
C THR B 174 8.13 57.40 -33.12
N GLU B 175 7.18 58.31 -33.07
CA GLU B 175 7.42 59.64 -32.48
C GLU B 175 7.87 59.53 -31.03
N GLN B 176 7.13 58.77 -30.23
CA GLN B 176 7.42 58.61 -28.80
C GLN B 176 8.80 58.01 -28.54
N LEU B 177 9.14 56.96 -29.29
CA LEU B 177 10.46 56.36 -29.19
C LEU B 177 11.59 57.34 -29.51
N GLU B 178 11.42 58.17 -30.55
CA GLU B 178 12.41 59.19 -30.90
C GLU B 178 12.57 60.30 -29.83
N LYS B 179 11.48 60.70 -29.20
CA LYS B 179 11.52 61.70 -28.13
C LYS B 179 11.88 61.05 -26.81
N ASN B 180 12.27 59.78 -26.86
CA ASN B 180 12.74 59.03 -25.69
C ASN B 180 11.71 58.94 -24.53
N ARG B 181 10.45 58.76 -24.90
CA ARG B 181 9.37 58.61 -23.93
C ARG B 181 8.87 57.17 -23.96
N LEU B 182 8.21 56.74 -22.88
CA LEU B 182 7.55 55.44 -22.83
C LEU B 182 6.31 55.48 -23.72
N PRO B 183 6.17 54.54 -24.67
CA PRO B 183 5.10 54.71 -25.65
C PRO B 183 3.71 54.42 -25.08
N SER B 184 2.68 54.83 -25.80
CA SER B 184 1.31 54.65 -25.35
C SER B 184 0.76 53.26 -25.61
N VAL B 185 1.49 52.45 -26.34
CA VAL B 185 1.00 51.14 -26.69
C VAL B 185 1.73 50.09 -25.84
N HIS B 186 0.98 49.16 -25.28
CA HIS B 186 1.52 48.16 -24.37
C HIS B 186 2.23 47.05 -25.12
N PRO B 187 3.39 46.61 -24.62
CA PRO B 187 4.11 45.61 -25.41
C PRO B 187 3.23 44.40 -25.80
N HIS B 188 2.30 44.01 -24.92
CA HIS B 188 1.43 42.89 -25.20
C HIS B 188 0.44 43.16 -26.31
N HIS B 189 0.11 44.43 -26.55
CA HIS B 189 -0.79 44.78 -27.64
C HIS B 189 -0.06 44.95 -28.96
N SER B 190 1.23 45.32 -28.87
CA SER B 190 2.16 45.40 -30.00
C SER B 190 1.89 44.49 -31.17
N MET B 191 1.55 43.23 -30.87
CA MET B 191 1.42 42.22 -31.90
C MET B 191 0.20 42.39 -32.80
N LEU B 192 -0.69 43.31 -32.45
CA LEU B 192 -1.87 43.53 -33.27
C LEU B 192 -1.64 44.55 -34.38
N TYR B 193 -0.71 45.46 -34.15
CA TYR B 193 -0.50 46.62 -34.97
C TYR B 193 0.72 46.46 -35.90
N PRO B 194 0.69 47.11 -37.09
CA PRO B 194 1.76 46.99 -38.10
C PRO B 194 3.04 47.77 -37.79
N LEU B 195 3.54 47.65 -36.55
CA LEU B 195 4.85 48.17 -36.18
C LEU B 195 5.96 47.26 -36.73
N THR B 196 7.14 47.83 -36.95
CA THR B 196 8.29 47.01 -37.31
C THR B 196 8.67 46.18 -36.10
N HIS B 197 9.41 45.10 -36.33
CA HIS B 197 9.90 44.27 -35.22
C HIS B 197 10.79 45.06 -34.29
N ASP B 198 11.66 45.89 -34.87
CA ASP B 198 12.50 46.79 -34.08
C ASP B 198 11.69 47.68 -33.15
N CYS B 199 10.60 48.26 -33.65
CA CYS B 199 9.71 49.06 -32.82
C CYS B 199 9.14 48.27 -31.64
N ARG B 200 8.58 47.11 -31.93
CA ARG B 200 7.97 46.30 -30.88
C ARG B 200 9.02 45.97 -29.81
N LYS B 201 10.24 45.66 -30.23
CA LYS B 201 11.30 45.31 -29.29
C LYS B 201 11.71 46.49 -28.42
N ALA B 202 11.74 47.68 -29.01
CA ALA B 202 12.03 48.92 -28.28
C ALA B 202 10.95 49.21 -27.21
N ILE B 203 9.68 48.96 -27.54
CA ILE B 203 8.60 49.13 -26.58
C ILE B 203 8.88 48.21 -25.40
N ALA B 204 9.21 46.95 -25.72
CA ALA B 204 9.49 45.94 -24.70
C ALA B 204 10.64 46.36 -23.80
N ALA B 205 11.73 46.87 -24.41
CA ALA B 205 12.93 47.21 -23.67
C ALA B 205 12.64 48.34 -22.69
N ARG B 206 11.77 49.26 -23.10
CA ARG B 206 11.46 50.41 -22.26
C ARG B 206 10.67 50.00 -21.04
N HIS B 207 9.86 48.95 -21.15
CA HIS B 207 9.19 48.37 -20.00
C HIS B 207 10.16 47.68 -19.10
N ALA B 208 11.15 47.04 -19.70
CA ALA B 208 12.20 46.38 -18.94
C ALA B 208 13.03 47.39 -18.14
N ASN B 209 13.37 48.54 -18.75
CA ASN B 209 14.04 49.63 -18.05
C ASN B 209 13.25 50.21 -16.89
N LEU B 210 11.95 50.39 -17.11
CA LEU B 210 11.05 50.75 -16.03
C LEU B 210 11.27 49.85 -14.82
N CYS B 211 11.32 48.55 -15.07
CA CYS B 211 11.59 47.58 -14.03
C CYS B 211 12.94 47.80 -13.34
N LEU B 212 13.99 48.06 -14.13
CA LEU B 212 15.30 48.37 -13.55
C LEU B 212 15.30 49.65 -12.70
N GLU B 213 14.62 50.68 -13.20
CA GLU B 213 14.51 51.95 -12.48
C GLU B 213 13.76 51.77 -11.17
N LYS B 214 12.58 51.19 -11.23
CA LYS B 214 11.81 50.94 -10.01
C LYS B 214 12.62 50.18 -8.97
N VAL B 215 13.57 49.38 -9.43
CA VAL B 215 14.31 48.48 -8.57
C VAL B 215 15.63 49.09 -8.06
N HIS B 216 16.14 50.06 -8.82
CA HIS B 216 17.33 50.83 -8.46
C HIS B 216 17.19 51.53 -7.11
N VAL B 217 15.96 51.93 -6.77
CA VAL B 217 15.65 52.55 -5.48
C VAL B 217 16.05 51.71 -4.27
N LEU B 218 15.95 50.39 -4.40
CA LEU B 218 16.30 49.46 -3.31
C LEU B 218 17.80 49.44 -2.95
N HIS B 219 18.63 49.93 -3.86
CA HIS B 219 20.09 49.93 -3.70
C HIS B 219 20.65 48.61 -3.24
N LYS B 220 20.33 47.56 -3.98
CA LYS B 220 20.80 46.21 -3.66
C LYS B 220 22.12 45.93 -4.33
N LYS B 221 22.97 45.14 -3.70
CA LYS B 221 24.20 44.70 -4.36
C LYS B 221 23.84 43.52 -5.29
N PRO B 222 24.57 43.38 -6.40
CA PRO B 222 24.27 42.24 -7.27
C PRO B 222 24.55 40.91 -6.57
N TYR B 223 23.69 39.92 -6.83
CA TYR B 223 23.86 38.62 -6.23
C TYR B 223 25.10 37.90 -6.75
N ASN B 224 25.74 37.13 -5.88
CA ASN B 224 26.92 36.34 -6.25
C ASN B 224 26.57 34.86 -6.38
N PHE B 225 27.02 34.25 -7.47
CA PHE B 225 26.56 32.91 -7.77
C PHE B 225 27.58 31.78 -7.66
N LEU B 226 27.12 30.70 -7.05
CA LEU B 226 27.59 29.37 -7.29
C LEU B 226 27.94 29.22 -8.77
N LYS B 227 29.12 28.70 -9.09
CA LYS B 227 29.55 28.58 -10.50
C LYS B 227 29.65 27.13 -11.01
N LYS B 228 29.84 26.19 -10.09
CA LYS B 228 30.03 24.80 -10.45
C LYS B 228 28.93 24.00 -9.74
N LEU B 229 28.51 22.91 -10.37
CA LEU B 229 27.54 22.00 -9.77
C LEU B 229 28.13 20.59 -9.81
N PRO B 230 27.90 19.78 -8.75
CA PRO B 230 28.37 18.39 -8.75
C PRO B 230 27.42 17.44 -9.47
N GLY B 233 24.67 17.68 -8.44
CA GLY B 233 23.77 16.67 -8.99
C GLY B 233 22.53 17.28 -9.64
N ARG B 234 21.68 17.95 -8.86
CA ARG B 234 20.41 18.46 -9.40
C ARG B 234 20.41 19.95 -9.69
N LEU B 235 19.86 20.30 -10.84
CA LEU B 235 19.56 21.66 -11.20
C LEU B 235 18.32 22.12 -10.45
N ARG B 236 18.40 23.28 -9.80
CA ARG B 236 17.20 23.83 -9.17
C ARG B 236 16.50 24.77 -10.13
N ILE B 237 15.28 24.39 -10.52
CA ILE B 237 14.48 25.20 -11.43
C ILE B 237 13.28 25.83 -10.73
N GLY B 238 13.10 27.12 -10.98
CA GLY B 238 11.97 27.84 -10.40
C GLY B 238 11.01 28.37 -11.46
N TYR B 239 9.76 27.89 -11.41
CA TYR B 239 8.71 28.39 -12.25
C TYR B 239 7.93 29.49 -11.53
N LEU B 240 7.97 30.69 -12.08
CA LEU B 240 7.36 31.80 -11.43
C LEU B 240 6.18 32.33 -12.26
N SER B 241 4.99 32.27 -11.68
CA SER B 241 3.76 32.62 -12.38
C SER B 241 2.64 33.12 -11.46
N SER B 242 1.80 34.01 -12.00
CA SER B 242 0.62 34.48 -11.28
C SER B 242 -0.64 33.69 -11.67
N ASP B 243 -0.47 32.57 -12.38
CA ASP B 243 -1.57 31.86 -13.04
C ASP B 243 -1.72 30.42 -12.57
N PHE B 244 -1.16 30.09 -11.41
CA PHE B 244 -1.34 28.78 -10.84
C PHE B 244 -2.69 28.75 -10.15
N GLY B 245 -3.69 28.24 -10.85
CA GLY B 245 -5.07 28.26 -10.40
C GLY B 245 -5.94 28.07 -11.62
N ASN B 246 -7.17 28.58 -11.57
CA ASN B 246 -8.04 28.47 -12.74
C ASN B 246 -7.68 29.51 -13.79
N HIS B 247 -6.73 29.19 -14.64
CA HIS B 247 -6.21 30.09 -15.66
C HIS B 247 -5.63 29.29 -16.80
N PRO B 248 -5.79 29.77 -18.04
CA PRO B 248 -5.29 29.00 -19.20
C PRO B 248 -3.87 28.44 -19.06
N THR B 249 -3.01 29.12 -18.31
CA THR B 249 -1.62 28.68 -18.15
C THR B 249 -1.60 27.30 -17.50
N SER B 250 -2.37 27.12 -16.40
CA SER B 250 -2.45 25.82 -15.70
C SER B 250 -3.12 24.73 -16.53
N HIS B 251 -4.06 25.11 -17.40
CA HIS B 251 -4.70 24.16 -18.31
C HIS B 251 -3.71 23.63 -19.30
N LEU B 252 -2.58 24.32 -19.46
CA LEU B 252 -1.53 23.87 -20.36
C LEU B 252 -0.46 23.04 -19.68
N MET B 253 -0.06 23.44 -18.47
CA MET B 253 1.22 23.00 -17.92
C MET B 253 1.17 22.24 -16.59
N GLN B 254 -0.01 22.16 -15.98
CA GLN B 254 -0.17 21.61 -14.63
C GLN B 254 0.42 20.22 -14.35
N SER B 255 0.56 19.38 -15.38
CA SER B 255 1.12 18.05 -15.20
C SER B 255 2.64 18.07 -15.29
N VAL B 256 3.19 19.16 -15.80
CA VAL B 256 4.61 19.24 -16.02
C VAL B 256 5.45 19.14 -14.73
N PRO B 257 5.10 19.91 -13.66
CA PRO B 257 5.96 19.82 -12.49
C PRO B 257 6.08 18.41 -11.94
N GLY B 258 4.96 17.68 -11.93
CA GLY B 258 4.95 16.33 -11.39
C GLY B 258 5.59 15.31 -12.29
N LEU B 259 5.79 15.67 -13.56
CA LEU B 259 6.40 14.76 -14.53
C LEU B 259 7.89 14.95 -14.69
N HIS B 260 8.47 15.95 -14.06
CA HIS B 260 9.91 16.17 -14.16
C HIS B 260 10.73 15.09 -13.51
N ASP B 261 11.82 14.69 -14.15
CA ASP B 261 12.74 13.70 -13.56
C ASP B 261 13.43 14.26 -12.31
N ARG B 262 12.98 13.80 -11.14
CA ARG B 262 13.48 14.29 -9.85
C ARG B 262 14.94 13.95 -9.53
N SER B 263 15.54 13.03 -10.29
CA SER B 263 16.96 12.76 -10.11
C SER B 263 17.80 13.77 -10.91
N LYS B 264 17.18 14.42 -11.89
CA LYS B 264 17.90 15.40 -12.69
C LYS B 264 17.65 16.85 -12.21
N VAL B 265 16.41 17.16 -11.87
CA VAL B 265 16.07 18.54 -11.51
C VAL B 265 15.19 18.59 -10.28
N GLU B 266 15.37 19.64 -9.48
CA GLU B 266 14.51 19.91 -8.33
C GLU B 266 13.60 21.11 -8.65
N ILE B 267 12.29 20.88 -8.68
CA ILE B 267 11.35 21.90 -9.14
C ILE B 267 10.72 22.72 -8.01
N PHE B 268 10.73 24.04 -8.19
CA PHE B 268 10.14 24.98 -7.24
C PHE B 268 9.09 25.77 -7.99
N CYS B 269 7.83 25.70 -7.57
CA CYS B 269 6.83 26.56 -8.18
C CYS B 269 6.56 27.75 -7.29
N TYR B 270 6.84 28.94 -7.81
CA TYR B 270 6.61 30.18 -7.07
C TYR B 270 5.31 30.81 -7.55
N ALA B 271 4.27 30.76 -6.71
CA ALA B 271 3.01 31.39 -7.03
C ALA B 271 2.99 32.87 -6.66
N LEU B 272 2.60 33.72 -7.61
CA LEU B 272 2.54 35.16 -7.37
C LEU B 272 1.12 35.64 -7.00
N SER B 273 0.15 34.73 -7.07
CA SER B 273 -1.23 35.03 -6.71
C SER B 273 -1.70 34.12 -5.55
N PRO B 274 -2.69 34.59 -4.77
CA PRO B 274 -3.27 33.78 -3.69
C PRO B 274 -3.89 32.45 -4.16
N ASP B 275 -3.94 31.48 -3.24
CA ASP B 275 -4.70 30.25 -3.45
C ASP B 275 -6.14 30.62 -3.83
N ASP B 276 -6.66 30.00 -4.88
CA ASP B 276 -8.03 30.24 -5.31
C ASP B 276 -8.90 28.99 -5.06
N GLY B 277 -8.36 28.03 -4.33
CA GLY B 277 -9.13 26.88 -3.87
C GLY B 277 -9.43 25.84 -4.93
N THR B 278 -8.98 26.12 -6.15
CA THR B 278 -9.25 25.25 -7.30
C THR B 278 -8.33 24.03 -7.32
N THR B 279 -8.81 22.96 -7.94
CA THR B 279 -8.05 21.73 -8.14
C THR B 279 -6.71 22.00 -8.85
N PHE B 280 -6.68 23.01 -9.72
CA PHE B 280 -5.50 23.28 -10.54
C PHE B 280 -4.37 23.77 -9.68
N ARG B 281 -4.70 24.61 -8.70
CA ARG B 281 -3.75 25.07 -7.69
C ARG B 281 -3.30 23.94 -6.77
N HIS B 282 -4.25 23.13 -6.30
CA HIS B 282 -3.96 21.93 -5.51
C HIS B 282 -3.01 20.99 -6.20
N LYS B 283 -3.30 20.62 -7.46
CA LYS B 283 -2.46 19.72 -8.25
C LYS B 283 -1.01 20.22 -8.38
N ILE B 284 -0.84 21.50 -8.70
CA ILE B 284 0.49 22.08 -8.80
C ILE B 284 1.17 22.13 -7.41
N SER B 285 0.39 22.41 -6.36
CA SER B 285 0.89 22.34 -4.99
C SER B 285 1.41 20.97 -4.61
N ARG B 286 0.64 19.91 -4.86
CA ARG B 286 1.05 18.55 -4.52
C ARG B 286 2.21 18.05 -5.39
N GLU B 287 2.00 18.03 -6.70
CA GLU B 287 2.94 17.50 -7.67
C GLU B 287 4.34 18.13 -7.63
N SER B 288 4.42 19.42 -7.35
CA SER B 288 5.70 20.13 -7.38
C SER B 288 6.52 19.86 -6.12
N GLU B 289 7.80 19.55 -6.29
CA GLU B 289 8.65 19.20 -5.16
C GLU B 289 8.67 20.32 -4.12
N ASN B 290 8.62 21.56 -4.60
CA ASN B 290 8.63 22.70 -3.72
C ASN B 290 7.59 23.68 -4.18
N PHE B 291 6.74 24.10 -3.25
CA PHE B 291 5.79 25.16 -3.55
C PHE B 291 5.95 26.30 -2.58
N VAL B 292 6.20 27.48 -3.13
CA VAL B 292 6.34 28.71 -2.36
C VAL B 292 5.32 29.71 -2.89
N ASP B 293 4.61 30.39 -1.98
CA ASP B 293 3.62 31.39 -2.32
C ASP B 293 4.18 32.81 -2.08
N LEU B 294 4.61 33.46 -3.15
CA LEU B 294 5.21 34.79 -3.05
C LEU B 294 4.18 35.90 -3.01
N SER B 295 2.90 35.54 -3.07
CA SER B 295 1.84 36.54 -2.90
C SER B 295 1.80 36.95 -1.43
N GLN B 296 2.33 36.10 -0.56
CA GLN B 296 2.52 36.41 0.87
C GLN B 296 3.79 37.25 1.15
N ILE B 297 4.58 37.53 0.11
CA ILE B 297 5.78 38.35 0.24
C ILE B 297 5.69 39.55 -0.72
N PRO B 298 4.90 40.58 -0.34
CA PRO B 298 4.68 41.79 -1.18
C PRO B 298 5.94 42.47 -1.72
N CYS B 299 6.99 42.65 -0.89
CA CYS B 299 8.18 43.38 -1.31
C CYS B 299 9.02 42.59 -2.34
N ASN B 300 9.31 43.21 -3.48
CA ASN B 300 10.05 42.54 -4.56
C ASN B 300 11.50 42.20 -4.21
N GLY B 301 12.12 43.08 -3.42
CA GLY B 301 13.42 42.81 -2.83
C GLY B 301 13.47 41.54 -1.98
N LYS B 302 12.51 41.36 -1.09
CA LYS B 302 12.45 40.15 -0.26
C LYS B 302 12.18 38.91 -1.11
N ALA B 303 11.24 39.04 -2.05
CA ALA B 303 10.89 37.95 -2.96
C ALA B 303 12.11 37.45 -3.75
N ALA B 304 12.90 38.38 -4.29
CA ALA B 304 14.17 38.04 -4.92
C ALA B 304 15.13 37.31 -3.94
N ASP B 305 15.20 37.80 -2.70
CA ASP B 305 16.02 37.17 -1.66
C ASP B 305 15.61 35.73 -1.41
N LYS B 306 14.29 35.49 -1.30
CA LYS B 306 13.82 34.13 -1.06
C LYS B 306 14.33 33.22 -2.18
N ILE B 307 14.18 33.69 -3.42
CA ILE B 307 14.61 32.93 -4.60
C ILE B 307 16.12 32.63 -4.55
N PHE B 308 16.94 33.66 -4.37
CA PHE B 308 18.38 33.48 -4.15
C PHE B 308 18.68 32.46 -3.04
N ASN B 309 17.99 32.58 -1.89
CA ASN B 309 18.15 31.63 -0.80
C ASN B 309 17.75 30.21 -1.12
N ASP B 310 16.78 30.01 -1.99
CA ASP B 310 16.45 28.65 -2.40
C ASP B 310 17.56 28.13 -3.32
N GLY B 311 18.39 29.04 -3.83
CA GLY B 311 19.61 28.65 -4.57
C GLY B 311 19.29 28.15 -5.95
N ILE B 312 18.41 28.89 -6.61
CA ILE B 312 17.88 28.52 -7.89
C ILE B 312 18.83 28.85 -9.02
N HIS B 313 19.03 27.87 -9.92
CA HIS B 313 19.91 28.05 -11.07
C HIS B 313 19.21 28.68 -12.23
N ILE B 314 18.01 28.23 -12.51
CA ILE B 314 17.28 28.72 -13.67
C ILE B 314 15.89 29.23 -13.26
N LEU B 315 15.68 30.52 -13.46
CA LEU B 315 14.43 31.14 -13.06
C LEU B 315 13.58 31.38 -14.30
N VAL B 316 12.39 30.78 -14.31
CA VAL B 316 11.50 30.80 -15.46
C VAL B 316 10.32 31.78 -15.32
N ASN B 317 10.36 32.85 -16.12
CA ASN B 317 9.28 33.83 -16.21
C ASN B 317 8.14 33.30 -17.09
N MET B 318 6.99 33.05 -16.47
CA MET B 318 5.80 32.57 -17.16
C MET B 318 4.75 33.65 -17.41
N ASN B 319 5.11 34.91 -17.18
CA ASN B 319 4.17 36.01 -17.27
C ASN B 319 4.48 37.03 -18.33
N GLY B 320 5.76 37.43 -18.41
CA GLY B 320 6.14 38.55 -19.28
C GLY B 320 5.31 39.77 -18.90
N TYR B 321 4.91 40.56 -19.89
CA TYR B 321 4.13 41.75 -19.63
C TYR B 321 2.63 41.43 -19.66
N THR B 322 2.18 40.63 -18.70
CA THR B 322 0.76 40.33 -18.53
C THR B 322 0.29 40.73 -17.14
N LYS B 323 -1.03 40.75 -16.94
CA LYS B 323 -1.61 41.10 -15.63
C LYS B 323 -0.99 40.20 -14.55
N GLY B 324 -0.66 40.79 -13.40
CA GLY B 324 -0.11 40.03 -12.28
C GLY B 324 1.40 39.84 -12.26
N ALA B 325 2.10 40.23 -13.33
CA ALA B 325 3.54 40.02 -13.38
C ALA B 325 4.22 40.80 -12.28
N ARG B 326 5.36 40.30 -11.81
CA ARG B 326 6.21 41.06 -10.88
C ARG B 326 7.65 41.02 -11.41
N ASN B 327 7.84 41.67 -12.55
CA ASN B 327 9.07 41.55 -13.30
C ASN B 327 10.24 42.26 -12.67
N GLU B 328 9.97 43.00 -11.60
CA GLU B 328 11.03 43.61 -10.81
C GLU B 328 11.91 42.51 -10.20
N ILE B 329 11.30 41.36 -9.92
CA ILE B 329 12.02 40.25 -9.32
C ILE B 329 13.13 39.81 -10.28
N PHE B 330 12.79 39.72 -11.56
CA PHE B 330 13.74 39.30 -12.60
C PHE B 330 14.79 40.36 -12.88
N ALA B 331 14.45 41.61 -12.65
CA ALA B 331 15.37 42.70 -12.88
C ALA B 331 16.43 42.75 -11.76
N LEU B 332 16.15 42.11 -10.63
CA LEU B 332 17.12 42.08 -9.55
C LEU B 332 18.11 40.96 -9.76
N ARG B 333 17.81 40.05 -10.68
CA ARG B 333 18.70 38.91 -11.05
C ARG B 333 19.06 37.98 -9.91
N PRO B 334 18.05 37.35 -9.27
CA PRO B 334 18.30 36.46 -8.14
C PRO B 334 18.74 35.04 -8.54
N ALA B 335 18.88 34.79 -9.85
CA ALA B 335 19.33 33.50 -10.40
C ALA B 335 20.32 33.68 -11.56
N PRO B 336 21.36 32.85 -11.66
CA PRO B 336 22.32 33.13 -12.74
C PRO B 336 21.71 33.09 -14.16
N ILE B 337 20.72 32.26 -14.39
CA ILE B 337 20.10 32.19 -15.70
C ILE B 337 18.60 32.40 -15.63
N GLN B 338 18.08 33.27 -16.51
CA GLN B 338 16.65 33.60 -16.50
C GLN B 338 15.99 33.46 -17.88
N VAL B 339 14.80 32.85 -17.87
CA VAL B 339 14.19 32.27 -19.05
C VAL B 339 12.74 32.72 -19.18
N MET B 340 12.30 33.01 -20.41
CA MET B 340 10.88 33.22 -20.74
C MET B 340 10.27 31.90 -21.18
N TRP B 341 9.10 31.56 -20.66
CA TRP B 341 8.43 30.33 -21.06
C TRP B 341 6.93 30.33 -21.00
N LEU B 342 6.32 30.15 -22.15
CA LEU B 342 4.91 29.78 -22.30
C LEU B 342 3.85 30.86 -22.15
N GLY B 343 3.91 31.66 -21.09
CA GLY B 343 2.87 32.64 -20.81
C GLY B 343 2.76 33.84 -21.75
N TYR B 344 3.87 34.35 -22.26
CA TYR B 344 3.87 35.62 -22.98
C TYR B 344 4.41 35.38 -24.39
N PRO B 345 3.57 35.58 -25.41
CA PRO B 345 3.99 35.28 -26.79
C PRO B 345 4.74 36.45 -27.46
N GLY B 346 5.91 36.79 -26.92
CA GLY B 346 6.66 37.91 -27.41
C GLY B 346 7.99 37.98 -26.68
N THR B 347 8.78 39.01 -27.01
CA THR B 347 10.08 39.23 -26.40
C THR B 347 9.90 40.19 -25.24
N SER B 348 10.76 40.05 -24.24
CA SER B 348 10.81 40.95 -23.09
C SER B 348 11.61 42.21 -23.38
N GLY B 349 12.52 42.12 -24.35
CA GLY B 349 13.46 43.21 -24.62
C GLY B 349 14.38 43.50 -23.45
N ALA B 350 14.45 42.62 -22.47
CA ALA B 350 15.19 42.86 -21.24
C ALA B 350 16.62 42.34 -21.26
N SER B 351 17.55 43.15 -20.75
CA SER B 351 18.91 42.72 -20.54
C SER B 351 19.05 41.59 -19.52
N PHE B 352 18.07 41.43 -18.63
CA PHE B 352 18.13 40.42 -17.58
C PHE B 352 17.44 39.10 -17.92
N MET B 353 17.01 38.97 -19.17
CA MET B 353 16.47 37.72 -19.69
C MET B 353 17.43 37.11 -20.73
N ASP B 354 17.84 35.86 -20.52
CA ASP B 354 18.88 35.25 -21.31
C ASP B 354 18.32 34.40 -22.47
N TYR B 355 17.24 33.68 -22.19
CA TYR B 355 16.70 32.69 -23.10
C TYR B 355 15.19 32.78 -23.22
N ILE B 356 14.70 32.39 -24.38
CA ILE B 356 13.27 32.23 -24.60
C ILE B 356 13.04 30.79 -25.09
N ILE B 357 12.08 30.10 -24.50
CA ILE B 357 11.77 28.75 -24.94
C ILE B 357 10.77 28.75 -26.11
N THR B 358 11.22 28.28 -27.28
CA THR B 358 10.39 28.11 -28.48
C THR B 358 10.78 26.87 -29.23
N ASP B 359 10.64 26.94 -30.54
CA ASP B 359 10.91 25.84 -31.44
C ASP B 359 11.23 26.43 -32.82
N SER B 360 11.69 25.60 -33.75
CA SER B 360 12.15 26.09 -35.05
C SER B 360 11.02 26.59 -35.97
N VAL B 361 9.80 26.11 -35.77
CA VAL B 361 8.73 26.65 -36.58
C VAL B 361 8.27 28.02 -36.05
N THR B 362 7.93 28.10 -34.78
CA THR B 362 7.50 29.36 -34.15
C THR B 362 8.51 30.50 -34.30
N SER B 363 9.79 30.20 -34.12
CA SER B 363 10.81 31.23 -34.08
C SER B 363 11.99 30.84 -34.93
N PRO B 364 11.83 30.82 -36.26
CA PRO B 364 12.93 30.43 -37.15
C PRO B 364 14.09 31.39 -36.98
N LEU B 365 15.32 30.87 -37.01
CA LEU B 365 16.50 31.73 -36.81
C LEU B 365 16.57 32.95 -37.70
N GLU B 366 15.93 32.89 -38.86
CA GLU B 366 15.85 34.05 -39.72
C GLU B 366 15.20 35.22 -38.98
N LEU B 367 14.33 34.91 -38.02
CA LEU B 367 13.58 35.96 -37.34
C LEU B 367 14.15 36.37 -35.98
N ALA B 368 15.33 35.87 -35.65
CA ALA B 368 15.92 36.02 -34.32
C ALA B 368 16.10 37.46 -33.85
N TYR B 369 16.28 38.39 -34.79
CA TYR B 369 16.47 39.82 -34.47
C TYR B 369 15.23 40.41 -33.75
N GLN B 370 14.08 39.77 -33.92
CA GLN B 370 12.87 40.12 -33.21
C GLN B 370 13.04 40.09 -31.72
N TYR B 371 13.94 39.24 -31.23
CA TYR B 371 14.03 38.88 -29.81
C TYR B 371 15.31 39.40 -29.21
N SER B 372 15.23 39.88 -27.97
CA SER B 372 16.39 40.29 -27.23
C SER B 372 17.07 39.03 -26.72
N GLU B 373 16.26 38.05 -26.37
CA GLU B 373 16.68 36.79 -25.80
C GLU B 373 17.34 35.96 -26.87
N LYS B 374 18.21 35.07 -26.44
CA LYS B 374 18.73 34.02 -27.27
C LYS B 374 17.66 32.93 -27.34
N LEU B 375 17.56 32.29 -28.51
CA LEU B 375 16.54 31.27 -28.76
C LEU B 375 16.93 29.92 -28.19
N SER B 376 15.96 29.18 -27.69
CA SER B 376 16.25 27.85 -27.22
C SER B 376 15.17 26.90 -27.70
N TYR B 377 15.58 25.94 -28.53
CA TYR B 377 14.61 25.14 -29.27
C TYR B 377 14.21 23.86 -28.54
N MET B 378 12.93 23.76 -28.25
CA MET B 378 12.34 22.52 -27.81
C MET B 378 12.48 21.55 -28.96
N PRO B 379 12.43 20.22 -28.70
CA PRO B 379 12.54 19.27 -29.81
C PRO B 379 11.39 19.36 -30.80
N HIS B 380 10.18 19.61 -30.33
CA HIS B 380 9.06 19.90 -31.23
C HIS B 380 8.47 21.22 -30.84
N THR B 381 7.15 21.34 -30.77
CA THR B 381 6.58 22.66 -30.44
C THR B 381 6.83 23.07 -28.99
N TYR B 382 6.88 24.36 -28.72
CA TYR B 382 7.01 24.84 -27.33
C TYR B 382 5.68 24.79 -26.59
N PHE B 383 4.60 24.49 -27.30
CA PHE B 383 3.27 24.52 -26.70
C PHE B 383 2.89 23.15 -26.10
N ILE B 384 2.07 23.16 -25.05
CA ILE B 384 1.48 21.91 -24.53
C ILE B 384 0.12 22.16 -23.96
N GLY B 385 -0.61 21.07 -23.71
CA GLY B 385 -1.89 21.13 -23.06
C GLY B 385 -2.07 19.88 -22.22
N ASP B 386 -2.88 20.00 -21.17
CA ASP B 386 -3.15 18.91 -20.26
C ASP B 386 -4.40 18.16 -20.69
N HIS B 387 -4.78 18.32 -21.95
CA HIS B 387 -6.02 17.75 -22.49
C HIS B 387 -6.20 16.27 -22.22
N LYS B 388 -5.12 15.51 -22.43
CA LYS B 388 -5.10 14.06 -22.22
C LYS B 388 -5.54 13.71 -20.80
N GLN B 389 -5.21 14.57 -19.85
CA GLN B 389 -5.59 14.40 -18.45
C GLN B 389 -6.91 15.09 -18.09
N MET B 390 -7.17 16.27 -18.64
CA MET B 390 -8.37 17.01 -18.30
C MET B 390 -9.62 16.54 -19.02
N PHE B 391 -9.46 16.06 -20.25
CA PHE B 391 -10.61 15.65 -21.06
C PHE B 391 -10.44 14.25 -21.64
N PRO B 392 -10.32 13.24 -20.76
CA PRO B 392 -10.17 11.87 -21.25
C PRO B 392 -11.44 11.40 -21.93
N HIS B 393 -12.59 11.90 -21.49
CA HIS B 393 -13.89 11.56 -22.09
C HIS B 393 -14.03 12.05 -23.50
N LEU B 394 -13.13 12.95 -23.92
CA LEU B 394 -13.12 13.44 -25.28
C LEU B 394 -12.11 12.72 -26.17
N LYS B 395 -11.48 11.67 -25.64
CA LYS B 395 -10.51 10.84 -26.38
C LYS B 395 -11.10 10.25 -27.67
N GLU B 396 -12.35 9.84 -27.62
CA GLU B 396 -13.11 9.58 -28.85
C GLU B 396 -14.58 9.91 -28.72
N ARG B 397 -15.25 9.94 -29.87
CA ARG B 397 -16.64 10.31 -29.95
C ARG B 397 -17.45 9.08 -30.33
N ILE B 398 -18.74 9.07 -29.99
CA ILE B 398 -19.66 8.08 -30.50
C ILE B 398 -20.73 8.78 -31.33
N ILE B 399 -20.80 8.42 -32.61
CA ILE B 399 -21.77 9.01 -33.55
C ILE B 399 -23.11 8.35 -33.29
N VAL B 400 -24.19 9.15 -33.34
CA VAL B 400 -25.54 8.58 -33.24
C VAL B 400 -26.33 8.79 -34.53
N CYS B 401 -27.27 7.87 -34.81
CA CYS B 401 -28.18 7.95 -35.97
C CYS B 401 -29.40 7.02 -35.84
N VAL B 409 -21.55 10.43 -41.16
CA VAL B 409 -21.35 11.80 -40.72
C VAL B 409 -21.06 11.84 -39.22
N ASP B 410 -19.94 12.47 -38.85
CA ASP B 410 -19.40 12.35 -37.49
C ASP B 410 -19.51 13.59 -36.60
N ASN B 411 -20.14 14.65 -37.11
CA ASN B 411 -20.18 15.92 -36.38
C ASN B 411 -21.55 16.62 -36.37
N VAL B 412 -22.61 15.84 -36.31
CA VAL B 412 -23.95 16.40 -36.14
C VAL B 412 -24.50 16.07 -34.75
N THR B 413 -24.36 14.81 -34.36
CA THR B 413 -24.82 14.33 -33.05
C THR B 413 -23.78 13.35 -32.53
N VAL B 414 -23.30 13.65 -31.33
CA VAL B 414 -22.12 13.02 -30.76
C VAL B 414 -22.38 12.68 -29.28
N ILE B 415 -21.93 11.51 -28.85
CA ILE B 415 -21.97 11.12 -27.43
C ILE B 415 -20.55 10.91 -26.93
N ASN B 416 -20.29 11.34 -25.71
CA ASN B 416 -19.01 11.19 -25.04
C ASN B 416 -19.26 10.67 -23.64
N ALA B 417 -18.33 9.85 -23.15
CA ALA B 417 -18.43 9.29 -21.81
C ALA B 417 -17.07 8.87 -21.27
N THR B 418 -16.90 9.00 -19.95
CA THR B 418 -15.72 8.45 -19.29
C THR B 418 -15.86 6.94 -19.20
N ASP B 419 -17.09 6.46 -18.94
CA ASP B 419 -17.41 5.02 -18.93
C ASP B 419 -18.60 4.65 -19.84
N LEU B 420 -18.29 3.98 -20.95
CA LEU B 420 -19.26 3.65 -21.99
C LEU B 420 -20.01 2.34 -21.72
N SER B 421 -19.62 1.64 -20.65
CA SER B 421 -20.24 0.37 -20.26
C SER B 421 -21.79 0.36 -20.40
N PRO B 422 -22.52 1.21 -19.63
CA PRO B 422 -23.99 1.19 -19.66
C PRO B 422 -24.59 1.28 -21.05
N LEU B 423 -23.99 2.11 -21.91
CA LEU B 423 -24.50 2.31 -23.27
C LEU B 423 -24.26 1.08 -24.17
N VAL B 424 -23.03 0.57 -24.15
CA VAL B 424 -22.65 -0.60 -24.94
C VAL B 424 -23.43 -1.84 -24.50
N GLU B 425 -23.73 -1.92 -23.20
CA GLU B 425 -24.49 -3.03 -22.63
C GLU B 425 -25.98 -2.99 -22.98
N ASN B 426 -26.51 -1.81 -23.26
CA ASN B 426 -27.96 -1.63 -23.47
C ASN B 426 -28.41 -1.01 -24.80
N THR B 427 -27.49 -0.86 -25.75
CA THR B 427 -27.85 -0.40 -27.11
C THR B 427 -26.88 -0.96 -28.16
N ASP B 428 -27.21 -0.73 -29.42
CA ASP B 428 -26.41 -1.24 -30.54
C ASP B 428 -25.24 -0.34 -30.94
N VAL B 429 -24.23 -0.29 -30.07
CA VAL B 429 -23.00 0.45 -30.34
C VAL B 429 -22.02 -0.47 -31.06
N LYS B 430 -21.46 0.00 -32.18
CA LYS B 430 -20.55 -0.82 -32.97
C LYS B 430 -19.43 0.00 -33.62
N GLU B 431 -18.32 -0.66 -33.96
CA GLU B 431 -17.16 0.01 -34.55
C GLU B 431 -17.01 -0.24 -36.07
N ILE B 432 -17.90 0.37 -36.85
CA ILE B 432 -17.88 0.31 -38.32
C ILE B 432 -16.51 0.70 -38.94
N LYS B 433 -16.26 0.22 -40.15
CA LYS B 433 -15.16 0.74 -41.00
C LYS B 433 -15.70 1.34 -42.29
N GLU B 434 -15.08 2.45 -42.71
CA GLU B 434 -15.44 3.11 -43.96
C GLU B 434 -14.18 3.36 -44.78
N VAL B 435 -14.26 3.11 -46.08
CA VAL B 435 -13.14 3.37 -46.97
C VAL B 435 -13.38 4.68 -47.69
N VAL B 436 -12.34 5.52 -47.75
CA VAL B 436 -12.43 6.84 -48.37
C VAL B 436 -11.29 7.03 -49.37
N ASN B 437 -11.64 7.55 -50.56
CA ASN B 437 -10.69 7.71 -51.67
C ASN B 437 -9.65 8.80 -51.42
N LYS B 440 -5.15 8.93 -52.68
CA LYS B 440 -4.99 7.80 -51.78
C LYS B 440 -6.31 7.03 -51.58
N PRO B 441 -6.27 5.94 -50.79
CA PRO B 441 -7.34 5.06 -50.33
C PRO B 441 -7.14 4.72 -48.85
N VAL B 442 -7.99 5.28 -47.99
CA VAL B 442 -7.80 5.18 -46.53
C VAL B 442 -8.99 4.48 -45.87
N GLU B 443 -8.70 3.70 -44.83
CA GLU B 443 -9.76 3.08 -44.01
C GLU B 443 -9.87 3.80 -42.65
N ILE B 444 -11.08 4.21 -42.29
CA ILE B 444 -11.34 4.92 -41.04
C ILE B 444 -12.31 4.12 -40.16
N THR B 445 -12.06 4.14 -38.86
CA THR B 445 -12.96 3.50 -37.89
C THR B 445 -13.84 4.55 -37.18
N HIS B 446 -15.12 4.23 -37.02
CA HIS B 446 -16.04 5.05 -36.24
C HIS B 446 -16.75 4.20 -35.23
N LYS B 447 -17.02 4.77 -34.05
CA LYS B 447 -17.95 4.12 -33.14
C LYS B 447 -19.33 4.74 -33.29
N VAL B 448 -20.32 3.90 -33.60
CA VAL B 448 -21.66 4.35 -33.95
C VAL B 448 -22.66 3.70 -33.01
N ALA B 449 -23.46 4.52 -32.35
CA ALA B 449 -24.59 4.02 -31.58
C ALA B 449 -25.84 4.25 -32.42
N GLU B 450 -26.46 3.16 -32.87
CA GLU B 450 -27.71 3.27 -33.64
C GLU B 450 -28.90 2.80 -32.84
N LEU B 451 -29.95 3.62 -32.84
CA LEU B 451 -31.19 3.31 -32.11
C LEU B 451 -32.48 3.72 -32.85
N PRO B 452 -32.39 3.96 -34.18
CA PRO B 452 -33.33 4.75 -34.99
C PRO B 452 -34.54 5.37 -34.26
N ASN B 453 -34.26 6.00 -33.13
CA ASN B 453 -35.23 6.79 -32.39
C ASN B 453 -34.60 8.13 -32.07
N THR B 454 -34.51 8.97 -33.10
CA THR B 454 -33.96 10.33 -32.96
C THR B 454 -34.84 11.18 -32.05
N THR B 455 -36.14 10.88 -32.04
CA THR B 455 -37.16 11.66 -31.34
C THR B 455 -36.78 12.12 -29.93
N GLN B 456 -36.68 11.20 -28.99
CA GLN B 456 -36.43 11.54 -27.58
C GLN B 456 -35.10 12.24 -27.33
N ILE B 457 -34.16 12.09 -28.27
CA ILE B 457 -32.89 12.81 -28.25
C ILE B 457 -33.07 14.26 -28.71
N VAL B 458 -33.80 14.46 -29.81
CA VAL B 458 -34.11 15.81 -30.30
C VAL B 458 -35.13 16.48 -29.37
N SER B 459 -36.10 15.70 -28.91
CA SER B 459 -37.17 16.19 -28.03
C SER B 459 -36.61 16.75 -26.71
N MET B 460 -35.61 16.07 -26.16
CA MET B 460 -34.88 16.53 -24.97
C MET B 460 -34.23 17.91 -25.18
N ILE B 461 -33.57 18.09 -26.31
CA ILE B 461 -32.95 19.37 -26.66
C ILE B 461 -34.01 20.42 -26.99
N ALA B 462 -35.05 20.00 -27.74
CA ALA B 462 -36.15 20.87 -28.17
C ALA B 462 -36.86 21.57 -27.00
N THR B 463 -37.14 20.82 -25.94
CA THR B 463 -37.87 21.34 -24.78
C THR B 463 -36.96 21.96 -23.71
N GLY B 464 -35.65 21.82 -23.88
CA GLY B 464 -34.69 22.31 -22.90
C GLY B 464 -34.49 21.40 -21.69
N GLN B 465 -34.73 20.10 -21.89
CA GLN B 465 -34.54 19.08 -20.84
C GLN B 465 -33.07 18.95 -20.44
N VAL B 466 -32.86 18.67 -19.15
CA VAL B 466 -31.54 18.31 -18.63
C VAL B 466 -31.14 16.88 -19.04
N GLN B 467 -32.09 15.95 -19.06
CA GLN B 467 -31.78 14.53 -19.29
C GLN B 467 -32.82 13.81 -20.16
N THR B 468 -32.39 12.68 -20.71
CA THR B 468 -33.28 11.71 -21.37
C THR B 468 -32.69 10.32 -21.10
N SER B 469 -33.42 9.29 -21.52
CA SER B 469 -32.93 7.92 -21.34
C SER B 469 -33.17 7.04 -22.57
N LEU B 470 -32.07 6.68 -23.23
CA LEU B 470 -32.12 5.68 -24.29
C LEU B 470 -31.99 4.31 -23.63
N ASN B 471 -33.09 3.57 -23.63
CA ASN B 471 -33.16 2.19 -23.12
C ASN B 471 -32.61 1.98 -21.71
N GLY B 472 -33.01 2.84 -20.77
CA GLY B 472 -32.63 2.72 -19.36
C GLY B 472 -31.36 3.43 -18.96
N VAL B 473 -30.61 3.91 -19.96
CA VAL B 473 -29.34 4.61 -19.74
C VAL B 473 -29.56 6.13 -19.74
N VAL B 474 -29.09 6.79 -18.69
CA VAL B 474 -29.28 8.24 -18.57
C VAL B 474 -28.24 9.03 -19.39
N VAL B 475 -28.73 9.89 -20.27
CA VAL B 475 -27.88 10.73 -21.11
C VAL B 475 -28.13 12.21 -20.79
N GLN B 476 -27.08 12.94 -20.42
CA GLN B 476 -27.17 14.36 -20.06
C GLN B 476 -27.05 15.27 -21.27
N ASN B 477 -27.94 16.28 -21.33
CA ASN B 477 -27.93 17.33 -22.35
C ASN B 477 -26.68 18.19 -22.21
N GLY B 478 -25.86 18.22 -23.25
CA GLY B 478 -24.59 18.94 -23.26
C GLY B 478 -24.61 20.41 -22.88
N LEU B 479 -25.74 21.07 -23.15
CA LEU B 479 -25.96 22.44 -22.69
C LEU B 479 -26.18 22.45 -21.18
N ILE B 498 -22.39 10.29 -19.00
CA ILE B 498 -22.73 10.19 -20.44
C ILE B 498 -23.41 11.46 -20.98
N VAL B 499 -22.76 12.12 -21.96
CA VAL B 499 -23.15 13.45 -22.43
C VAL B 499 -23.42 13.47 -23.93
N ILE B 500 -24.40 14.27 -24.36
CA ILE B 500 -24.77 14.37 -25.77
C ILE B 500 -24.60 15.80 -26.31
N THR B 501 -24.00 15.89 -27.50
CA THR B 501 -23.69 17.17 -28.13
C THR B 501 -24.28 17.12 -29.53
N THR B 502 -25.12 18.10 -29.85
CA THR B 502 -25.74 18.15 -31.19
C THR B 502 -25.70 19.55 -31.77
N ARG B 503 -25.66 19.65 -33.09
CA ARG B 503 -25.71 20.96 -33.77
C ARG B 503 -26.93 21.83 -33.42
N ARG B 504 -28.04 21.19 -33.03
CA ARG B 504 -29.23 21.93 -32.63
C ARG B 504 -28.93 22.82 -31.43
N GLN B 505 -28.15 22.28 -30.49
CA GLN B 505 -27.83 22.98 -29.25
C GLN B 505 -27.26 24.37 -29.51
N TYR B 506 -26.66 24.56 -30.67
CA TYR B 506 -25.96 25.80 -30.97
C TYR B 506 -26.48 26.49 -32.22
N MET B 507 -27.59 25.97 -32.75
CA MET B 507 -28.33 26.58 -33.86
C MET B 507 -27.59 26.42 -35.18
N LEU B 508 -26.77 25.38 -35.28
CA LEU B 508 -26.08 25.08 -36.52
C LEU B 508 -26.94 24.18 -37.38
N PRO B 509 -27.10 24.53 -38.67
CA PRO B 509 -27.79 23.61 -39.57
C PRO B 509 -27.08 22.27 -39.60
N ASP B 510 -27.86 21.19 -39.68
CA ASP B 510 -27.34 19.82 -39.69
C ASP B 510 -26.54 19.49 -40.94
N ASP B 511 -26.94 20.06 -42.07
CA ASP B 511 -26.28 19.79 -43.36
C ASP B 511 -25.21 20.84 -43.68
N ALA B 512 -25.06 21.83 -42.80
CA ALA B 512 -24.07 22.89 -43.00
C ALA B 512 -22.63 22.38 -42.95
N VAL B 513 -21.75 22.97 -43.74
CA VAL B 513 -20.34 22.80 -43.48
C VAL B 513 -19.97 23.96 -42.55
N VAL B 514 -19.51 23.60 -41.35
CA VAL B 514 -19.29 24.54 -40.26
C VAL B 514 -17.80 24.87 -40.10
N TYR B 515 -17.46 26.09 -40.49
CA TYR B 515 -16.14 26.63 -40.24
C TYR B 515 -16.26 27.32 -38.90
N CYS B 516 -15.28 27.14 -38.01
CA CYS B 516 -15.36 27.78 -36.70
C CYS B 516 -14.08 28.52 -36.33
N ASN B 517 -14.24 29.49 -35.44
CA ASN B 517 -13.12 30.06 -34.69
C ASN B 517 -13.65 30.46 -33.36
N PHE B 518 -12.98 30.04 -32.31
CA PHE B 518 -13.49 30.27 -30.95
C PHE B 518 -12.60 31.22 -30.15
N ASN B 519 -11.88 32.10 -30.83
CA ASN B 519 -11.04 33.07 -30.13
C ASN B 519 -11.82 34.33 -29.68
N GLN B 520 -11.25 35.05 -28.73
CA GLN B 520 -11.65 36.40 -28.46
C GLN B 520 -11.67 37.13 -29.80
N LEU B 521 -12.71 37.90 -30.04
CA LEU B 521 -12.88 38.57 -31.33
C LEU B 521 -11.74 39.55 -31.70
N TYR B 522 -11.03 40.08 -30.69
CA TYR B 522 -9.94 41.05 -30.95
C TYR B 522 -8.88 40.51 -31.91
N MET B 523 -8.78 39.18 -31.97
CA MET B 523 -7.84 38.53 -32.90
C MET B 523 -8.22 38.66 -34.38
N ILE B 524 -9.46 39.06 -34.67
CA ILE B 524 -9.92 39.23 -36.03
C ILE B 524 -9.64 40.64 -36.54
N ASP B 525 -9.04 40.75 -37.71
CA ASP B 525 -8.94 42.04 -38.42
C ASP B 525 -9.72 42.03 -39.75
N PRO B 526 -9.87 43.21 -40.42
CA PRO B 526 -10.65 43.23 -41.67
C PRO B 526 -10.16 42.23 -42.74
N GLN B 527 -8.86 42.16 -42.98
CA GLN B 527 -8.30 41.19 -43.93
C GLN B 527 -8.67 39.75 -43.58
N THR B 528 -8.61 39.38 -42.30
CA THR B 528 -9.10 38.08 -41.88
C THR B 528 -10.54 37.85 -42.28
N LEU B 529 -11.44 38.74 -41.84
CA LEU B 529 -12.86 38.58 -42.12
C LEU B 529 -13.20 38.52 -43.62
N GLU B 530 -12.46 39.27 -44.43
CA GLU B 530 -12.63 39.27 -45.87
C GLU B 530 -12.32 37.91 -46.46
N SER B 531 -11.22 37.30 -46.02
CA SER B 531 -10.91 35.92 -46.39
C SER B 531 -11.98 34.91 -45.99
N TRP B 532 -12.56 35.09 -44.80
CA TRP B 532 -13.61 34.20 -44.32
C TRP B 532 -14.84 34.31 -45.15
N VAL B 533 -15.24 35.53 -45.47
CA VAL B 533 -16.39 35.74 -46.35
C VAL B 533 -16.04 35.18 -47.74
N GLU B 534 -14.80 35.39 -48.15
CA GLU B 534 -14.32 34.81 -49.39
C GLU B 534 -14.55 33.29 -49.44
N ILE B 535 -14.25 32.57 -48.36
CA ILE B 535 -14.45 31.11 -48.38
C ILE B 535 -15.94 30.78 -48.31
N LEU B 536 -16.70 31.54 -47.55
CA LEU B 536 -18.14 31.30 -47.43
C LEU B 536 -18.88 31.46 -48.77
N LYS B 537 -18.39 32.38 -49.61
CA LYS B 537 -18.95 32.64 -50.92
C LYS B 537 -18.71 31.50 -51.90
N ASN B 538 -17.65 30.72 -51.64
CA ASN B 538 -17.25 29.63 -52.52
C ASN B 538 -17.51 28.25 -51.93
N VAL B 539 -18.24 28.17 -50.83
CA VAL B 539 -18.52 26.85 -50.24
C VAL B 539 -20.01 26.73 -50.00
N PRO B 540 -20.68 25.84 -50.76
CA PRO B 540 -22.13 25.84 -50.94
C PRO B 540 -23.00 25.98 -49.69
N LYS B 541 -22.82 25.13 -48.69
CA LYS B 541 -23.73 25.19 -47.55
C LYS B 541 -23.01 25.63 -46.27
N SER B 542 -22.07 26.54 -46.45
CA SER B 542 -21.12 26.87 -45.40
C SER B 542 -21.62 27.93 -44.46
N VAL B 543 -21.19 27.80 -43.23
CA VAL B 543 -21.57 28.69 -42.15
C VAL B 543 -20.31 29.03 -41.34
N LEU B 544 -20.33 30.17 -40.66
CA LEU B 544 -19.22 30.55 -39.79
C LEU B 544 -19.67 30.59 -38.34
N TRP B 545 -18.96 29.86 -37.49
CA TRP B 545 -19.32 29.72 -36.08
C TRP B 545 -18.34 30.48 -35.22
N LEU B 546 -18.79 31.55 -34.58
CA LEU B 546 -17.95 32.36 -33.71
C LEU B 546 -18.62 32.53 -32.35
N LEU B 547 -17.90 33.15 -31.42
CA LEU B 547 -18.39 33.35 -30.04
C LEU B 547 -18.60 34.81 -29.65
N ARG B 548 -19.61 35.02 -28.81
CA ARG B 548 -19.85 36.32 -28.22
C ARG B 548 -18.75 36.61 -27.18
N PHE B 549 -17.64 37.13 -27.67
CA PHE B 549 -16.42 37.21 -26.89
C PHE B 549 -15.71 38.50 -27.29
N PRO B 550 -16.26 39.65 -26.90
CA PRO B 550 -17.49 39.85 -26.12
C PRO B 550 -18.76 40.03 -26.99
N ALA B 551 -19.93 39.85 -26.37
CA ALA B 551 -21.23 40.05 -27.01
C ALA B 551 -21.34 41.28 -27.94
N VAL B 552 -20.92 42.43 -27.45
CA VAL B 552 -21.05 43.66 -28.22
C VAL B 552 -20.31 43.66 -29.57
N GLY B 553 -19.50 42.64 -29.83
CA GLY B 553 -18.74 42.58 -31.09
C GLY B 553 -19.59 41.95 -32.18
N GLU B 554 -20.57 41.15 -31.75
CA GLU B 554 -21.45 40.43 -32.65
C GLU B 554 -22.02 41.35 -33.74
N GLN B 555 -22.62 42.46 -33.33
CA GLN B 555 -23.24 43.44 -34.24
C GLN B 555 -22.28 43.91 -35.31
N ASN B 556 -21.10 44.37 -34.90
CA ASN B 556 -20.10 44.86 -35.86
C ASN B 556 -19.69 43.82 -36.92
N ILE B 557 -19.56 42.58 -36.50
CA ILE B 557 -19.19 41.51 -37.40
C ILE B 557 -20.33 41.23 -38.40
N LYS B 558 -21.57 41.21 -37.92
CA LYS B 558 -22.74 41.08 -38.80
C LYS B 558 -22.73 42.20 -39.84
N LYS B 559 -22.63 43.44 -39.39
CA LYS B 559 -22.66 44.57 -40.29
C LYS B 559 -21.59 44.46 -41.40
N THR B 560 -20.37 44.09 -41.02
CA THR B 560 -19.26 44.02 -41.98
C THR B 560 -19.44 42.84 -42.93
N VAL B 561 -19.96 41.75 -42.41
CA VAL B 561 -20.21 40.56 -43.23
C VAL B 561 -21.25 40.94 -44.29
N SER B 562 -22.30 41.62 -43.84
CA SER B 562 -23.32 42.15 -44.72
C SER B 562 -22.68 42.99 -45.81
N ASP B 563 -21.89 43.98 -45.41
CA ASP B 563 -21.14 44.86 -46.33
C ASP B 563 -20.28 44.13 -47.35
N PHE B 564 -19.79 42.94 -47.01
CA PHE B 564 -18.94 42.16 -47.90
C PHE B 564 -19.74 41.29 -48.87
N GLY B 565 -21.07 41.33 -48.76
CA GLY B 565 -21.97 40.63 -49.70
C GLY B 565 -22.36 39.20 -49.33
N ILE B 566 -22.60 38.96 -48.05
CA ILE B 566 -23.00 37.64 -47.57
C ILE B 566 -24.07 37.89 -46.53
N SER B 567 -25.06 37.01 -46.47
CA SER B 567 -26.11 37.12 -45.45
C SER B 567 -25.49 37.01 -44.04
N PRO B 568 -25.83 37.97 -43.14
CA PRO B 568 -25.41 37.90 -41.74
C PRO B 568 -25.85 36.63 -41.00
N ASP B 569 -26.92 35.99 -41.47
CA ASP B 569 -27.45 34.79 -40.82
C ASP B 569 -26.48 33.62 -40.90
N ARG B 570 -25.62 33.65 -41.91
CA ARG B 570 -24.61 32.61 -42.09
C ARG B 570 -23.40 32.70 -41.12
N VAL B 571 -23.40 33.68 -40.21
CA VAL B 571 -22.42 33.75 -39.13
C VAL B 571 -23.19 33.54 -37.83
N ILE B 572 -23.01 32.38 -37.23
CA ILE B 572 -23.74 31.99 -36.02
C ILE B 572 -22.84 32.19 -34.82
N PHE B 573 -23.38 32.82 -33.79
CA PHE B 573 -22.63 33.13 -32.58
C PHE B 573 -23.17 32.31 -31.43
N SER B 574 -22.28 31.74 -30.62
CA SER B 574 -22.69 31.08 -29.38
C SER B 574 -22.08 31.80 -28.23
N ASN B 575 -22.65 31.61 -27.05
CA ASN B 575 -22.09 32.16 -25.82
C ASN B 575 -20.79 31.48 -25.42
N VAL B 576 -19.86 32.27 -24.89
CA VAL B 576 -18.72 31.75 -24.12
C VAL B 576 -19.26 30.71 -23.12
N ALA B 577 -18.68 29.52 -23.17
CA ALA B 577 -19.09 28.42 -22.32
C ALA B 577 -18.01 28.08 -21.30
N ALA B 578 -18.35 27.24 -20.33
CA ALA B 578 -17.37 26.67 -19.41
C ALA B 578 -16.38 25.82 -20.20
N LYS B 579 -15.14 25.76 -19.71
CA LYS B 579 -14.06 25.01 -20.33
C LYS B 579 -14.49 23.66 -21.00
N GLU B 580 -15.16 22.80 -20.23
CA GLU B 580 -15.56 21.47 -20.71
C GLU B 580 -16.51 21.56 -21.92
N GLU B 581 -17.59 22.30 -21.78
CA GLU B 581 -18.54 22.48 -22.86
C GLU B 581 -17.83 22.99 -24.12
N HIS B 582 -16.95 23.95 -23.93
CA HIS B 582 -16.21 24.57 -25.00
C HIS B 582 -15.43 23.59 -25.83
N VAL B 583 -14.60 22.78 -25.18
CA VAL B 583 -13.79 21.78 -25.89
C VAL B 583 -14.68 20.76 -26.56
N ARG B 584 -15.72 20.34 -25.85
CA ARG B 584 -16.68 19.38 -26.34
C ARG B 584 -17.45 19.87 -27.60
N ARG B 585 -17.93 21.11 -27.60
CA ARG B 585 -18.59 21.74 -28.77
C ARG B 585 -17.83 21.57 -30.08
N GLY B 586 -16.50 21.71 -30.00
CA GLY B 586 -15.62 21.75 -31.15
C GLY B 586 -15.81 20.55 -32.05
N GLN B 587 -16.26 19.45 -31.46
CA GLN B 587 -16.58 18.22 -32.18
C GLN B 587 -17.63 18.41 -33.28
N LEU B 588 -18.43 19.47 -33.18
CA LEU B 588 -19.47 19.74 -34.17
C LEU B 588 -18.97 20.51 -35.39
N ALA B 589 -17.74 21.02 -35.33
CA ALA B 589 -17.23 21.79 -36.45
C ALA B 589 -16.67 20.85 -37.49
N ASP B 590 -16.63 21.31 -38.75
CA ASP B 590 -16.02 20.52 -39.81
C ASP B 590 -14.54 20.92 -39.93
N ILE B 591 -14.32 22.23 -39.92
CA ILE B 591 -13.00 22.82 -40.13
C ILE B 591 -12.91 24.05 -39.23
N CYS B 592 -11.76 24.23 -38.59
CA CYS B 592 -11.50 25.43 -37.82
C CYS B 592 -10.56 26.35 -38.57
N LEU B 593 -10.82 27.66 -38.47
CA LEU B 593 -10.02 28.68 -39.15
C LEU B 593 -9.29 29.56 -38.16
N ASP B 594 -7.98 29.54 -38.24
CA ASP B 594 -7.17 30.34 -37.37
C ASP B 594 -7.10 31.80 -37.80
N THR B 595 -6.80 32.66 -36.85
CA THR B 595 -6.67 34.08 -37.10
C THR B 595 -5.18 34.38 -37.30
N PRO B 596 -4.78 34.78 -38.52
CA PRO B 596 -3.36 35.03 -38.81
C PRO B 596 -2.76 36.26 -38.16
N LEU B 597 -3.57 37.21 -37.75
CA LEU B 597 -3.09 38.37 -37.01
C LEU B 597 -2.44 37.92 -35.69
N CYS B 598 -3.19 37.17 -34.89
CA CYS B 598 -2.68 36.57 -33.67
C CYS B 598 -3.44 35.26 -33.56
N ASN B 599 -2.69 34.15 -33.59
CA ASN B 599 -3.28 32.82 -33.58
C ASN B 599 -3.99 32.58 -32.26
N GLY B 600 -4.88 31.61 -32.23
CA GLY B 600 -5.52 31.18 -30.98
C GLY B 600 -4.64 30.11 -30.35
N HIS B 601 -3.77 30.52 -29.43
CA HIS B 601 -2.80 29.60 -28.83
C HIS B 601 -3.46 28.47 -28.08
N THR B 602 -4.38 28.77 -27.17
CA THR B 602 -4.99 27.66 -26.44
C THR B 602 -6.21 27.08 -27.15
N THR B 603 -7.10 27.90 -27.70
CA THR B 603 -8.34 27.35 -28.26
C THR B 603 -7.99 26.41 -29.41
N SER B 604 -6.96 26.76 -30.15
CA SER B 604 -6.43 25.89 -31.20
C SER B 604 -5.98 24.51 -30.69
N MET B 605 -5.42 24.45 -29.49
CA MET B 605 -5.13 23.17 -28.83
C MET B 605 -6.44 22.47 -28.51
N ASP B 606 -7.39 23.21 -27.95
CA ASP B 606 -8.70 22.65 -27.61
C ASP B 606 -9.30 21.95 -28.84
N VAL B 607 -9.22 22.63 -29.99
CA VAL B 607 -9.89 22.14 -31.20
C VAL B 607 -9.16 20.91 -31.76
N LEU B 608 -7.84 21.00 -31.83
CA LEU B 608 -7.02 19.85 -32.25
C LEU B 608 -7.30 18.62 -31.40
N TRP B 609 -7.53 18.82 -30.11
CA TRP B 609 -7.80 17.70 -29.22
C TRP B 609 -9.00 16.87 -29.64
N THR B 610 -9.96 17.49 -30.30
CA THR B 610 -11.11 16.74 -30.82
C THR B 610 -10.87 16.24 -32.26
N GLY B 611 -9.67 16.44 -32.77
CA GLY B 611 -9.33 16.04 -34.13
C GLY B 611 -9.98 16.87 -35.21
N THR B 612 -10.31 18.13 -34.89
CA THR B 612 -10.84 19.04 -35.89
C THR B 612 -9.65 19.76 -36.53
N PRO B 613 -9.48 19.61 -37.85
CA PRO B 613 -8.38 20.34 -38.51
C PRO B 613 -8.49 21.83 -38.27
N VAL B 614 -7.35 22.50 -38.11
CA VAL B 614 -7.32 23.97 -38.14
C VAL B 614 -6.38 24.42 -39.26
N VAL B 615 -6.83 25.36 -40.08
CA VAL B 615 -5.98 25.84 -41.17
C VAL B 615 -5.48 27.21 -40.78
N THR B 616 -4.18 27.42 -40.93
CA THR B 616 -3.54 28.65 -40.46
C THR B 616 -2.65 29.27 -41.54
N LEU B 617 -2.31 30.55 -41.36
CA LEU B 617 -1.37 31.25 -42.22
C LEU B 617 -0.40 32.02 -41.31
N PRO B 618 0.82 31.48 -41.11
CA PRO B 618 1.75 32.08 -40.17
C PRO B 618 2.30 33.40 -40.71
N GLY B 619 2.59 34.33 -39.81
CA GLY B 619 3.26 35.57 -40.18
C GLY B 619 4.66 35.58 -39.65
N GLU B 620 5.04 36.74 -39.13
CA GLU B 620 6.42 36.94 -38.67
C GLU B 620 6.56 37.01 -37.14
N THR B 621 5.61 37.62 -36.45
CA THR B 621 5.61 37.62 -34.97
C THR B 621 5.41 36.20 -34.41
N LEU B 622 5.95 35.93 -33.22
CA LEU B 622 5.75 34.63 -32.56
C LEU B 622 4.27 34.27 -32.47
N ALA B 623 3.45 35.24 -32.08
CA ALA B 623 2.02 35.01 -31.86
C ALA B 623 1.27 34.68 -33.14
N SER B 624 1.90 34.97 -34.29
CA SER B 624 1.39 34.66 -35.62
C SER B 624 1.65 33.23 -36.04
N ARG B 625 2.64 32.62 -35.39
CA ARG B 625 3.21 31.37 -35.88
C ARG B 625 2.95 30.15 -35.00
N VAL B 626 2.10 30.29 -33.99
CA VAL B 626 1.95 29.24 -32.99
C VAL B 626 1.17 28.05 -33.56
N ALA B 627 0.07 28.29 -34.25
CA ALA B 627 -0.68 27.18 -34.85
C ALA B 627 0.14 26.36 -35.86
N ALA B 628 0.95 27.05 -36.67
CA ALA B 628 1.88 26.39 -37.58
C ALA B 628 2.80 25.44 -36.82
N SER B 629 3.36 25.91 -35.72
CA SER B 629 4.17 25.09 -34.84
C SER B 629 3.40 23.88 -34.32
N GLN B 630 2.17 24.09 -33.88
CA GLN B 630 1.36 22.98 -33.38
C GLN B 630 1.10 21.96 -34.50
N LEU B 631 0.66 22.45 -35.66
CA LEU B 631 0.40 21.58 -36.82
C LEU B 631 1.61 20.81 -37.29
N ALA B 632 2.78 21.46 -37.26
CA ALA B 632 4.04 20.81 -37.67
C ALA B 632 4.35 19.61 -36.76
N THR B 633 4.12 19.79 -35.47
CA THR B 633 4.36 18.75 -34.48
C THR B 633 3.38 17.63 -34.72
N LEU B 634 2.17 18.00 -35.14
CA LEU B 634 1.13 17.02 -35.44
C LEU B 634 1.39 16.27 -36.74
N GLY B 635 2.28 16.79 -37.58
CA GLY B 635 2.61 16.16 -38.85
C GLY B 635 1.57 16.43 -39.92
N CYS B 636 1.09 17.67 -39.95
CA CYS B 636 0.07 18.10 -40.89
C CYS B 636 0.44 19.44 -41.53
N PRO B 637 1.60 19.50 -42.18
CA PRO B 637 1.98 20.76 -42.81
C PRO B 637 1.01 21.21 -43.90
N GLU B 638 0.28 20.27 -44.50
CA GLU B 638 -0.67 20.60 -45.55
C GLU B 638 -1.75 21.59 -45.10
N LEU B 639 -1.86 21.79 -43.79
CA LEU B 639 -2.80 22.78 -43.25
C LEU B 639 -2.18 24.14 -42.98
N ILE B 640 -0.90 24.31 -43.31
CA ILE B 640 -0.19 25.57 -43.13
C ILE B 640 -0.11 26.26 -44.48
N ALA B 641 -0.84 27.36 -44.64
CA ALA B 641 -0.81 28.12 -45.89
C ALA B 641 0.46 28.94 -46.00
N ARG B 642 0.73 29.49 -47.20
CA ARG B 642 1.88 30.39 -47.40
C ARG B 642 1.44 31.78 -47.81
N THR B 643 0.21 31.89 -48.32
CA THR B 643 -0.40 33.16 -48.75
C THR B 643 -1.88 33.19 -48.33
N ARG B 644 -2.49 34.37 -48.39
CA ARG B 644 -3.94 34.49 -48.21
C ARG B 644 -4.66 33.58 -49.21
N GLU B 645 -4.16 33.58 -50.45
CA GLU B 645 -4.78 32.81 -51.51
C GLU B 645 -4.79 31.33 -51.13
N GLU B 646 -3.63 30.83 -50.73
CA GLU B 646 -3.52 29.43 -50.30
C GLU B 646 -4.36 29.12 -49.06
N TYR B 647 -4.39 30.05 -48.10
CA TYR B 647 -5.24 29.95 -46.91
C TYR B 647 -6.67 29.67 -47.35
N GLN B 648 -7.22 30.56 -48.17
CA GLN B 648 -8.59 30.42 -48.68
C GLN B 648 -8.79 29.13 -49.47
N ASN B 649 -7.86 28.80 -50.36
CA ASN B 649 -8.00 27.59 -51.17
C ASN B 649 -7.98 26.32 -50.35
N ILE B 650 -7.10 26.25 -49.34
CA ILE B 650 -7.07 25.10 -48.43
C ILE B 650 -8.41 24.94 -47.71
N ALA B 651 -8.98 26.05 -47.24
CA ALA B 651 -10.29 26.01 -46.57
C ALA B 651 -11.46 25.68 -47.50
N ILE B 652 -11.39 26.18 -48.74
CA ILE B 652 -12.42 25.91 -49.75
C ILE B 652 -12.38 24.43 -50.21
N ARG B 653 -11.18 23.92 -50.47
CA ARG B 653 -10.99 22.52 -50.86
C ARG B 653 -11.57 21.57 -49.80
N LEU B 654 -11.33 21.88 -48.53
CA LEU B 654 -11.80 21.05 -47.41
C LEU B 654 -13.32 21.04 -47.20
N GLY B 655 -14.02 22.11 -47.61
CA GLY B 655 -15.46 22.14 -47.45
C GLY B 655 -16.16 21.62 -48.70
N THR B 656 -15.36 21.26 -49.70
CA THR B 656 -15.84 21.01 -51.05
C THR B 656 -15.57 19.56 -51.43
N LYS B 657 -14.49 18.99 -50.90
CA LYS B 657 -14.13 17.62 -51.19
C LYS B 657 -14.37 16.77 -49.96
N LYS B 658 -15.60 16.27 -49.82
CA LYS B 658 -16.02 15.46 -48.68
C LYS B 658 -15.03 14.36 -48.30
N GLU B 659 -14.52 13.66 -49.30
CA GLU B 659 -13.59 12.55 -49.08
C GLU B 659 -12.23 13.01 -48.57
N TYR B 660 -11.74 14.13 -49.09
CA TYR B 660 -10.49 14.69 -48.64
C TYR B 660 -10.60 15.20 -47.19
N LEU B 661 -11.70 15.88 -46.87
CA LEU B 661 -11.98 16.28 -45.49
C LEU B 661 -12.00 15.09 -44.54
N LYS B 662 -12.73 14.03 -44.90
CA LYS B 662 -12.77 12.82 -44.07
C LYS B 662 -11.39 12.21 -43.81
N ALA B 663 -10.55 12.16 -44.84
CA ALA B 663 -9.20 11.61 -44.71
C ALA B 663 -8.32 12.44 -43.77
N LEU B 664 -8.40 13.76 -43.90
CA LEU B 664 -7.62 14.64 -43.06
C LEU B 664 -8.05 14.65 -41.60
N ARG B 665 -9.35 14.60 -41.33
CA ARG B 665 -9.85 14.55 -39.94
C ARG B 665 -9.44 13.26 -39.26
N ALA B 666 -9.27 12.20 -40.05
CA ALA B 666 -8.82 10.92 -39.52
C ALA B 666 -7.35 10.99 -39.21
N LYS B 667 -6.59 11.61 -40.11
CA LYS B 667 -5.17 11.80 -39.90
C LYS B 667 -4.93 12.61 -38.63
N VAL B 668 -5.66 13.72 -38.49
CA VAL B 668 -5.50 14.61 -37.34
C VAL B 668 -5.85 13.87 -36.06
N TRP B 669 -6.91 13.07 -36.11
CA TRP B 669 -7.31 12.24 -34.98
C TRP B 669 -6.22 11.26 -34.60
N LYS B 670 -5.68 10.56 -35.59
CA LYS B 670 -4.59 9.61 -35.38
C LYS B 670 -3.37 10.30 -34.75
N ALA B 671 -2.98 11.46 -35.31
CA ALA B 671 -1.79 12.18 -34.90
C ALA B 671 -1.90 12.72 -33.47
N ARG B 672 -3.12 13.01 -33.05
CA ARG B 672 -3.33 13.57 -31.72
C ARG B 672 -2.89 12.63 -30.59
N VAL B 673 -3.01 11.31 -30.80
CA VAL B 673 -2.50 10.37 -29.80
C VAL B 673 -1.09 9.85 -30.10
N GLU B 674 -0.73 9.77 -31.37
CA GLU B 674 0.58 9.26 -31.74
C GLU B 674 1.72 10.28 -31.59
N SER B 675 1.40 11.58 -31.70
CA SER B 675 2.44 12.60 -31.81
C SER B 675 2.83 13.22 -30.46
N PRO B 676 3.91 14.04 -30.43
CA PRO B 676 4.29 14.60 -29.13
C PRO B 676 3.40 15.74 -28.65
N LEU B 677 2.58 16.31 -29.54
CA LEU B 677 1.82 17.52 -29.19
C LEU B 677 1.15 17.53 -27.82
N PHE B 678 0.50 16.44 -27.45
CA PHE B 678 -0.18 16.35 -26.16
C PHE B 678 0.55 15.43 -25.17
N ASP B 679 1.81 15.08 -25.48
CA ASP B 679 2.59 14.19 -24.64
C ASP B 679 3.35 15.00 -23.58
N CYS B 680 2.77 15.11 -22.39
CA CYS B 680 3.38 15.94 -21.35
C CYS B 680 4.74 15.46 -20.83
N SER B 681 5.01 14.14 -20.92
CA SER B 681 6.32 13.61 -20.50
C SER B 681 7.46 13.90 -21.45
N GLN B 682 7.21 13.79 -22.75
CA GLN B 682 8.20 14.20 -23.75
C GLN B 682 8.56 15.65 -23.53
N TYR B 683 7.55 16.45 -23.19
CA TYR B 683 7.74 17.88 -22.98
C TYR B 683 8.68 18.14 -21.78
N ALA B 684 8.39 17.51 -20.63
CA ALA B 684 9.31 17.57 -19.49
C ALA B 684 10.75 17.15 -19.83
N LYS B 685 10.92 16.09 -20.61
CA LYS B 685 12.27 15.70 -21.02
C LYS B 685 12.95 16.84 -21.77
N GLY B 686 12.22 17.47 -22.68
CA GLY B 686 12.76 18.53 -23.52
C GLY B 686 13.18 19.74 -22.72
N LEU B 687 12.34 20.12 -21.76
CA LEU B 687 12.71 21.19 -20.88
C LEU B 687 14.02 20.86 -20.17
N GLU B 688 14.11 19.65 -19.65
CA GLU B 688 15.31 19.18 -18.95
C GLU B 688 16.59 19.33 -19.80
N LYS B 689 16.58 18.80 -21.02
CA LYS B 689 17.72 18.95 -21.93
C LYS B 689 18.13 20.40 -22.13
N LEU B 690 17.14 21.25 -22.32
CA LEU B 690 17.35 22.68 -22.51
C LEU B 690 17.99 23.27 -21.26
N PHE B 691 17.44 22.94 -20.08
CA PHE B 691 18.00 23.44 -18.83
C PHE B 691 19.45 23.01 -18.61
N LEU B 692 19.74 21.74 -18.92
CA LEU B 692 21.09 21.19 -18.80
C LEU B 692 22.06 21.97 -19.68
N ARG B 693 21.62 22.22 -20.90
CA ARG B 693 22.41 22.92 -21.89
C ARG B 693 22.69 24.34 -21.41
N MET B 694 21.68 25.01 -20.88
CA MET B 694 21.87 26.35 -20.31
C MET B 694 22.91 26.32 -19.19
N TRP B 695 22.81 25.36 -18.29
CA TRP B 695 23.81 25.23 -17.25
C TRP B 695 25.19 24.93 -17.73
N GLU B 696 25.33 24.00 -18.68
CA GLU B 696 26.64 23.66 -19.24
C GLU B 696 27.36 24.91 -19.71
N LYS B 697 26.65 25.79 -20.43
CA LYS B 697 27.26 27.01 -20.94
C LYS B 697 27.70 27.89 -19.81
N TYR B 698 26.89 27.94 -18.76
CA TYR B 698 27.18 28.79 -17.62
C TYR B 698 28.39 28.26 -16.88
N GLU B 699 28.49 26.94 -16.75
CA GLU B 699 29.58 26.27 -16.02
C GLU B 699 30.93 26.55 -16.66
N ASN B 700 30.96 26.49 -18.00
CA ASN B 700 32.06 27.05 -18.77
C ASN B 700 31.92 28.56 -18.82
N GLY B 701 32.85 29.26 -19.44
CA GLY B 701 32.77 30.72 -19.33
C GLY B 701 31.82 31.32 -20.33
N GLU B 702 30.83 30.54 -20.77
CA GLU B 702 30.09 30.91 -21.98
C GLU B 702 28.92 31.87 -21.79
N LEU B 703 28.94 32.95 -22.55
CA LEU B 703 27.78 33.84 -22.69
C LEU B 703 26.60 33.09 -23.32
N PRO B 704 25.35 33.49 -22.96
CA PRO B 704 24.20 32.84 -23.62
C PRO B 704 24.24 32.96 -25.15
N ASP B 705 23.86 31.89 -25.82
CA ASP B 705 23.81 31.83 -27.26
C ASP B 705 22.66 30.86 -27.59
N HIS B 706 22.23 30.80 -28.84
CA HIS B 706 21.10 29.93 -29.18
C HIS B 706 21.47 28.50 -28.92
N ILE B 707 20.48 27.73 -28.46
CA ILE B 707 20.68 26.31 -28.13
C ILE B 707 19.46 25.53 -28.61
N SER B 708 19.53 24.20 -28.55
CA SER B 708 18.42 23.34 -28.95
C SER B 708 18.51 22.07 -28.14
N ALA B 709 17.38 21.39 -27.97
CA ALA B 709 17.31 20.15 -27.20
C ALA B 709 17.80 18.90 -27.95
N VAL B 710 17.30 18.67 -29.17
CA VAL B 710 17.64 17.50 -30.00
C VAL B 710 18.99 17.65 -30.70
N GLY C 1 -6.96 23.19 14.98
CA GLY C 1 -8.21 23.27 15.81
C GLY C 1 -9.38 22.55 15.16
N PRO C 2 -10.59 23.12 15.28
CA PRO C 2 -11.80 22.59 14.63
C PRO C 2 -12.29 23.36 13.37
N CYS C 3 -12.25 22.81 12.15
CA CYS C 3 -11.52 21.60 11.71
C CYS C 3 -11.91 20.23 12.30
N SER C 4 -11.69 20.03 13.60
CA SER C 4 -12.26 18.89 14.33
C SER C 4 -13.77 18.98 14.39
N ASN C 5 -14.29 20.19 14.14
CA ASN C 5 -15.71 20.38 13.94
C ASN C 5 -16.17 19.92 12.56
N HIS C 6 -15.34 20.11 11.53
CA HIS C 6 -15.63 19.57 10.19
C HIS C 6 -15.65 18.07 10.20
N ALA C 7 -14.68 17.46 10.90
CA ALA C 7 -14.64 16.01 11.09
C ALA C 7 -15.91 15.48 11.76
N ASP C 8 -16.46 16.25 12.71
CA ASP C 8 -17.74 15.94 13.36
C ASP C 8 -18.91 15.89 12.39
N SER C 9 -18.96 16.84 11.45
CA SER C 9 -20.02 16.89 10.45
C SER C 9 -20.04 15.60 9.63
N LEU C 10 -18.85 15.23 9.16
CA LEU C 10 -18.66 14.04 8.34
C LEU C 10 -18.94 12.75 9.08
N ASN C 11 -18.47 12.68 10.32
CA ASN C 11 -18.70 11.50 11.18
C ASN C 11 -20.20 11.25 11.44
N ASN C 12 -20.92 12.32 11.75
CA ASN C 12 -22.37 12.24 11.96
C ASN C 12 -23.16 11.99 10.66
N LEU C 13 -22.67 12.55 9.55
CA LEU C 13 -23.23 12.30 8.22
C LEU C 13 -23.05 10.84 7.84
N ALA C 14 -21.83 10.33 8.06
CA ALA C 14 -21.56 8.92 7.87
C ALA C 14 -22.47 8.06 8.76
N ASN C 15 -22.69 8.53 10.00
CA ASN C 15 -23.61 7.86 10.93
C ASN C 15 -25.05 7.81 10.39
N ILE C 16 -25.54 8.95 9.89
CA ILE C 16 -26.84 9.03 9.19
C ILE C 16 -26.92 8.04 8.00
N LYS C 17 -25.88 8.02 7.18
CA LYS C 17 -25.83 7.11 6.03
C LYS C 17 -25.80 5.65 6.44
N ARG C 18 -25.21 5.37 7.60
CA ARG C 18 -25.14 4.02 8.13
C ARG C 18 -26.49 3.53 8.66
N GLU C 19 -27.23 4.43 9.32
CA GLU C 19 -28.58 4.13 9.81
C GLU C 19 -29.51 3.73 8.67
N GLN C 20 -29.41 4.44 7.54
CA GLN C 20 -30.25 4.20 6.37
C GLN C 20 -29.85 2.94 5.58
N GLY C 21 -28.70 2.35 5.92
CA GLY C 21 -28.22 1.14 5.27
C GLY C 21 -27.33 1.36 4.06
N TYR C 22 -26.79 2.58 3.92
CA TYR C 22 -25.82 2.90 2.86
C TYR C 22 -24.41 2.69 3.36
N ILE C 23 -23.98 1.43 3.35
CA ILE C 23 -22.72 1.01 3.97
C ILE C 23 -21.48 1.56 3.25
N GLU C 24 -21.49 1.55 1.91
CA GLU C 24 -20.40 2.09 1.10
C GLU C 24 -20.18 3.60 1.31
N GLU C 25 -21.27 4.36 1.25
CA GLU C 25 -21.26 5.80 1.52
C GLU C 25 -20.67 6.12 2.91
N ALA C 26 -21.16 5.44 3.94
CA ALA C 26 -20.69 5.63 5.31
C ALA C 26 -19.19 5.40 5.42
N THR C 27 -18.71 4.28 4.86
CA THR C 27 -17.27 3.95 4.82
C THR C 27 -16.47 5.13 4.26
N ARG C 28 -16.89 5.63 3.10
CA ARG C 28 -16.22 6.73 2.43
C ARG C 28 -16.22 7.99 3.29
N LEU C 29 -17.35 8.27 3.95
CA LEU C 29 -17.50 9.44 4.82
C LEU C 29 -16.68 9.34 6.10
N TYR C 30 -16.58 8.15 6.69
CA TYR C 30 -15.68 7.92 7.83
C TYR C 30 -14.21 8.10 7.43
N LEU C 31 -13.85 7.64 6.24
CA LEU C 31 -12.52 7.85 5.67
C LEU C 31 -12.23 9.34 5.49
N LYS C 32 -13.21 10.05 4.92
CA LYS C 32 -13.11 11.49 4.69
C LYS C 32 -12.94 12.26 6.02
N ALA C 33 -13.64 11.80 7.07
CA ALA C 33 -13.49 12.37 8.41
C ALA C 33 -12.07 12.18 8.99
N LEU C 34 -11.44 11.07 8.64
CA LEU C 34 -10.09 10.73 9.16
C LEU C 34 -8.96 11.37 8.36
N GLU C 35 -9.18 11.58 7.07
CA GLU C 35 -8.30 12.42 6.25
C GLU C 35 -8.25 13.85 6.80
N VAL C 36 -9.38 14.32 7.34
CA VAL C 36 -9.53 15.68 7.86
C VAL C 36 -9.00 15.84 9.28
N PHE C 37 -9.20 14.83 10.11
CA PHE C 37 -8.69 14.85 11.49
C PHE C 37 -8.38 13.41 11.88
N PRO C 38 -7.12 12.99 11.70
CA PRO C 38 -6.70 11.60 11.96
C PRO C 38 -6.88 11.12 13.41
N ASP C 39 -6.62 11.98 14.39
CA ASP C 39 -6.70 11.57 15.82
C ASP C 39 -8.12 11.56 16.41
N PHE C 40 -9.07 11.02 15.63
CA PHE C 40 -10.50 11.00 15.96
C PHE C 40 -10.94 9.59 16.36
N ALA C 41 -11.00 9.36 17.67
CA ALA C 41 -11.30 8.05 18.22
C ALA C 41 -12.62 7.48 17.71
N ALA C 42 -13.70 8.24 17.89
CA ALA C 42 -15.03 7.81 17.51
C ALA C 42 -15.12 7.36 16.05
N ALA C 43 -14.47 8.10 15.16
CA ALA C 43 -14.49 7.79 13.73
C ALA C 43 -13.78 6.47 13.36
N HIS C 44 -12.62 6.21 13.97
CA HIS C 44 -11.91 4.94 13.77
C HIS C 44 -12.75 3.78 14.18
N SER C 45 -13.43 3.91 15.32
CA SER C 45 -14.29 2.85 15.84
C SER C 45 -15.50 2.58 14.93
N ASN C 46 -16.09 3.66 14.41
CA ASN C 46 -17.28 3.55 13.58
C ASN C 46 -16.96 2.91 12.25
N LEU C 47 -15.88 3.37 11.64
CA LEU C 47 -15.36 2.79 10.40
C LEU C 47 -15.08 1.30 10.57
N ALA C 48 -14.45 0.96 11.69
CA ALA C 48 -14.09 -0.42 11.98
C ALA C 48 -15.32 -1.33 12.03
N SER C 49 -16.41 -0.86 12.66
CA SER C 49 -17.63 -1.68 12.80
C SER C 49 -18.42 -1.77 11.51
N VAL C 50 -18.24 -0.79 10.63
CA VAL C 50 -18.80 -0.82 9.30
C VAL C 50 -17.99 -1.80 8.45
N LEU C 51 -16.67 -1.76 8.63
CA LEU C 51 -15.74 -2.69 7.98
C LEU C 51 -15.98 -4.14 8.43
N GLN C 52 -16.32 -4.32 9.70
CA GLN C 52 -16.68 -5.64 10.24
C GLN C 52 -17.94 -6.20 9.58
N GLN C 53 -18.95 -5.35 9.41
CA GLN C 53 -20.20 -5.72 8.73
C GLN C 53 -19.96 -6.29 7.33
N GLN C 54 -19.06 -5.65 6.60
CA GLN C 54 -18.78 -5.98 5.21
C GLN C 54 -17.85 -7.19 5.01
N GLY C 55 -17.38 -7.77 6.12
CA GLY C 55 -16.51 -8.94 6.06
C GLY C 55 -15.03 -8.62 5.97
N LYS C 56 -14.71 -7.33 5.93
CA LYS C 56 -13.31 -6.87 5.97
C LYS C 56 -12.77 -6.88 7.42
N LEU C 57 -12.64 -8.09 7.97
CA LEU C 57 -12.22 -8.31 9.35
C LEU C 57 -10.81 -7.82 9.67
N LYS C 58 -9.90 -7.96 8.71
CA LYS C 58 -8.51 -7.56 8.91
C LYS C 58 -8.38 -6.03 9.00
N GLU C 59 -9.16 -5.31 8.20
CA GLU C 59 -9.19 -3.84 8.21
C GLU C 59 -9.87 -3.26 9.44
N ALA C 60 -11.02 -3.82 9.81
CA ALA C 60 -11.70 -3.47 11.06
C ALA C 60 -10.73 -3.46 12.25
N LEU C 61 -10.03 -4.57 12.40
CA LEU C 61 -9.05 -4.79 13.46
C LEU C 61 -8.01 -3.70 13.51
N MET C 62 -7.58 -3.22 12.35
CA MET C 62 -6.61 -2.12 12.27
C MET C 62 -7.17 -0.81 12.85
N HIS C 63 -8.43 -0.52 12.59
CA HIS C 63 -9.03 0.74 13.03
C HIS C 63 -9.55 0.77 14.46
N TYR C 64 -9.93 -0.39 15.00
CA TYR C 64 -10.26 -0.47 16.42
C TYR C 64 -9.02 -0.15 17.25
N LYS C 65 -7.89 -0.68 16.80
CA LYS C 65 -6.61 -0.45 17.47
C LYS C 65 -6.20 1.02 17.42
N GLU C 66 -6.42 1.69 16.30
CA GLU C 66 -6.24 3.14 16.27
C GLU C 66 -7.17 3.86 17.26
N ALA C 67 -8.42 3.44 17.33
CA ALA C 67 -9.35 4.03 18.31
C ALA C 67 -8.84 3.84 19.74
N ILE C 68 -8.36 2.65 20.06
CA ILE C 68 -7.90 2.31 21.41
C ILE C 68 -6.58 3.00 21.77
N ARG C 69 -5.69 3.17 20.79
CA ARG C 69 -4.46 3.91 21.00
C ARG C 69 -4.76 5.36 21.39
N ILE C 70 -5.62 6.03 20.62
CA ILE C 70 -6.01 7.42 20.86
C ILE C 70 -6.78 7.52 22.20
N GLN C 71 -7.74 6.63 22.42
CA GLN C 71 -8.55 6.63 23.64
C GLN C 71 -8.47 5.28 24.37
N PRO C 72 -7.45 5.10 25.23
CA PRO C 72 -7.22 3.83 25.96
C PRO C 72 -8.37 3.32 26.84
N THR C 73 -9.29 4.19 27.23
CA THR C 73 -10.42 3.80 28.10
C THR C 73 -11.73 3.60 27.32
N PHE C 74 -11.59 3.40 26.00
CA PHE C 74 -12.69 3.17 25.08
C PHE C 74 -13.12 1.69 25.18
N ALA C 75 -13.75 1.35 26.31
CA ALA C 75 -14.24 -0.01 26.56
C ALA C 75 -15.06 -0.61 25.42
N ASP C 76 -15.88 0.21 24.76
CA ASP C 76 -16.72 -0.26 23.66
C ASP C 76 -15.92 -0.72 22.43
N ALA C 77 -14.82 -0.03 22.15
CA ALA C 77 -13.92 -0.41 21.06
C ALA C 77 -13.25 -1.74 21.35
N TYR C 78 -12.81 -1.94 22.60
CA TYR C 78 -12.26 -3.21 23.04
C TYR C 78 -13.26 -4.33 22.83
N SER C 79 -14.54 -4.05 23.09
CA SER C 79 -15.57 -5.06 23.00
C SER C 79 -15.80 -5.50 21.56
N ASN C 80 -15.94 -4.53 20.66
CA ASN C 80 -16.16 -4.84 19.24
C ASN C 80 -14.97 -5.45 18.52
N MET C 81 -13.77 -5.09 18.98
CA MET C 81 -12.54 -5.69 18.52
C MET C 81 -12.52 -7.16 18.92
N GLY C 82 -12.95 -7.44 20.14
CA GLY C 82 -13.07 -8.81 20.63
C GLY C 82 -13.91 -9.68 19.72
N ASN C 83 -15.03 -9.12 19.24
CA ASN C 83 -15.91 -9.80 18.27
C ASN C 83 -15.24 -10.06 16.92
N THR C 84 -14.48 -9.09 16.44
CA THR C 84 -13.73 -9.27 15.18
C THR C 84 -12.65 -10.35 15.34
N LEU C 85 -11.91 -10.30 16.43
CA LEU C 85 -10.94 -11.34 16.76
C LEU C 85 -11.60 -12.73 16.89
N LYS C 86 -12.84 -12.74 17.39
CA LYS C 86 -13.64 -13.97 17.53
C LYS C 86 -13.93 -14.58 16.16
N GLU C 87 -14.47 -13.76 15.26
CA GLU C 87 -14.77 -14.16 13.89
C GLU C 87 -13.54 -14.65 13.10
N LEU C 88 -12.36 -14.16 13.46
CA LEU C 88 -11.11 -14.55 12.81
C LEU C 88 -10.44 -15.77 13.44
N GLN C 89 -11.22 -16.55 14.19
CA GLN C 89 -10.73 -17.77 14.86
C GLN C 89 -9.74 -17.53 16.02
N ASP C 90 -9.48 -16.27 16.34
CA ASP C 90 -8.59 -15.94 17.45
C ASP C 90 -9.36 -15.82 18.77
N VAL C 91 -9.69 -16.98 19.33
CA VAL C 91 -10.41 -17.08 20.61
C VAL C 91 -9.56 -16.49 21.74
N SER C 92 -8.26 -16.65 21.59
CA SER C 92 -7.26 -16.16 22.53
C SER C 92 -7.32 -14.63 22.66
N GLY C 93 -7.24 -13.95 21.52
CA GLY C 93 -7.26 -12.49 21.46
C GLY C 93 -8.57 -11.88 21.91
N ALA C 94 -9.67 -12.45 21.41
CA ALA C 94 -11.02 -12.05 21.78
C ALA C 94 -11.21 -12.03 23.29
N LEU C 95 -10.71 -13.07 23.94
CA LEU C 95 -10.80 -13.22 25.38
C LEU C 95 -10.13 -12.04 26.10
N GLN C 96 -8.99 -11.57 25.57
CA GLN C 96 -8.26 -10.46 26.19
C GLN C 96 -9.00 -9.12 26.07
N CYS C 97 -9.59 -8.92 24.89
CA CYS C 97 -10.35 -7.70 24.61
C CYS C 97 -11.55 -7.56 25.53
N TYR C 98 -12.30 -8.65 25.69
CA TYR C 98 -13.46 -8.65 26.56
C TYR C 98 -13.04 -8.49 28.01
N THR C 99 -11.93 -9.13 28.39
CA THR C 99 -11.36 -8.97 29.72
C THR C 99 -11.06 -7.50 29.95
N ARG C 100 -10.35 -6.89 29.00
CA ARG C 100 -9.92 -5.50 29.11
C ARG C 100 -11.12 -4.58 29.29
N ALA C 101 -12.16 -4.82 28.50
CA ALA C 101 -13.41 -4.07 28.56
C ALA C 101 -14.05 -4.16 29.94
N ILE C 102 -13.92 -5.32 30.58
CA ILE C 102 -14.46 -5.52 31.93
C ILE C 102 -13.61 -4.84 33.00
N GLN C 103 -12.30 -4.74 32.74
CA GLN C 103 -11.39 -4.02 33.63
C GLN C 103 -11.64 -2.52 33.57
N ILE C 104 -11.86 -2.00 32.36
CA ILE C 104 -12.19 -0.59 32.19
C ILE C 104 -13.53 -0.30 32.84
N ASN C 105 -14.48 -1.22 32.70
CA ASN C 105 -15.84 -1.03 33.15
C ASN C 105 -16.45 -2.37 33.54
N PRO C 106 -16.35 -2.73 34.83
CA PRO C 106 -16.94 -3.99 35.28
C PRO C 106 -18.46 -4.04 35.06
N ALA C 107 -19.12 -2.91 34.85
CA ALA C 107 -20.58 -2.92 34.72
C ALA C 107 -21.03 -2.94 33.26
N PHE C 108 -20.08 -3.17 32.36
CA PHE C 108 -20.34 -3.19 30.93
C PHE C 108 -20.99 -4.52 30.57
N ALA C 109 -22.32 -4.54 30.55
CA ALA C 109 -23.07 -5.77 30.32
C ALA C 109 -22.66 -6.55 29.06
N ASP C 110 -22.42 -5.85 27.95
CA ASP C 110 -22.14 -6.54 26.69
C ASP C 110 -20.85 -7.36 26.72
N ALA C 111 -19.82 -6.80 27.38
CA ALA C 111 -18.54 -7.49 27.52
C ALA C 111 -18.68 -8.80 28.32
N HIS C 112 -19.51 -8.79 29.36
CA HIS C 112 -19.82 -9.99 30.11
C HIS C 112 -20.51 -11.00 29.25
N SER C 113 -21.41 -10.53 28.40
CA SER C 113 -22.16 -11.41 27.51
C SER C 113 -21.26 -11.96 26.40
N ASN C 114 -20.39 -11.12 25.86
CA ASN C 114 -19.40 -11.55 24.87
C ASN C 114 -18.42 -12.58 25.45
N LEU C 115 -17.97 -12.33 26.66
CA LEU C 115 -17.13 -13.29 27.37
C LEU C 115 -17.88 -14.62 27.49
N ALA C 116 -19.13 -14.55 27.95
CA ALA C 116 -19.96 -15.73 28.08
C ALA C 116 -20.03 -16.56 26.78
N SER C 117 -20.03 -15.88 25.63
CA SER C 117 -20.07 -16.56 24.34
C SER C 117 -18.80 -17.37 24.06
N ILE C 118 -17.64 -16.82 24.45
CA ILE C 118 -16.40 -17.58 24.37
C ILE C 118 -16.53 -18.87 25.20
N HIS C 119 -16.84 -18.75 26.49
CA HIS C 119 -17.02 -19.90 27.35
C HIS C 119 -17.95 -20.92 26.76
N LYS C 120 -19.09 -20.47 26.23
CA LYS C 120 -20.09 -21.34 25.61
C LYS C 120 -19.52 -22.05 24.40
N ASP C 121 -18.81 -21.32 23.55
CA ASP C 121 -18.16 -21.90 22.38
C ASP C 121 -17.17 -22.99 22.73
N SER C 122 -16.47 -22.82 23.83
CA SER C 122 -15.44 -23.78 24.26
C SER C 122 -15.99 -24.92 25.13
N GLY C 123 -17.31 -25.06 25.18
CA GLY C 123 -17.92 -26.14 25.96
C GLY C 123 -17.92 -25.91 27.46
N ASN C 124 -17.43 -24.75 27.89
CA ASN C 124 -17.44 -24.39 29.30
C ASN C 124 -18.77 -23.75 29.73
N ILE C 125 -19.80 -24.59 29.88
CA ILE C 125 -21.16 -24.09 30.06
C ILE C 125 -21.41 -23.48 31.45
N PRO C 126 -20.92 -24.08 32.54
CA PRO C 126 -21.17 -23.42 33.84
C PRO C 126 -20.63 -22.00 33.91
N GLU C 127 -19.42 -21.79 33.39
CA GLU C 127 -18.84 -20.45 33.37
C GLU C 127 -19.63 -19.49 32.48
N ALA C 128 -19.95 -19.92 31.27
CA ALA C 128 -20.84 -19.17 30.38
C ALA C 128 -22.14 -18.72 31.07
N ILE C 129 -22.78 -19.61 31.82
CA ILE C 129 -24.01 -19.30 32.52
C ILE C 129 -23.80 -18.17 33.53
N GLN C 130 -22.70 -18.23 34.29
CA GLN C 130 -22.39 -17.14 35.22
C GLN C 130 -22.29 -15.80 34.51
N SER C 131 -21.47 -15.75 33.46
CA SER C 131 -21.29 -14.51 32.70
C SER C 131 -22.58 -13.97 32.09
N TYR C 132 -23.43 -14.84 31.52
CA TYR C 132 -24.72 -14.41 31.00
C TYR C 132 -25.59 -13.89 32.12
N ARG C 133 -25.63 -14.61 33.24
CA ARG C 133 -26.39 -14.15 34.42
C ARG C 133 -25.91 -12.75 34.83
N THR C 134 -24.59 -12.58 34.89
CA THR C 134 -23.99 -11.27 35.20
C THR C 134 -24.45 -10.18 34.24
N ALA C 135 -24.38 -10.49 32.95
CA ALA C 135 -24.83 -9.54 31.95
C ALA C 135 -26.28 -9.13 32.21
N LEU C 136 -27.12 -10.10 32.55
CA LEU C 136 -28.54 -9.80 32.69
C LEU C 136 -28.89 -9.05 33.97
N LYS C 137 -28.07 -9.22 35.02
CA LYS C 137 -28.24 -8.41 36.23
C LYS C 137 -27.95 -6.95 35.92
N LEU C 138 -26.89 -6.71 35.15
CA LEU C 138 -26.50 -5.35 34.78
C LEU C 138 -27.46 -4.75 33.77
N LYS C 139 -27.83 -5.53 32.77
CA LYS C 139 -28.81 -5.09 31.75
C LYS C 139 -29.91 -6.14 31.54
N PRO C 140 -31.03 -6.04 32.29
CA PRO C 140 -32.08 -7.06 32.22
C PRO C 140 -32.77 -7.19 30.86
N ASP C 141 -32.81 -6.13 30.07
CA ASP C 141 -33.41 -6.18 28.75
C ASP C 141 -32.31 -6.35 27.71
N PHE C 142 -31.79 -7.58 27.62
CA PHE C 142 -30.65 -7.90 26.79
C PHE C 142 -30.92 -9.17 25.97
N PRO C 143 -31.79 -9.07 24.93
CA PRO C 143 -32.18 -10.20 24.08
C PRO C 143 -31.04 -11.18 23.73
N ASP C 144 -29.89 -10.69 23.29
CA ASP C 144 -28.78 -11.59 22.95
C ASP C 144 -28.33 -12.44 24.14
N ALA C 145 -28.14 -11.80 25.30
CA ALA C 145 -27.75 -12.51 26.52
C ALA C 145 -28.84 -13.49 26.93
N TYR C 146 -30.09 -13.06 26.89
CA TYR C 146 -31.20 -13.91 27.29
C TYR C 146 -31.27 -15.18 26.45
N CYS C 147 -31.16 -15.04 25.14
CA CYS C 147 -31.35 -16.19 24.25
C CYS C 147 -30.20 -17.17 24.33
N ASN C 148 -29.00 -16.65 24.48
CA ASN C 148 -27.86 -17.52 24.68
C ASN C 148 -27.88 -18.22 26.03
N LEU C 149 -28.36 -17.54 27.07
CA LEU C 149 -28.52 -18.18 28.37
C LEU C 149 -29.55 -19.31 28.26
N ALA C 150 -30.66 -19.01 27.59
CA ALA C 150 -31.69 -20.00 27.39
C ALA C 150 -31.10 -21.25 26.73
N HIS C 151 -30.27 -21.06 25.70
CA HIS C 151 -29.60 -22.20 25.07
C HIS C 151 -28.71 -22.98 25.98
N CYS C 152 -28.00 -22.31 26.90
CA CYS C 152 -27.15 -23.00 27.88
C CYS C 152 -27.96 -23.83 28.85
N LEU C 153 -29.10 -23.28 29.28
CA LEU C 153 -29.99 -24.02 30.17
C LEU C 153 -30.57 -25.27 29.52
N GLN C 154 -30.73 -25.25 28.19
CA GLN C 154 -31.14 -26.45 27.43
C GLN C 154 -30.04 -27.51 27.46
N ILE C 155 -28.82 -27.09 27.20
CA ILE C 155 -27.65 -27.96 27.18
C ILE C 155 -27.46 -28.74 28.49
N VAL C 156 -27.94 -28.16 29.59
CA VAL C 156 -27.69 -28.68 30.94
C VAL C 156 -29.02 -29.14 31.58
N CYS C 157 -30.11 -29.10 30.82
CA CYS C 157 -31.42 -29.54 31.30
C CYS C 157 -31.86 -28.85 32.57
N ASP C 158 -31.55 -27.56 32.67
CA ASP C 158 -32.15 -26.73 33.69
C ASP C 158 -33.47 -26.24 33.14
N TRP C 159 -34.57 -26.73 33.72
CA TRP C 159 -35.89 -26.41 33.18
C TRP C 159 -36.71 -25.55 34.11
N THR C 160 -36.04 -24.83 35.00
CA THR C 160 -36.76 -23.94 35.90
C THR C 160 -37.33 -22.78 35.08
N ASP C 161 -38.61 -22.52 35.30
CA ASP C 161 -39.38 -21.51 34.55
C ASP C 161 -39.51 -21.82 33.04
N TYR C 162 -39.28 -23.08 32.68
CA TYR C 162 -39.29 -23.51 31.30
C TYR C 162 -40.41 -22.90 30.46
N ASP C 163 -41.65 -22.97 30.95
CA ASP C 163 -42.78 -22.52 30.14
C ASP C 163 -42.78 -21.02 29.86
N ILE C 164 -42.39 -20.22 30.86
CA ILE C 164 -42.33 -18.78 30.67
C ILE C 164 -41.10 -18.42 29.82
N ARG C 165 -39.98 -19.11 30.03
CA ARG C 165 -38.77 -18.91 29.24
C ARG C 165 -39.01 -19.13 27.74
N MET C 166 -39.69 -20.23 27.40
CA MET C 166 -40.04 -20.52 26.03
C MET C 166 -40.93 -19.44 25.43
N LYS C 167 -41.87 -18.91 26.22
CA LYS C 167 -42.75 -17.85 25.72
C LYS C 167 -41.97 -16.54 25.60
N LYS C 168 -41.07 -16.31 26.55
CA LYS C 168 -40.22 -15.12 26.51
C LYS C 168 -39.34 -15.10 25.28
N LEU C 169 -38.76 -16.24 24.95
CA LEU C 169 -38.02 -16.44 23.71
C LEU C 169 -38.85 -16.12 22.46
N VAL C 170 -40.08 -16.63 22.43
CA VAL C 170 -40.98 -16.42 21.30
C VAL C 170 -41.37 -14.94 21.15
N SER C 171 -41.62 -14.26 22.27
CA SER C 171 -41.85 -12.81 22.27
C SER C 171 -40.70 -12.07 21.63
N ILE C 172 -39.50 -12.30 22.13
CA ILE C 172 -38.32 -11.60 21.66
C ILE C 172 -38.14 -11.76 20.14
N VAL C 173 -38.21 -12.99 19.64
CA VAL C 173 -38.06 -13.27 18.22
C VAL C 173 -39.12 -12.54 17.37
N THR C 174 -40.39 -12.71 17.70
CA THR C 174 -41.48 -12.08 16.94
C THR C 174 -41.38 -10.56 16.94
N GLU C 175 -41.06 -9.99 18.11
CA GLU C 175 -40.74 -8.55 18.20
C GLU C 175 -39.60 -8.15 17.26
N GLN C 176 -38.49 -8.89 17.31
CA GLN C 176 -37.31 -8.57 16.51
C GLN C 176 -37.58 -8.63 15.02
N LEU C 177 -38.35 -9.64 14.60
CA LEU C 177 -38.76 -9.76 13.20
C LEU C 177 -39.61 -8.58 12.72
N GLU C 178 -40.53 -8.14 13.56
CA GLU C 178 -41.37 -6.97 13.25
C GLU C 178 -40.58 -5.65 13.17
N LYS C 179 -39.59 -5.48 14.04
CA LYS C 179 -38.72 -4.30 14.01
C LYS C 179 -37.61 -4.44 12.97
N ASN C 180 -37.71 -5.47 12.16
CA ASN C 180 -36.79 -5.71 11.05
C ASN C 180 -35.31 -5.85 11.47
N ARG C 181 -35.10 -6.48 12.62
CA ARG C 181 -33.76 -6.76 13.13
C ARG C 181 -33.43 -8.25 13.03
N LEU C 182 -32.14 -8.57 12.94
CA LEU C 182 -31.67 -9.96 13.01
C LEU C 182 -31.95 -10.52 14.40
N PRO C 183 -32.69 -11.64 14.49
CA PRO C 183 -33.13 -12.14 15.81
C PRO C 183 -31.99 -12.70 16.65
N SER C 184 -32.23 -12.83 17.94
CA SER C 184 -31.21 -13.31 18.87
C SER C 184 -31.07 -14.81 18.87
N VAL C 185 -31.98 -15.51 18.21
CA VAL C 185 -31.97 -16.96 18.22
C VAL C 185 -31.41 -17.47 16.89
N HIS C 186 -30.42 -18.36 16.97
CA HIS C 186 -29.76 -18.91 15.79
C HIS C 186 -30.66 -19.87 15.03
N PRO C 187 -30.62 -19.82 13.69
CA PRO C 187 -31.54 -20.69 12.96
C PRO C 187 -31.41 -22.18 13.34
N HIS C 188 -30.20 -22.60 13.67
CA HIS C 188 -29.96 -23.98 14.08
C HIS C 188 -30.61 -24.32 15.41
N HIS C 189 -30.76 -23.33 16.30
CA HIS C 189 -31.41 -23.57 17.58
C HIS C 189 -32.91 -23.52 17.48
N SER C 190 -33.41 -22.77 16.50
CA SER C 190 -34.84 -22.68 16.15
C SER C 190 -35.69 -23.88 16.47
N MET C 191 -35.17 -25.07 16.15
CA MET C 191 -35.96 -26.28 16.21
C MET C 191 -36.27 -26.77 17.62
N LEU C 192 -35.70 -26.12 18.63
CA LEU C 192 -35.94 -26.49 20.02
C LEU C 192 -37.13 -25.76 20.63
N TYR C 193 -37.42 -24.59 20.08
CA TYR C 193 -38.35 -23.65 20.67
C TYR C 193 -39.70 -23.61 19.91
N PRO C 194 -40.81 -23.32 20.63
CA PRO C 194 -42.16 -23.33 20.04
C PRO C 194 -42.46 -22.13 19.15
N LEU C 195 -41.54 -21.80 18.24
CA LEU C 195 -41.82 -20.81 17.21
C LEU C 195 -42.69 -21.42 16.12
N THR C 196 -43.53 -20.61 15.48
CA THR C 196 -44.20 -21.04 14.25
C THR C 196 -43.19 -21.37 13.15
N HIS C 197 -43.61 -22.14 12.15
CA HIS C 197 -42.75 -22.48 11.03
C HIS C 197 -42.36 -21.26 10.27
N ASP C 198 -43.31 -20.36 10.08
CA ASP C 198 -43.02 -19.08 9.43
C ASP C 198 -41.92 -18.30 10.14
N CYS C 199 -41.98 -18.24 11.46
CA CYS C 199 -40.93 -17.58 12.23
C CYS C 199 -39.57 -18.20 11.99
N ARG C 200 -39.50 -19.52 12.08
CA ARG C 200 -38.24 -20.22 11.88
C ARG C 200 -37.65 -19.94 10.51
N LYS C 201 -38.51 -19.88 9.50
CA LYS C 201 -38.06 -19.64 8.16
C LYS C 201 -37.57 -18.21 8.00
N ALA C 202 -38.23 -17.29 8.71
CA ALA C 202 -37.82 -15.88 8.66
C ALA C 202 -36.44 -15.67 9.29
N ILE C 203 -36.16 -16.38 10.37
CA ILE C 203 -34.84 -16.33 10.98
C ILE C 203 -33.82 -16.80 9.95
N ALA C 204 -34.11 -17.94 9.31
CA ALA C 204 -33.23 -18.52 8.30
C ALA C 204 -32.94 -17.54 7.15
N ALA C 205 -34.01 -16.94 6.59
CA ALA C 205 -33.90 -15.99 5.49
C ALA C 205 -33.00 -14.80 5.84
N ARG C 206 -33.12 -14.31 7.07
CA ARG C 206 -32.32 -13.17 7.50
C ARG C 206 -30.84 -13.52 7.55
N HIS C 207 -30.50 -14.75 7.90
CA HIS C 207 -29.11 -15.19 7.84
C HIS C 207 -28.64 -15.32 6.42
N ALA C 208 -29.55 -15.70 5.53
CA ALA C 208 -29.24 -15.78 4.12
C ALA C 208 -28.97 -14.40 3.53
N ASN C 209 -29.78 -13.40 3.92
CA ASN C 209 -29.55 -12.00 3.52
C ASN C 209 -28.24 -11.44 4.02
N LEU C 210 -27.91 -11.75 5.27
CA LEU C 210 -26.59 -11.45 5.81
C LEU C 210 -25.50 -11.86 4.83
N CYS C 211 -25.60 -13.10 4.35
CA CYS C 211 -24.67 -13.65 3.38
C CYS C 211 -24.66 -12.87 2.07
N LEU C 212 -25.84 -12.45 1.59
CA LEU C 212 -25.93 -11.64 0.39
C LEU C 212 -25.26 -10.27 0.57
N GLU C 213 -25.52 -9.65 1.73
CA GLU C 213 -24.95 -8.35 2.06
C GLU C 213 -23.42 -8.41 2.14
N LYS C 214 -22.91 -9.31 2.97
CA LYS C 214 -21.46 -9.50 3.08
C LYS C 214 -20.77 -9.66 1.72
N VAL C 215 -21.52 -10.19 0.76
CA VAL C 215 -20.97 -10.59 -0.53
C VAL C 215 -21.14 -9.49 -1.59
N HIS C 216 -22.14 -8.64 -1.39
CA HIS C 216 -22.40 -7.46 -2.22
C HIS C 216 -21.21 -6.54 -2.30
N VAL C 217 -20.42 -6.50 -1.23
CA VAL C 217 -19.19 -5.71 -1.15
C VAL C 217 -18.16 -6.04 -2.24
N LEU C 218 -18.11 -7.31 -2.64
CA LEU C 218 -17.17 -7.75 -3.68
C LEU C 218 -17.48 -7.21 -5.08
N HIS C 219 -18.71 -6.74 -5.29
CA HIS C 219 -19.19 -6.21 -6.58
C HIS C 219 -18.85 -7.12 -7.74
N LYS C 220 -19.24 -8.37 -7.63
CA LYS C 220 -19.01 -9.35 -8.69
C LYS C 220 -20.19 -9.36 -9.66
N LYS C 221 -19.92 -9.64 -10.94
CA LYS C 221 -21.00 -9.82 -11.90
C LYS C 221 -21.58 -11.22 -11.70
N PRO C 222 -22.89 -11.41 -11.96
CA PRO C 222 -23.44 -12.76 -11.88
C PRO C 222 -22.79 -13.71 -12.89
N TYR C 223 -22.57 -14.95 -12.49
CA TYR C 223 -21.98 -15.96 -13.34
C TYR C 223 -22.90 -16.32 -14.48
N ASN C 224 -22.32 -16.57 -15.65
CA ASN C 224 -23.09 -16.99 -16.82
C ASN C 224 -22.92 -18.49 -17.09
N PHE C 225 -24.03 -19.17 -17.33
CA PHE C 225 -23.98 -20.64 -17.36
C PHE C 225 -24.18 -21.33 -18.68
N LEU C 226 -23.35 -22.36 -18.88
CA LEU C 226 -23.63 -23.52 -19.71
C LEU C 226 -25.11 -23.91 -19.56
N LYS C 227 -25.82 -24.05 -20.68
CA LYS C 227 -27.26 -24.35 -20.65
C LYS C 227 -27.62 -25.76 -21.14
N LYS C 228 -26.81 -26.30 -22.04
CA LYS C 228 -27.00 -27.64 -22.58
C LYS C 228 -25.83 -28.55 -22.19
N LEU C 229 -26.12 -29.85 -22.03
CA LEU C 229 -25.10 -30.87 -21.76
C LEU C 229 -25.26 -31.99 -22.80
N PRO C 230 -24.13 -32.52 -23.31
CA PRO C 230 -24.19 -33.64 -24.26
C PRO C 230 -24.29 -34.99 -23.56
N GLY C 233 -22.15 -35.28 -21.46
CA GLY C 233 -22.26 -36.64 -20.95
C GLY C 233 -22.40 -36.70 -19.44
N ARG C 234 -21.42 -36.13 -18.74
CA ARG C 234 -21.38 -36.22 -17.29
C ARG C 234 -21.78 -34.94 -16.56
N LEU C 235 -22.68 -35.07 -15.60
CA LEU C 235 -22.97 -34.03 -14.64
C LEU C 235 -21.79 -33.89 -13.69
N ARG C 236 -21.36 -32.66 -13.48
CA ARG C 236 -20.36 -32.39 -12.48
C ARG C 236 -21.06 -31.97 -11.20
N ILE C 237 -20.86 -32.78 -10.15
CA ILE C 237 -21.41 -32.51 -8.83
C ILE C 237 -20.30 -32.16 -7.83
N GLY C 238 -20.52 -31.09 -7.08
CA GLY C 238 -19.57 -30.67 -6.05
C GLY C 238 -20.17 -30.72 -4.66
N TYR C 239 -19.60 -31.56 -3.80
CA TYR C 239 -20.00 -31.65 -2.40
C TYR C 239 -19.11 -30.74 -1.58
N LEU C 240 -19.73 -29.76 -0.96
CA LEU C 240 -19.00 -28.77 -0.20
C LEU C 240 -19.29 -28.90 1.29
N SER C 241 -18.26 -29.22 2.07
CA SER C 241 -18.39 -29.44 3.52
C SER C 241 -17.12 -29.11 4.30
N SER C 242 -17.32 -28.67 5.55
CA SER C 242 -16.23 -28.47 6.51
C SER C 242 -16.02 -29.71 7.38
N ASP C 243 -16.65 -30.84 7.04
CA ASP C 243 -16.70 -32.00 7.91
C ASP C 243 -16.06 -33.27 7.33
N PHE C 244 -15.24 -33.10 6.29
CA PHE C 244 -14.49 -34.22 5.74
C PHE C 244 -13.30 -34.53 6.63
N GLY C 245 -13.44 -35.51 7.50
CA GLY C 245 -12.48 -35.79 8.56
C GLY C 245 -13.16 -36.57 9.67
N ASN C 246 -12.66 -36.50 10.89
CA ASN C 246 -13.35 -37.15 12.00
C ASN C 246 -14.55 -36.33 12.48
N HIS C 247 -15.70 -36.53 11.84
CA HIS C 247 -16.90 -35.78 12.12
C HIS C 247 -18.09 -36.61 11.71
N PRO C 248 -19.19 -36.54 12.49
CA PRO C 248 -20.39 -37.33 12.19
C PRO C 248 -20.78 -37.36 10.72
N THR C 249 -20.53 -36.27 9.99
CA THR C 249 -20.92 -36.20 8.58
C THR C 249 -20.20 -37.28 7.78
N SER C 250 -18.90 -37.43 8.01
CA SER C 250 -18.10 -38.44 7.31
C SER C 250 -18.44 -39.87 7.72
N HIS C 251 -18.82 -40.07 8.98
CA HIS C 251 -19.30 -41.38 9.43
C HIS C 251 -20.57 -41.78 8.70
N LEU C 252 -21.27 -40.82 8.11
CA LEU C 252 -22.49 -41.13 7.38
C LEU C 252 -22.26 -41.36 5.89
N MET C 253 -21.38 -40.57 5.29
CA MET C 253 -21.39 -40.41 3.84
C MET C 253 -20.08 -40.78 3.10
N GLN C 254 -19.02 -41.08 3.86
CA GLN C 254 -17.67 -41.32 3.28
C GLN C 254 -17.53 -42.35 2.14
N SER C 255 -18.44 -43.32 2.06
CA SER C 255 -18.44 -44.31 0.98
C SER C 255 -19.15 -43.83 -0.27
N VAL C 256 -19.94 -42.76 -0.13
CA VAL C 256 -20.78 -42.30 -1.21
C VAL C 256 -19.99 -41.78 -2.42
N PRO C 257 -18.97 -40.91 -2.21
CA PRO C 257 -18.27 -40.40 -3.39
C PRO C 257 -17.68 -41.53 -4.23
N GLY C 258 -17.06 -42.52 -3.59
CA GLY C 258 -16.48 -43.67 -4.29
C GLY C 258 -17.48 -44.61 -4.96
N LEU C 259 -18.72 -44.55 -4.51
CA LEU C 259 -19.76 -45.44 -5.02
C LEU C 259 -20.53 -44.85 -6.18
N HIS C 260 -20.28 -43.59 -6.49
CA HIS C 260 -21.02 -42.93 -7.58
C HIS C 260 -20.66 -43.48 -8.93
N ASP C 261 -21.66 -43.63 -9.81
CA ASP C 261 -21.44 -44.12 -11.17
C ASP C 261 -20.65 -43.09 -12.01
N ARG C 262 -19.37 -43.37 -12.20
CA ARG C 262 -18.46 -42.44 -12.87
C ARG C 262 -18.76 -42.20 -14.35
N SER C 263 -19.58 -43.04 -14.96
CA SER C 263 -20.01 -42.80 -16.32
C SER C 263 -21.15 -41.78 -16.37
N LYS C 264 -21.89 -41.65 -15.26
CA LYS C 264 -23.01 -40.71 -15.20
C LYS C 264 -22.61 -39.35 -14.62
N VAL C 265 -21.82 -39.37 -13.54
CA VAL C 265 -21.46 -38.13 -12.83
C VAL C 265 -19.98 -38.07 -12.50
N GLU C 266 -19.43 -36.85 -12.55
CA GLU C 266 -18.08 -36.58 -12.09
C GLU C 266 -18.10 -35.84 -10.75
N ILE C 267 -17.57 -36.47 -9.70
CA ILE C 267 -17.69 -35.97 -8.34
C ILE C 267 -16.48 -35.14 -7.90
N PHE C 268 -16.77 -33.96 -7.33
CA PHE C 268 -15.77 -33.07 -6.77
C PHE C 268 -16.07 -32.88 -5.29
N CYS C 269 -15.14 -33.24 -4.43
CA CYS C 269 -15.31 -32.94 -3.02
C CYS C 269 -14.50 -31.71 -2.63
N TYR C 270 -15.20 -30.65 -2.24
CA TYR C 270 -14.58 -29.43 -1.76
C TYR C 270 -14.55 -29.41 -0.25
N ALA C 271 -13.36 -29.55 0.32
CA ALA C 271 -13.19 -29.47 1.77
C ALA C 271 -12.95 -28.04 2.23
N LEU C 272 -13.74 -27.61 3.21
CA LEU C 272 -13.62 -26.26 3.76
C LEU C 272 -12.71 -26.21 4.98
N SER C 273 -12.31 -27.38 5.47
CA SER C 273 -11.45 -27.46 6.65
C SER C 273 -10.13 -28.14 6.30
N PRO C 274 -9.06 -27.83 7.08
CA PRO C 274 -7.73 -28.45 6.86
C PRO C 274 -7.74 -29.98 7.01
N ASP C 275 -6.78 -30.64 6.37
CA ASP C 275 -6.54 -32.06 6.59
C ASP C 275 -6.29 -32.29 8.09
N ASP C 276 -6.98 -33.27 8.65
CA ASP C 276 -6.82 -33.61 10.07
C ASP C 276 -6.09 -34.95 10.22
N GLY C 277 -5.56 -35.46 9.11
CA GLY C 277 -4.74 -36.67 9.11
C GLY C 277 -5.47 -37.97 9.34
N THR C 278 -6.80 -37.90 9.49
CA THR C 278 -7.62 -39.06 9.80
C THR C 278 -7.89 -39.90 8.55
N THR C 279 -8.18 -41.18 8.77
CA THR C 279 -8.55 -42.12 7.71
C THR C 279 -9.76 -41.63 6.94
N PHE C 280 -10.67 -40.94 7.61
CA PHE C 280 -11.93 -40.50 7.00
C PHE C 280 -11.66 -39.47 5.89
N ARG C 281 -10.73 -38.56 6.17
CA ARG C 281 -10.28 -37.57 5.21
C ARG C 281 -9.54 -38.24 4.06
N HIS C 282 -8.67 -39.18 4.39
CA HIS C 282 -7.94 -39.98 3.40
C HIS C 282 -8.88 -40.69 2.45
N LYS C 283 -9.85 -41.43 3.00
CA LYS C 283 -10.82 -42.18 2.19
C LYS C 283 -11.60 -41.30 1.21
N ILE C 284 -12.09 -40.15 1.68
CA ILE C 284 -12.79 -39.22 0.81
C ILE C 284 -11.82 -38.62 -0.22
N SER C 285 -10.59 -38.36 0.20
CA SER C 285 -9.55 -37.90 -0.73
C SER C 285 -9.29 -38.88 -1.88
N ARG C 286 -9.10 -40.16 -1.55
CA ARG C 286 -8.84 -41.19 -2.56
C ARG C 286 -10.07 -41.47 -3.43
N GLU C 287 -11.14 -41.91 -2.78
CA GLU C 287 -12.38 -42.33 -3.45
C GLU C 287 -12.99 -41.31 -4.38
N SER C 288 -12.90 -40.04 -4.03
CA SER C 288 -13.54 -38.99 -4.82
C SER C 288 -12.71 -38.67 -6.06
N GLU C 289 -13.36 -38.65 -7.23
CA GLU C 289 -12.68 -38.35 -8.50
C GLU C 289 -11.87 -37.05 -8.46
N ASN C 290 -12.41 -36.04 -7.79
CA ASN C 290 -11.73 -34.77 -7.63
C ASN C 290 -11.78 -34.31 -6.18
N PHE C 291 -10.63 -34.00 -5.61
CA PHE C 291 -10.57 -33.42 -4.28
C PHE C 291 -9.89 -32.07 -4.31
N VAL C 292 -10.62 -31.06 -3.87
CA VAL C 292 -10.12 -29.69 -3.79
C VAL C 292 -10.22 -29.24 -2.33
N ASP C 293 -9.15 -28.60 -1.84
CA ASP C 293 -9.12 -28.06 -0.48
C ASP C 293 -9.31 -26.54 -0.49
N LEU C 294 -10.52 -26.10 -0.21
CA LEU C 294 -10.84 -24.67 -0.20
C LEU C 294 -10.44 -23.98 1.10
N SER C 295 -9.94 -24.74 2.07
CA SER C 295 -9.42 -24.13 3.29
C SER C 295 -8.12 -23.39 2.99
N GLN C 296 -7.51 -23.75 1.85
CA GLN C 296 -6.32 -23.05 1.33
C GLN C 296 -6.68 -21.81 0.49
N ILE C 297 -7.97 -21.55 0.31
CA ILE C 297 -8.44 -20.38 -0.44
C ILE C 297 -9.39 -19.55 0.45
N PRO C 298 -8.83 -18.75 1.38
CA PRO C 298 -9.61 -17.96 2.36
C PRO C 298 -10.69 -17.05 1.76
N CYS C 299 -10.40 -16.38 0.65
CA CYS C 299 -11.35 -15.45 0.05
C CYS C 299 -12.55 -16.17 -0.59
N ASN C 300 -13.77 -15.82 -0.17
CA ASN C 300 -14.96 -16.46 -0.69
C ASN C 300 -15.19 -16.20 -2.17
N GLY C 301 -14.78 -15.02 -2.61
CA GLY C 301 -14.83 -14.65 -4.02
C GLY C 301 -14.01 -15.61 -4.86
N LYS C 302 -12.77 -15.86 -4.44
CA LYS C 302 -11.90 -16.76 -5.19
C LYS C 302 -12.43 -18.19 -5.15
N ALA C 303 -12.92 -18.61 -3.97
CA ALA C 303 -13.46 -19.94 -3.80
C ALA C 303 -14.65 -20.20 -4.76
N ALA C 304 -15.52 -19.21 -4.89
CA ALA C 304 -16.61 -19.28 -5.86
C ALA C 304 -16.07 -19.42 -7.29
N ASP C 305 -15.04 -18.64 -7.62
CA ASP C 305 -14.41 -18.70 -8.94
C ASP C 305 -13.87 -20.09 -9.23
N LYS C 306 -13.16 -20.69 -8.27
CA LYS C 306 -12.63 -22.04 -8.45
C LYS C 306 -13.76 -22.97 -8.84
N ILE C 307 -14.87 -22.89 -8.10
CA ILE C 307 -16.03 -23.73 -8.35
C ILE C 307 -16.58 -23.49 -9.76
N PHE C 308 -16.83 -22.23 -10.11
CA PHE C 308 -17.27 -21.89 -11.46
C PHE C 308 -16.30 -22.44 -12.50
N ASN C 309 -14.99 -22.32 -12.24
CA ASN C 309 -13.97 -22.84 -13.15
C ASN C 309 -13.93 -24.34 -13.31
N ASP C 310 -14.31 -25.07 -12.26
CA ASP C 310 -14.43 -26.51 -12.38
C ASP C 310 -15.69 -26.88 -13.18
N GLY C 311 -16.56 -25.89 -13.41
CA GLY C 311 -17.70 -26.06 -14.33
C GLY C 311 -18.77 -26.93 -13.73
N ILE C 312 -19.09 -26.64 -12.47
CA ILE C 312 -19.96 -27.49 -11.69
C ILE C 312 -21.43 -27.14 -11.97
N HIS C 313 -22.22 -28.18 -12.22
CA HIS C 313 -23.65 -28.04 -12.47
C HIS C 313 -24.48 -27.99 -11.21
N ILE C 314 -24.19 -28.89 -10.28
CA ILE C 314 -24.97 -29.01 -9.05
C ILE C 314 -24.05 -28.89 -7.83
N LEU C 315 -24.24 -27.80 -7.09
CA LEU C 315 -23.40 -27.53 -5.91
C LEU C 315 -24.18 -27.91 -4.64
N VAL C 316 -23.59 -28.78 -3.82
CA VAL C 316 -24.27 -29.36 -2.68
C VAL C 316 -23.75 -28.81 -1.35
N ASN C 317 -24.60 -28.04 -0.68
CA ASN C 317 -24.32 -27.52 0.66
C ASN C 317 -24.56 -28.60 1.70
N MET C 318 -23.50 -28.99 2.40
CA MET C 318 -23.59 -30.02 3.44
C MET C 318 -23.46 -29.44 4.84
N ASN C 319 -23.49 -28.13 4.95
CA ASN C 319 -23.29 -27.43 6.21
C ASN C 319 -24.52 -26.68 6.71
N GLY C 320 -25.14 -25.89 5.85
CA GLY C 320 -26.18 -24.96 6.28
C GLY C 320 -25.63 -24.03 7.33
N TYR C 321 -26.43 -23.68 8.32
CA TYR C 321 -25.98 -22.76 9.34
C TYR C 321 -25.34 -23.50 10.51
N THR C 322 -24.19 -24.13 10.24
CA THR C 322 -23.41 -24.84 11.26
C THR C 322 -22.00 -24.26 11.34
N LYS C 323 -21.27 -24.60 12.40
CA LYS C 323 -19.88 -24.15 12.56
C LYS C 323 -19.09 -24.52 11.31
N GLY C 324 -18.26 -23.58 10.85
CA GLY C 324 -17.40 -23.81 9.70
C GLY C 324 -18.01 -23.58 8.33
N ALA C 325 -19.29 -23.28 8.26
CA ALA C 325 -19.94 -23.01 6.98
C ALA C 325 -19.31 -21.78 6.31
N ARG C 326 -19.30 -21.77 4.98
CA ARG C 326 -18.92 -20.59 4.23
C ARG C 326 -20.01 -20.30 3.21
N ASN C 327 -21.17 -19.93 3.71
CA ASN C 327 -22.37 -19.80 2.87
C ASN C 327 -22.34 -18.63 1.91
N GLU C 328 -21.32 -17.79 2.04
CA GLU C 328 -21.14 -16.69 1.12
C GLU C 328 -20.83 -17.22 -0.26
N ILE C 329 -20.13 -18.36 -0.31
CA ILE C 329 -19.86 -19.05 -1.57
C ILE C 329 -21.18 -19.34 -2.33
N PHE C 330 -22.17 -19.87 -1.63
CA PHE C 330 -23.47 -20.17 -2.22
C PHE C 330 -24.28 -18.92 -2.60
N ALA C 331 -24.04 -17.83 -1.90
CA ALA C 331 -24.75 -16.61 -2.19
C ALA C 331 -24.18 -15.95 -3.45
N LEU C 332 -22.99 -16.35 -3.87
CA LEU C 332 -22.41 -15.82 -5.07
C LEU C 332 -22.88 -16.60 -6.31
N ARG C 333 -23.53 -17.74 -6.08
CA ARG C 333 -24.15 -18.54 -7.14
C ARG C 333 -23.19 -19.02 -8.22
N PRO C 334 -22.14 -19.77 -7.84
CA PRO C 334 -21.14 -20.22 -8.80
C PRO C 334 -21.56 -21.47 -9.58
N ALA C 335 -22.76 -21.97 -9.31
CA ALA C 335 -23.30 -23.12 -10.02
C ALA C 335 -24.78 -22.89 -10.37
N PRO C 336 -25.25 -23.38 -11.53
CA PRO C 336 -26.64 -23.06 -11.87
C PRO C 336 -27.65 -23.63 -10.87
N ILE C 337 -27.37 -24.81 -10.31
CA ILE C 337 -28.27 -25.44 -9.34
C ILE C 337 -27.56 -25.69 -8.01
N GLN C 338 -28.21 -25.28 -6.92
CA GLN C 338 -27.65 -25.42 -5.56
C GLN C 338 -28.61 -26.10 -4.57
N VAL C 339 -28.06 -27.04 -3.80
CA VAL C 339 -28.82 -28.07 -3.11
C VAL C 339 -28.35 -28.21 -1.67
N MET C 340 -29.30 -28.30 -0.74
CA MET C 340 -29.01 -28.66 0.66
C MET C 340 -29.02 -30.18 0.80
N TRP C 341 -28.03 -30.72 1.49
CA TRP C 341 -27.98 -32.17 1.70
C TRP C 341 -27.28 -32.63 2.95
N LEU C 342 -28.04 -33.30 3.81
CA LEU C 342 -27.51 -34.12 4.93
C LEU C 342 -27.05 -33.40 6.21
N GLY C 343 -26.18 -32.42 6.09
CA GLY C 343 -25.57 -31.77 7.26
C GLY C 343 -26.48 -30.95 8.17
N TYR C 344 -27.43 -30.20 7.60
CA TYR C 344 -28.26 -29.28 8.35
C TYR C 344 -29.75 -29.69 8.33
N PRO C 345 -30.31 -30.04 9.49
CA PRO C 345 -31.72 -30.48 9.49
C PRO C 345 -32.70 -29.32 9.57
N GLY C 346 -32.70 -28.46 8.57
CA GLY C 346 -33.65 -27.37 8.51
C GLY C 346 -33.59 -26.74 7.14
N THR C 347 -34.36 -25.66 6.96
CA THR C 347 -34.37 -24.88 5.74
C THR C 347 -33.33 -23.78 5.84
N SER C 348 -32.82 -23.37 4.68
CA SER C 348 -31.87 -22.25 4.61
C SER C 348 -32.60 -20.93 4.53
N GLY C 349 -33.84 -20.94 4.05
CA GLY C 349 -34.58 -19.73 3.79
C GLY C 349 -33.96 -18.84 2.72
N ALA C 350 -32.99 -19.36 1.99
CA ALA C 350 -32.23 -18.57 1.03
C ALA C 350 -32.81 -18.62 -0.37
N SER C 351 -32.85 -17.48 -1.02
CA SER C 351 -33.20 -17.38 -2.44
C SER C 351 -32.21 -18.13 -3.36
N PHE C 352 -30.98 -18.36 -2.91
CA PHE C 352 -29.95 -18.99 -3.74
C PHE C 352 -29.82 -20.49 -3.52
N MET C 353 -30.79 -21.06 -2.81
CA MET C 353 -30.90 -22.51 -2.64
C MET C 353 -32.17 -23.03 -3.36
N ASP C 354 -32.00 -23.99 -4.26
CA ASP C 354 -33.12 -24.43 -5.10
C ASP C 354 -33.85 -25.64 -4.52
N TYR C 355 -33.06 -26.60 -4.04
CA TYR C 355 -33.57 -27.90 -3.63
C TYR C 355 -33.01 -28.32 -2.28
N ILE C 356 -33.82 -29.06 -1.54
CA ILE C 356 -33.40 -29.75 -0.33
C ILE C 356 -33.60 -31.26 -0.56
N ILE C 357 -32.63 -32.07 -0.16
CA ILE C 357 -32.76 -33.52 -0.31
C ILE C 357 -33.37 -34.14 0.96
N THR C 358 -34.55 -34.74 0.80
CA THR C 358 -35.28 -35.43 1.88
C THR C 358 -36.01 -36.63 1.31
N ASP C 359 -37.12 -36.97 1.94
CA ASP C 359 -37.95 -38.11 1.58
C ASP C 359 -39.36 -37.81 2.04
N SER C 360 -40.31 -38.66 1.62
CA SER C 360 -41.73 -38.40 1.87
C SER C 360 -42.13 -38.46 3.34
N VAL C 361 -41.44 -39.26 4.14
CA VAL C 361 -41.76 -39.30 5.57
C VAL C 361 -41.20 -38.06 6.31
N THR C 362 -39.93 -37.74 6.11
CA THR C 362 -39.29 -36.60 6.78
C THR C 362 -39.95 -35.26 6.43
N SER C 363 -40.27 -35.06 5.16
CA SER C 363 -40.81 -33.80 4.69
C SER C 363 -42.05 -34.03 3.84
N PRO C 364 -43.17 -34.46 4.46
CA PRO C 364 -44.39 -34.68 3.69
C PRO C 364 -44.83 -33.38 3.03
N LEU C 365 -45.33 -33.47 1.80
CA LEU C 365 -45.73 -32.28 1.07
C LEU C 365 -46.67 -31.35 1.81
N GLU C 366 -47.41 -31.90 2.76
CA GLU C 366 -48.29 -31.08 3.58
C GLU C 366 -47.48 -30.02 4.33
N LEU C 367 -46.21 -30.32 4.58
CA LEU C 367 -45.38 -29.43 5.39
C LEU C 367 -44.40 -28.58 4.59
N ALA C 368 -44.55 -28.59 3.27
CA ALA C 368 -43.62 -27.91 2.37
C ALA C 368 -43.44 -26.42 2.61
N TYR C 369 -44.47 -25.74 3.13
CA TYR C 369 -44.39 -24.29 3.43
C TYR C 369 -43.27 -23.95 4.45
N GLN C 370 -42.89 -24.93 5.27
CA GLN C 370 -41.72 -24.84 6.16
C GLN C 370 -40.44 -24.44 5.45
N TYR C 371 -40.36 -24.75 4.16
CA TYR C 371 -39.09 -24.74 3.44
C TYR C 371 -39.11 -23.66 2.39
N SER C 372 -37.99 -22.97 2.23
CA SER C 372 -37.84 -22.05 1.12
C SER C 372 -37.54 -22.87 -0.13
N GLU C 373 -36.84 -23.97 0.06
CA GLU C 373 -36.38 -24.83 -1.03
C GLU C 373 -37.53 -25.67 -1.52
N LYS C 374 -37.45 -26.06 -2.77
CA LYS C 374 -38.32 -27.06 -3.34
C LYS C 374 -37.83 -28.41 -2.85
N LEU C 375 -38.79 -29.29 -2.56
CA LEU C 375 -38.46 -30.61 -2.02
C LEU C 375 -37.98 -31.57 -3.09
N SER C 376 -36.99 -32.41 -2.74
CA SER C 376 -36.57 -33.46 -3.65
C SER C 376 -36.47 -34.82 -2.95
N TYR C 377 -37.34 -35.75 -3.34
CA TYR C 377 -37.50 -37.02 -2.64
C TYR C 377 -36.55 -38.13 -3.07
N MET C 378 -35.70 -38.55 -2.15
CA MET C 378 -34.95 -39.77 -2.27
C MET C 378 -35.95 -40.92 -2.33
N PRO C 379 -35.54 -42.08 -2.89
CA PRO C 379 -36.51 -43.18 -3.00
C PRO C 379 -36.95 -43.72 -1.64
N HIS C 380 -36.03 -43.75 -0.68
CA HIS C 380 -36.41 -44.08 0.70
C HIS C 380 -35.94 -42.96 1.59
N THR C 381 -35.35 -43.26 2.75
CA THR C 381 -34.93 -42.17 3.63
C THR C 381 -33.75 -41.36 3.07
N TYR C 382 -33.65 -40.07 3.42
CA TYR C 382 -32.51 -39.24 3.00
C TYR C 382 -31.28 -39.52 3.83
N PHE C 383 -31.43 -40.32 4.88
CA PHE C 383 -30.31 -40.55 5.79
C PHE C 383 -29.48 -41.78 5.38
N ILE C 384 -28.20 -41.78 5.76
CA ILE C 384 -27.34 -42.95 5.55
C ILE C 384 -26.26 -43.04 6.60
N GLY C 385 -25.64 -44.21 6.67
CA GLY C 385 -24.53 -44.46 7.57
C GLY C 385 -23.55 -45.44 6.95
N ASP C 386 -22.28 -45.26 7.27
CA ASP C 386 -21.24 -46.13 6.79
C ASP C 386 -21.01 -47.32 7.72
N HIS C 387 -22.00 -47.61 8.55
CA HIS C 387 -21.94 -48.69 9.53
C HIS C 387 -21.52 -50.04 9.02
N LYS C 388 -22.07 -50.43 7.87
CA LYS C 388 -21.74 -51.69 7.20
C LYS C 388 -20.24 -51.80 6.94
N GLN C 389 -19.61 -50.67 6.62
CA GLN C 389 -18.16 -50.61 6.39
C GLN C 389 -17.36 -50.33 7.67
N MET C 390 -17.85 -49.43 8.53
CA MET C 390 -17.11 -49.05 9.74
C MET C 390 -17.17 -50.09 10.86
N PHE C 391 -18.29 -50.77 10.99
CA PHE C 391 -18.49 -51.70 12.11
C PHE C 391 -18.93 -53.09 11.65
N PRO C 392 -18.10 -53.75 10.82
CA PRO C 392 -18.48 -55.06 10.31
C PRO C 392 -18.51 -56.09 11.43
N HIS C 393 -17.68 -55.90 12.47
CA HIS C 393 -17.66 -56.78 13.64
C HIS C 393 -18.92 -56.72 14.46
N LEU C 394 -19.76 -55.73 14.20
CA LEU C 394 -21.04 -55.62 14.87
C LEU C 394 -22.19 -56.14 14.01
N LYS C 395 -21.87 -56.79 12.88
CA LYS C 395 -22.87 -57.43 12.00
C LYS C 395 -23.74 -58.45 12.73
N GLU C 396 -23.13 -59.21 13.63
CA GLU C 396 -23.89 -60.02 14.58
C GLU C 396 -23.17 -60.18 15.91
N ARG C 397 -23.95 -60.60 16.92
CA ARG C 397 -23.48 -60.76 18.28
C ARG C 397 -23.38 -62.24 18.62
N ILE C 398 -22.52 -62.57 19.58
CA ILE C 398 -22.49 -63.92 20.14
C ILE C 398 -22.83 -63.82 21.63
N ILE C 399 -23.92 -64.49 22.01
CA ILE C 399 -24.40 -64.48 23.39
C ILE C 399 -23.56 -65.45 24.21
N VAL C 400 -23.20 -65.07 25.42
CA VAL C 400 -22.49 -65.99 26.30
C VAL C 400 -23.34 -66.39 27.50
N CYS C 401 -23.10 -67.60 28.04
CA CYS C 401 -23.77 -68.08 29.27
C CYS C 401 -23.04 -69.28 29.91
N VAL C 409 -31.57 -64.99 26.48
CA VAL C 409 -31.32 -63.56 26.68
C VAL C 409 -30.10 -63.09 25.89
N ASP C 410 -30.27 -62.05 25.06
CA ASP C 410 -29.24 -61.65 24.10
C ASP C 410 -28.52 -60.32 24.37
N ASN C 411 -28.84 -59.68 25.49
CA ASN C 411 -28.29 -58.35 25.76
C ASN C 411 -27.77 -58.14 27.18
N VAL C 412 -27.19 -59.17 27.77
CA VAL C 412 -26.55 -59.04 29.07
C VAL C 412 -25.05 -59.18 28.92
N THR C 413 -24.61 -60.22 28.21
CA THR C 413 -23.20 -60.47 27.91
C THR C 413 -23.06 -60.87 26.45
N VAL C 414 -22.22 -60.14 25.73
CA VAL C 414 -22.12 -60.22 24.28
C VAL C 414 -20.65 -60.27 23.88
N ILE C 415 -20.34 -61.09 22.86
CA ILE C 415 -19.03 -61.10 22.22
C ILE C 415 -19.17 -60.71 20.75
N ASN C 416 -18.22 -59.88 20.29
CA ASN C 416 -18.12 -59.48 18.88
C ASN C 416 -16.71 -59.73 18.39
N ALA C 417 -16.58 -60.04 17.12
CA ALA C 417 -15.27 -60.24 16.51
C ALA C 417 -15.31 -60.04 15.00
N THR C 418 -14.23 -59.52 14.44
CA THR C 418 -14.06 -59.47 12.98
C THR C 418 -13.78 -60.88 12.46
N ASP C 419 -12.98 -61.65 13.22
CA ASP C 419 -12.69 -63.07 12.91
C ASP C 419 -12.95 -64.01 14.09
N LEU C 420 -14.01 -64.80 13.97
CA LEU C 420 -14.52 -65.66 15.04
C LEU C 420 -13.82 -67.02 15.09
N SER C 421 -12.97 -67.29 14.10
CA SER C 421 -12.24 -68.55 13.96
C SER C 421 -11.69 -69.10 15.30
N PRO C 422 -10.79 -68.34 15.98
CA PRO C 422 -10.18 -68.86 17.22
C PRO C 422 -11.19 -69.30 18.28
N LEU C 423 -12.30 -68.58 18.41
CA LEU C 423 -13.32 -68.90 19.40
C LEU C 423 -14.10 -70.16 19.04
N VAL C 424 -14.56 -70.24 17.79
CA VAL C 424 -15.34 -71.39 17.30
C VAL C 424 -14.49 -72.65 17.30
N GLU C 425 -13.19 -72.50 17.07
CA GLU C 425 -12.25 -73.62 17.06
C GLU C 425 -11.92 -74.15 18.47
N ASN C 426 -12.09 -73.31 19.49
CA ASN C 426 -11.66 -73.66 20.85
C ASN C 426 -12.72 -73.58 21.96
N THR C 427 -13.99 -73.40 21.58
CA THR C 427 -15.10 -73.42 22.55
C THR C 427 -16.39 -73.88 21.88
N ASP C 428 -17.43 -74.09 22.70
CA ASP C 428 -18.73 -74.56 22.21
C ASP C 428 -19.69 -73.47 21.72
N VAL C 429 -19.34 -72.86 20.59
CA VAL C 429 -20.18 -71.86 19.94
C VAL C 429 -21.15 -72.58 19.00
N LYS C 430 -22.44 -72.27 19.11
CA LYS C 430 -23.45 -72.91 18.27
C LYS C 430 -24.60 -71.98 17.89
N GLU C 431 -25.28 -72.29 16.78
CA GLU C 431 -26.38 -71.46 16.28
C GLU C 431 -27.77 -72.03 16.59
N ILE C 432 -28.17 -71.95 17.86
CA ILE C 432 -29.50 -72.36 18.34
C ILE C 432 -30.70 -71.72 17.58
N LYS C 433 -31.84 -72.39 17.61
CA LYS C 433 -33.11 -71.80 17.16
C LYS C 433 -34.13 -71.75 18.31
N GLU C 434 -34.87 -70.64 18.38
CA GLU C 434 -35.90 -70.45 19.39
C GLU C 434 -37.18 -70.00 18.71
N VAL C 435 -38.30 -70.56 19.14
CA VAL C 435 -39.60 -70.18 18.61
C VAL C 435 -40.30 -69.25 19.59
N VAL C 436 -40.86 -68.17 19.05
CA VAL C 436 -41.49 -67.14 19.87
C VAL C 436 -42.90 -66.85 19.34
N ASN C 437 -43.87 -66.78 20.26
CA ASN C 437 -45.29 -66.61 19.93
C ASN C 437 -45.64 -65.23 19.38
N LYS C 440 -48.65 -63.96 16.07
CA LYS C 440 -47.79 -64.74 15.17
C LYS C 440 -46.99 -65.82 15.93
N PRO C 441 -46.20 -66.61 15.18
CA PRO C 441 -45.23 -67.63 15.58
C PRO C 441 -43.95 -67.48 14.73
N VAL C 442 -42.87 -67.02 15.36
CA VAL C 442 -41.64 -66.69 14.64
C VAL C 442 -40.46 -67.54 15.14
N GLU C 443 -39.58 -67.93 14.21
CA GLU C 443 -38.33 -68.63 14.54
C GLU C 443 -37.14 -67.67 14.47
N ILE C 444 -36.35 -67.62 15.53
CA ILE C 444 -35.17 -66.74 15.62
C ILE C 444 -33.89 -67.55 15.79
N THR C 445 -32.82 -67.12 15.13
CA THR C 445 -31.51 -67.77 15.29
C THR C 445 -30.62 -66.94 16.21
N HIS C 446 -29.88 -67.61 17.10
CA HIS C 446 -28.88 -66.95 17.95
C HIS C 446 -27.60 -67.68 17.88
N LYS C 447 -26.48 -66.96 17.88
CA LYS C 447 -25.20 -67.61 18.09
C LYS C 447 -24.86 -67.54 19.56
N VAL C 448 -24.61 -68.70 20.15
CA VAL C 448 -24.37 -68.81 21.58
C VAL C 448 -23.03 -69.48 21.84
N ALA C 449 -22.17 -68.82 22.60
CA ALA C 449 -20.96 -69.44 23.12
C ALA C 449 -21.19 -69.84 24.57
N GLU C 450 -21.24 -71.15 24.83
CA GLU C 450 -21.42 -71.63 26.18
C GLU C 450 -20.14 -72.24 26.73
N LEU C 451 -19.77 -71.84 27.95
CA LEU C 451 -18.56 -72.34 28.60
C LEU C 451 -18.72 -72.57 30.12
N PRO C 452 -19.98 -72.64 30.62
CA PRO C 452 -20.40 -72.41 32.01
C PRO C 452 -19.28 -72.06 33.01
N ASN C 453 -18.43 -71.10 32.62
CA ASN C 453 -17.43 -70.52 33.50
C ASN C 453 -17.54 -69.00 33.40
N THR C 454 -18.59 -68.47 34.01
CA THR C 454 -18.84 -67.03 34.03
C THR C 454 -17.72 -66.30 34.78
N THR C 455 -17.13 -66.99 35.76
CA THR C 455 -16.14 -66.43 36.69
C THR C 455 -15.08 -65.53 36.04
N GLN C 456 -14.16 -66.12 35.26
CA GLN C 456 -13.04 -65.36 34.69
C GLN C 456 -13.47 -64.23 33.75
N ILE C 457 -14.69 -64.33 33.21
CA ILE C 457 -15.30 -63.26 32.42
C ILE C 457 -15.77 -62.10 33.30
N VAL C 458 -16.47 -62.43 34.40
CA VAL C 458 -16.91 -61.43 35.38
C VAL C 458 -15.71 -60.90 36.18
N SER C 459 -14.79 -61.81 36.54
CA SER C 459 -13.58 -61.49 37.29
C SER C 459 -12.68 -60.47 36.58
N MET C 460 -12.57 -60.63 35.25
CA MET C 460 -11.86 -59.66 34.40
C MET C 460 -12.46 -58.25 34.50
N ILE C 461 -13.78 -58.16 34.41
CA ILE C 461 -14.50 -56.88 34.51
C ILE C 461 -14.47 -56.33 35.94
N ALA C 462 -14.65 -57.23 36.91
CA ALA C 462 -14.63 -56.90 38.34
C ALA C 462 -13.35 -56.21 38.82
N THR C 463 -12.20 -56.71 38.37
CA THR C 463 -10.89 -56.18 38.79
C THR C 463 -10.39 -55.06 37.87
N GLY C 464 -11.07 -54.86 36.74
CA GLY C 464 -10.66 -53.84 35.77
C GLY C 464 -9.55 -54.31 34.85
N GLN C 465 -9.51 -55.61 34.58
CA GLN C 465 -8.54 -56.22 33.66
C GLN C 465 -8.76 -55.81 32.22
N VAL C 466 -7.67 -55.66 31.48
CA VAL C 466 -7.72 -55.40 30.04
C VAL C 466 -8.13 -56.67 29.27
N GLN C 467 -7.65 -57.84 29.71
CA GLN C 467 -7.83 -59.09 28.97
C GLN C 467 -8.10 -60.30 29.86
N THR C 468 -8.67 -61.33 29.26
CA THR C 468 -8.78 -62.65 29.87
C THR C 468 -8.66 -63.68 28.75
N SER C 469 -8.62 -64.95 29.12
CA SER C 469 -8.55 -66.01 28.11
C SER C 469 -9.47 -67.19 28.39
N LEU C 470 -10.50 -67.33 27.56
CA LEU C 470 -11.33 -68.53 27.55
C LEU C 470 -10.66 -69.57 26.67
N ASN C 471 -10.11 -70.61 27.32
CA ASN C 471 -9.49 -71.76 26.64
C ASN C 471 -8.43 -71.42 25.59
N GLY C 472 -7.50 -70.54 25.95
CA GLY C 472 -6.38 -70.15 25.07
C GLY C 472 -6.64 -69.00 24.12
N VAL C 473 -7.90 -68.57 24.02
CA VAL C 473 -8.30 -67.47 23.13
C VAL C 473 -8.34 -66.17 23.93
N VAL C 474 -7.68 -65.14 23.42
CA VAL C 474 -7.65 -63.84 24.10
C VAL C 474 -8.89 -62.99 23.82
N VAL C 475 -9.57 -62.57 24.89
CA VAL C 475 -10.78 -61.76 24.83
C VAL C 475 -10.55 -60.41 25.52
N GLN C 476 -10.66 -59.32 24.76
CA GLN C 476 -10.45 -57.96 25.29
C GLN C 476 -11.69 -57.43 26.00
N ASN C 477 -11.48 -56.81 27.15
CA ASN C 477 -12.52 -56.09 27.91
C ASN C 477 -13.01 -54.84 27.17
N GLY C 478 -14.29 -54.84 26.80
CA GLY C 478 -14.91 -53.76 26.02
C GLY C 478 -14.67 -52.33 26.50
N LEU C 479 -14.48 -52.16 27.81
CA LEU C 479 -14.13 -50.87 28.38
C LEU C 479 -12.68 -50.54 28.05
N ILE C 498 -11.17 -59.88 19.26
CA ILE C 498 -12.31 -60.43 19.99
C ILE C 498 -12.62 -59.63 21.27
N VAL C 499 -13.83 -59.06 21.31
CA VAL C 499 -14.22 -58.10 22.36
C VAL C 499 -15.47 -58.57 23.12
N ILE C 500 -15.52 -58.26 24.42
CA ILE C 500 -16.65 -58.61 25.29
C ILE C 500 -17.37 -57.40 25.91
N THR C 501 -18.69 -57.39 25.81
CA THR C 501 -19.52 -56.30 26.30
C THR C 501 -20.54 -56.88 27.28
N THR C 502 -20.58 -56.33 28.49
CA THR C 502 -21.52 -56.82 29.51
C THR C 502 -22.18 -55.65 30.22
N ARG C 503 -23.38 -55.89 30.75
CA ARG C 503 -24.10 -54.87 31.53
C ARG C 503 -23.39 -54.36 32.78
N ARG C 504 -22.53 -55.19 33.37
CA ARG C 504 -21.69 -54.79 34.50
C ARG C 504 -20.82 -53.59 34.15
N GLN C 505 -20.24 -53.62 32.94
CA GLN C 505 -19.33 -52.58 32.49
C GLN C 505 -19.93 -51.19 32.66
N TYR C 506 -21.25 -51.12 32.61
CA TYR C 506 -21.96 -49.83 32.62
C TYR C 506 -22.93 -49.66 33.78
N MET C 507 -22.86 -50.61 34.72
CA MET C 507 -23.60 -50.54 35.96
C MET C 507 -25.08 -50.78 35.75
N LEU C 508 -25.41 -51.52 34.69
CA LEU C 508 -26.80 -51.87 34.40
C LEU C 508 -27.13 -53.21 35.05
N PRO C 509 -28.27 -53.27 35.78
CA PRO C 509 -28.69 -54.55 36.35
C PRO C 509 -28.91 -55.56 35.24
N ASP C 510 -28.52 -56.81 35.51
CA ASP C 510 -28.63 -57.89 34.54
C ASP C 510 -30.07 -58.24 34.16
N ASP C 511 -30.98 -58.13 35.13
CA ASP C 511 -32.39 -58.49 34.92
C ASP C 511 -33.24 -57.27 34.56
N ALA C 512 -32.62 -56.09 34.54
CA ALA C 512 -33.33 -54.86 34.18
C ALA C 512 -33.82 -54.89 32.74
N VAL C 513 -34.98 -54.28 32.49
CA VAL C 513 -35.32 -53.88 31.13
C VAL C 513 -34.76 -52.46 30.91
N VAL C 514 -33.83 -52.35 29.96
CA VAL C 514 -33.03 -51.14 29.77
C VAL C 514 -33.57 -50.34 28.59
N TYR C 515 -34.15 -49.20 28.91
CA TYR C 515 -34.51 -48.22 27.91
C TYR C 515 -33.32 -47.29 27.79
N CYS C 516 -32.95 -46.92 26.57
CA CYS C 516 -31.80 -46.04 26.41
C CYS C 516 -32.06 -44.88 25.46
N ASN C 517 -31.29 -43.81 25.67
CA ASN C 517 -31.12 -42.74 24.71
C ASN C 517 -29.72 -42.21 24.87
N PHE C 518 -29.01 -42.11 23.75
CA PHE C 518 -27.61 -41.73 23.76
C PHE C 518 -27.36 -40.40 23.08
N ASN C 519 -28.36 -39.52 23.08
CA ASN C 519 -28.18 -38.18 22.51
C ASN C 519 -27.56 -37.19 23.51
N GLN C 520 -27.02 -36.10 22.98
CA GLN C 520 -26.74 -34.92 23.78
C GLN C 520 -28.00 -34.55 24.54
N LEU C 521 -27.84 -34.25 25.82
CA LEU C 521 -28.99 -34.02 26.69
C LEU C 521 -29.88 -32.85 26.27
N TYR C 522 -29.32 -31.89 25.52
CA TYR C 522 -30.12 -30.74 25.06
C TYR C 522 -31.38 -31.13 24.30
N MET C 523 -31.40 -32.33 23.72
CA MET C 523 -32.55 -32.82 22.96
C MET C 523 -33.75 -33.20 23.84
N ILE C 524 -33.51 -33.31 25.16
CA ILE C 524 -34.57 -33.64 26.11
C ILE C 524 -35.26 -32.38 26.62
N ASP C 525 -36.60 -32.39 26.59
CA ASP C 525 -37.42 -31.36 27.24
C ASP C 525 -38.29 -31.96 28.37
N PRO C 526 -38.96 -31.11 29.19
CA PRO C 526 -39.74 -31.66 30.32
C PRO C 526 -40.78 -32.68 29.88
N GLN C 527 -41.55 -32.38 28.83
CA GLN C 527 -42.57 -33.30 28.33
C GLN C 527 -41.99 -34.65 27.96
N THR C 528 -40.81 -34.66 27.35
CA THR C 528 -40.11 -35.91 27.06
C THR C 528 -39.82 -36.68 28.35
N LEU C 529 -39.14 -36.05 29.29
CA LEU C 529 -38.77 -36.73 30.52
C LEU C 529 -39.98 -37.25 31.32
N GLU C 530 -41.09 -36.52 31.26
CA GLU C 530 -42.31 -36.94 31.94
C GLU C 530 -42.84 -38.24 31.34
N SER C 531 -42.83 -38.33 30.01
CA SER C 531 -43.17 -39.56 29.32
C SER C 531 -42.26 -40.71 29.70
N TRP C 532 -40.95 -40.44 29.84
CA TRP C 532 -40.00 -41.48 30.21
C TRP C 532 -40.25 -41.96 31.59
N VAL C 533 -40.51 -41.05 32.51
CA VAL C 533 -40.82 -41.43 33.88
C VAL C 533 -42.13 -42.21 33.88
N GLU C 534 -43.06 -41.76 33.04
CA GLU C 534 -44.32 -42.45 32.88
C GLU C 534 -44.13 -43.93 32.47
N ILE C 535 -43.24 -44.22 31.51
CA ILE C 535 -43.00 -45.61 31.12
C ILE C 535 -42.26 -46.38 32.24
N LEU C 536 -41.31 -45.73 32.91
CA LEU C 536 -40.59 -46.36 34.00
C LEU C 536 -41.49 -46.78 35.17
N LYS C 537 -42.54 -45.99 35.42
CA LYS C 537 -43.55 -46.27 36.46
C LYS C 537 -44.40 -47.50 36.15
N ASN C 538 -44.55 -47.79 34.85
CA ASN C 538 -45.40 -48.88 34.40
C ASN C 538 -44.65 -50.10 33.92
N VAL C 539 -43.33 -50.12 34.08
CA VAL C 539 -42.55 -51.25 33.58
C VAL C 539 -41.69 -51.79 34.72
N PRO C 540 -42.01 -53.02 35.20
CA PRO C 540 -41.56 -53.54 36.49
C PRO C 540 -40.07 -53.39 36.84
N LYS C 541 -39.17 -53.85 35.99
CA LYS C 541 -37.76 -53.81 36.38
C LYS C 541 -36.95 -52.85 35.51
N SER C 542 -37.61 -51.76 35.13
CA SER C 542 -37.09 -50.89 34.09
C SER C 542 -36.13 -49.84 34.60
N VAL C 543 -35.21 -49.50 33.72
CA VAL C 543 -34.14 -48.56 34.00
C VAL C 543 -33.99 -47.63 32.79
N LEU C 544 -33.49 -46.42 33.02
CA LEU C 544 -33.18 -45.51 31.92
C LEU C 544 -31.68 -45.29 31.81
N TRP C 545 -31.16 -45.49 30.60
CA TRP C 545 -29.73 -45.37 30.33
C TRP C 545 -29.42 -44.17 29.49
N LEU C 546 -28.75 -43.18 30.08
CA LEU C 546 -28.41 -41.93 29.39
C LEU C 546 -26.92 -41.67 29.49
N LEU C 547 -26.45 -40.61 28.86
CA LEU C 547 -25.02 -40.27 28.84
C LEU C 547 -24.70 -38.91 29.44
N ARG C 548 -23.55 -38.83 30.11
CA ARG C 548 -23.03 -37.56 30.59
C ARG C 548 -22.59 -36.71 29.39
N PHE C 549 -23.55 -35.98 28.84
CA PHE C 549 -23.36 -35.30 27.57
C PHE C 549 -24.14 -33.97 27.61
N PRO C 550 -23.66 -33.00 28.41
CA PRO C 550 -22.48 -33.02 29.26
C PRO C 550 -22.75 -33.48 30.72
N ALA C 551 -21.68 -33.83 31.43
CA ALA C 551 -21.74 -34.28 32.83
C ALA C 551 -22.63 -33.45 33.73
N VAL C 552 -22.51 -32.12 33.62
CA VAL C 552 -23.27 -31.22 34.49
C VAL C 552 -24.80 -31.29 34.33
N GLY C 553 -25.27 -32.04 33.33
CA GLY C 553 -26.69 -32.22 33.12
C GLY C 553 -27.25 -33.32 33.99
N GLU C 554 -26.37 -34.25 34.36
CA GLU C 554 -26.75 -35.41 35.17
C GLU C 554 -27.59 -35.02 36.40
N GLN C 555 -27.09 -34.07 37.18
CA GLN C 555 -27.73 -33.64 38.43
C GLN C 555 -29.16 -33.15 38.22
N ASN C 556 -29.34 -32.25 37.25
CA ASN C 556 -30.67 -31.72 36.93
C ASN C 556 -31.70 -32.80 36.53
N ILE C 557 -31.25 -33.78 35.74
CA ILE C 557 -32.11 -34.88 35.34
C ILE C 557 -32.50 -35.75 36.56
N LYS C 558 -31.53 -36.03 37.43
CA LYS C 558 -31.81 -36.75 38.68
C LYS C 558 -32.87 -36.01 39.50
N LYS C 559 -32.63 -34.72 39.74
CA LYS C 559 -33.56 -33.93 40.53
C LYS C 559 -35.00 -33.94 39.98
N THR C 560 -35.14 -33.78 38.67
CA THR C 560 -36.46 -33.74 38.03
C THR C 560 -37.13 -35.11 38.06
N VAL C 561 -36.32 -36.16 37.89
CA VAL C 561 -36.81 -37.53 37.94
C VAL C 561 -37.38 -37.77 39.34
N SER C 562 -36.58 -37.42 40.34
CA SER C 562 -37.00 -37.46 41.72
C SER C 562 -38.34 -36.75 41.88
N ASP C 563 -38.41 -35.49 41.42
CA ASP C 563 -39.64 -34.68 41.48
C ASP C 563 -40.85 -35.34 40.85
N PHE C 564 -40.64 -36.14 39.81
CA PHE C 564 -41.75 -36.83 39.12
C PHE C 564 -42.20 -38.12 39.81
N GLY C 565 -41.53 -38.50 40.91
CA GLY C 565 -41.94 -39.65 41.72
C GLY C 565 -41.31 -40.99 41.34
N ILE C 566 -40.01 -40.95 41.00
CA ILE C 566 -39.28 -42.16 40.67
C ILE C 566 -37.89 -42.00 41.27
N SER C 567 -37.34 -43.11 41.78
CA SER C 567 -36.01 -43.10 42.35
C SER C 567 -34.98 -42.68 41.29
N PRO C 568 -34.11 -41.71 41.64
CA PRO C 568 -33.04 -41.27 40.75
C PRO C 568 -32.07 -42.38 40.35
N ASP C 569 -31.98 -43.42 41.17
CA ASP C 569 -31.05 -44.51 40.92
C ASP C 569 -31.43 -45.31 39.67
N ARG C 570 -32.70 -45.22 39.28
CA ARG C 570 -33.21 -45.91 38.10
C ARG C 570 -32.87 -45.22 36.77
N VAL C 571 -32.14 -44.10 36.83
CA VAL C 571 -31.56 -43.46 35.65
C VAL C 571 -30.05 -43.56 35.75
N ILE C 572 -29.47 -44.46 34.97
CA ILE C 572 -28.03 -44.71 34.99
C ILE C 572 -27.34 -43.90 33.88
N PHE C 573 -26.25 -43.23 34.23
CA PHE C 573 -25.51 -42.43 33.27
C PHE C 573 -24.17 -43.10 32.96
N SER C 574 -23.78 -43.08 31.71
CA SER C 574 -22.43 -43.53 31.32
C SER C 574 -21.68 -42.40 30.67
N ASN C 575 -20.35 -42.49 30.66
CA ASN C 575 -19.55 -41.48 30.00
C ASN C 575 -19.68 -41.57 28.49
N VAL C 576 -19.58 -40.42 27.84
CA VAL C 576 -19.38 -40.35 26.41
C VAL C 576 -18.17 -41.22 26.08
N ALA C 577 -18.34 -42.13 25.14
CA ALA C 577 -17.32 -43.10 24.76
C ALA C 577 -16.78 -42.81 23.34
N ALA C 578 -15.69 -43.48 22.96
CA ALA C 578 -15.23 -43.43 21.56
C ALA C 578 -16.27 -44.08 20.66
N LYS C 579 -16.35 -43.60 19.42
CA LYS C 579 -17.28 -44.12 18.41
C LYS C 579 -17.56 -45.64 18.48
N GLU C 580 -16.51 -46.45 18.44
CA GLU C 580 -16.65 -47.91 18.44
C GLU C 580 -17.34 -48.46 19.70
N GLU C 581 -16.85 -48.05 20.88
CA GLU C 581 -17.45 -48.49 22.14
C GLU C 581 -18.93 -48.12 22.22
N HIS C 582 -19.24 -46.91 21.77
CA HIS C 582 -20.58 -46.38 21.78
C HIS C 582 -21.55 -47.24 21.01
N VAL C 583 -21.24 -47.50 19.73
CA VAL C 583 -22.10 -48.34 18.89
C VAL C 583 -22.23 -49.75 19.47
N ARG C 584 -21.11 -50.28 19.95
CA ARG C 584 -21.06 -51.59 20.60
C ARG C 584 -21.93 -51.71 21.87
N ARG C 585 -21.87 -50.69 22.74
CA ARG C 585 -22.68 -50.62 23.98
C ARG C 585 -24.16 -50.86 23.74
N GLY C 586 -24.65 -50.30 22.63
CA GLY C 586 -26.08 -50.28 22.31
C GLY C 586 -26.70 -51.64 22.33
N GLN C 587 -25.89 -52.65 22.02
CA GLN C 587 -26.28 -54.05 22.10
C GLN C 587 -26.83 -54.46 23.47
N LEU C 588 -26.52 -53.71 24.52
CA LEU C 588 -26.95 -54.04 25.88
C LEU C 588 -28.35 -53.52 26.19
N ALA C 589 -28.86 -52.61 25.37
CA ALA C 589 -30.17 -52.04 25.61
C ALA C 589 -31.25 -53.00 25.12
N ASP C 590 -32.44 -52.91 25.70
CA ASP C 590 -33.60 -53.67 25.23
C ASP C 590 -34.37 -52.85 24.20
N ILE C 591 -34.56 -51.57 24.51
CA ILE C 591 -35.38 -50.69 23.69
C ILE C 591 -34.71 -49.33 23.77
N CYS C 592 -34.68 -48.62 22.64
CA CYS C 592 -34.19 -47.24 22.63
C CYS C 592 -35.35 -46.24 22.48
N LEU C 593 -35.29 -45.13 23.22
CA LEU C 593 -36.35 -44.12 23.16
C LEU C 593 -35.86 -42.85 22.55
N ASP C 594 -36.48 -42.47 21.46
CA ASP C 594 -36.10 -41.26 20.77
C ASP C 594 -36.65 -39.99 21.45
N THR C 595 -35.97 -38.87 21.23
CA THR C 595 -36.41 -37.58 21.73
C THR C 595 -37.27 -36.89 20.65
N PRO C 596 -38.57 -36.68 20.92
CA PRO C 596 -39.45 -36.09 19.91
C PRO C 596 -39.22 -34.61 19.63
N LEU C 597 -38.60 -33.91 20.58
CA LEU C 597 -38.24 -32.51 20.35
C LEU C 597 -37.31 -32.38 19.14
N CYS C 598 -36.18 -33.08 19.21
CA CYS C 598 -35.23 -33.16 18.13
C CYS C 598 -34.65 -34.57 18.16
N ASN C 599 -34.93 -35.36 17.13
CA ASN C 599 -34.54 -36.77 17.10
C ASN C 599 -33.02 -36.89 17.17
N GLY C 600 -32.54 -38.08 17.47
CA GLY C 600 -31.09 -38.32 17.41
C GLY C 600 -30.75 -38.87 16.03
N HIS C 601 -30.34 -38.00 15.13
CA HIS C 601 -30.12 -38.38 13.74
C HIS C 601 -29.08 -39.46 13.59
N THR C 602 -27.89 -39.26 14.15
CA THR C 602 -26.87 -40.28 13.97
C THR C 602 -26.94 -41.38 15.02
N THR C 603 -27.13 -41.05 16.29
CA THR C 603 -27.07 -42.08 17.33
C THR C 603 -28.17 -43.11 17.07
N SER C 604 -29.31 -42.63 16.60
CA SER C 604 -30.40 -43.52 16.19
C SER C 604 -30.00 -44.52 15.10
N MET C 605 -29.13 -44.09 14.16
CA MET C 605 -28.55 -45.00 13.17
C MET C 605 -27.65 -45.99 13.88
N ASP C 606 -26.84 -45.50 14.81
CA ASP C 606 -25.93 -46.34 15.59
C ASP C 606 -26.72 -47.47 16.26
N VAL C 607 -27.81 -47.11 16.91
CA VAL C 607 -28.60 -48.06 17.68
C VAL C 607 -29.31 -49.08 16.79
N LEU C 608 -29.91 -48.60 15.69
CA LEU C 608 -30.51 -49.49 14.69
C LEU C 608 -29.52 -50.50 14.14
N TRP C 609 -28.27 -50.09 14.02
CA TRP C 609 -27.26 -50.98 13.45
C TRP C 609 -27.06 -52.23 14.26
N THR C 610 -27.30 -52.15 15.57
CA THR C 610 -27.21 -53.32 16.42
C THR C 610 -28.56 -54.02 16.59
N GLY C 611 -29.53 -53.64 15.76
CA GLY C 611 -30.88 -54.21 15.79
C GLY C 611 -31.65 -53.90 17.07
N THR C 612 -31.34 -52.78 17.73
CA THR C 612 -32.10 -52.36 18.90
C THR C 612 -33.24 -51.46 18.43
N PRO C 613 -34.49 -51.88 18.68
CA PRO C 613 -35.62 -51.04 18.26
C PRO C 613 -35.54 -49.64 18.85
N VAL C 614 -35.93 -48.63 18.08
CA VAL C 614 -36.10 -47.29 18.65
C VAL C 614 -37.54 -46.85 18.43
N VAL C 615 -38.18 -46.39 19.49
CA VAL C 615 -39.55 -45.89 19.37
C VAL C 615 -39.54 -44.37 19.34
N THR C 616 -40.21 -43.80 18.34
CA THR C 616 -40.20 -42.38 18.12
C THR C 616 -41.63 -41.81 17.97
N LEU C 617 -41.75 -40.50 18.17
CA LEU C 617 -42.99 -39.76 17.95
C LEU C 617 -42.65 -38.53 17.10
N PRO C 618 -42.97 -38.57 15.80
CA PRO C 618 -42.56 -37.50 14.91
C PRO C 618 -43.38 -36.25 15.12
N GLY C 619 -42.78 -35.09 14.87
CA GLY C 619 -43.50 -33.85 14.96
C GLY C 619 -43.64 -33.22 13.59
N GLU C 620 -43.45 -31.90 13.53
CA GLU C 620 -43.63 -31.14 12.31
C GLU C 620 -42.30 -30.68 11.70
N THR C 621 -41.34 -30.29 12.52
CA THR C 621 -40.01 -29.92 11.99
C THR C 621 -39.27 -31.12 11.41
N LEU C 622 -38.41 -30.88 10.42
CA LEU C 622 -37.62 -31.96 9.80
C LEU C 622 -36.87 -32.75 10.85
N ALA C 623 -36.26 -32.05 11.81
CA ALA C 623 -35.44 -32.67 12.84
C ALA C 623 -36.25 -33.52 13.82
N SER C 624 -37.58 -33.34 13.79
CA SER C 624 -38.53 -34.12 14.61
C SER C 624 -38.89 -35.43 13.97
N ARG C 625 -38.67 -35.53 12.66
CA ARG C 625 -39.23 -36.61 11.85
C ARG C 625 -38.19 -37.57 11.27
N VAL C 626 -36.92 -37.41 11.64
CA VAL C 626 -35.87 -38.21 11.03
C VAL C 626 -35.92 -39.67 11.41
N ALA C 627 -36.10 -39.98 12.70
CA ALA C 627 -36.24 -41.38 13.12
C ALA C 627 -37.42 -42.09 12.44
N ALA C 628 -38.55 -41.41 12.30
CA ALA C 628 -39.70 -42.00 11.61
C ALA C 628 -39.32 -42.42 10.20
N SER C 629 -38.56 -41.55 9.52
CA SER C 629 -38.08 -41.80 8.19
C SER C 629 -37.18 -43.01 8.17
N GLN C 630 -36.25 -43.10 9.12
CA GLN C 630 -35.37 -44.27 9.21
C GLN C 630 -36.18 -45.55 9.41
N LEU C 631 -37.07 -45.55 10.39
CA LEU C 631 -37.93 -46.70 10.65
C LEU C 631 -38.83 -47.10 9.49
N ALA C 632 -39.33 -46.12 8.76
CA ALA C 632 -40.19 -46.41 7.63
C ALA C 632 -39.40 -47.17 6.58
N THR C 633 -38.15 -46.77 6.37
CA THR C 633 -37.26 -47.42 5.41
C THR C 633 -36.94 -48.83 5.89
N LEU C 634 -36.87 -48.99 7.21
CA LEU C 634 -36.56 -50.28 7.81
C LEU C 634 -37.78 -51.21 7.78
N GLY C 635 -38.95 -50.65 7.50
CA GLY C 635 -40.17 -51.44 7.39
C GLY C 635 -40.73 -51.77 8.77
N CYS C 636 -40.68 -50.81 9.68
CA CYS C 636 -41.14 -50.98 11.06
C CYS C 636 -41.98 -49.80 11.49
N PRO C 637 -43.10 -49.54 10.79
CA PRO C 637 -43.95 -48.40 11.18
C PRO C 637 -44.59 -48.56 12.56
N GLU C 638 -44.73 -49.80 13.02
CA GLU C 638 -45.30 -50.08 14.34
C GLU C 638 -44.52 -49.40 15.48
N LEU C 639 -43.30 -48.94 15.20
CA LEU C 639 -42.50 -48.19 16.18
C LEU C 639 -42.67 -46.67 16.11
N ILE C 640 -43.53 -46.21 15.20
CA ILE C 640 -43.78 -44.78 15.02
C ILE C 640 -45.10 -44.45 15.69
N ALA C 641 -45.04 -43.74 16.82
CA ALA C 641 -46.24 -43.34 17.55
C ALA C 641 -46.95 -42.18 16.85
N ARG C 642 -48.19 -41.92 17.24
CA ARG C 642 -48.94 -40.79 16.69
C ARG C 642 -49.29 -39.77 17.75
N THR C 643 -49.23 -40.19 19.01
CA THR C 643 -49.47 -39.32 20.17
C THR C 643 -48.49 -39.69 21.30
N ARG C 644 -48.40 -38.81 22.31
CA ARG C 644 -47.63 -39.11 23.52
C ARG C 644 -48.13 -40.40 24.15
N GLU C 645 -49.45 -40.54 24.19
CA GLU C 645 -50.08 -41.72 24.77
C GLU C 645 -49.60 -42.99 24.06
N GLU C 646 -49.63 -42.97 22.72
CA GLU C 646 -49.18 -44.11 21.91
C GLU C 646 -47.67 -44.36 22.06
N TYR C 647 -46.89 -43.28 22.09
CA TYR C 647 -45.46 -43.37 22.34
C TYR C 647 -45.20 -44.18 23.61
N GLN C 648 -45.82 -43.77 24.71
CA GLN C 648 -45.70 -44.42 26.00
C GLN C 648 -46.18 -45.87 25.95
N ASN C 649 -47.36 -46.07 25.38
CA ASN C 649 -47.93 -47.43 25.26
C ASN C 649 -47.06 -48.41 24.47
N ILE C 650 -46.50 -47.95 23.34
CA ILE C 650 -45.58 -48.76 22.54
C ILE C 650 -44.37 -49.16 23.37
N ALA C 651 -43.82 -48.21 24.13
CA ALA C 651 -42.65 -48.50 24.95
C ALA C 651 -42.98 -49.39 26.13
N ILE C 652 -44.16 -49.21 26.71
CA ILE C 652 -44.63 -50.06 27.83
C ILE C 652 -44.91 -51.50 27.38
N ARG C 653 -45.61 -51.66 26.26
CA ARG C 653 -45.88 -52.98 25.70
C ARG C 653 -44.58 -53.77 25.46
N LEU C 654 -43.55 -53.07 24.97
CA LEU C 654 -42.29 -53.72 24.62
C LEU C 654 -41.47 -54.16 25.83
N GLY C 655 -41.65 -53.50 26.98
CA GLY C 655 -40.90 -53.85 28.18
C GLY C 655 -41.66 -54.89 28.99
N THR C 656 -42.86 -55.20 28.52
CA THR C 656 -43.85 -55.93 29.29
C THR C 656 -44.20 -57.27 28.64
N LYS C 657 -44.10 -57.33 27.32
CA LYS C 657 -44.37 -58.54 26.56
C LYS C 657 -43.07 -59.11 25.97
N LYS C 658 -42.37 -59.88 26.80
CA LYS C 658 -41.08 -60.47 26.43
C LYS C 658 -41.05 -61.06 25.01
N GLU C 659 -42.09 -61.82 24.67
CA GLU C 659 -42.19 -62.49 23.36
C GLU C 659 -42.37 -61.49 22.20
N TYR C 660 -43.16 -60.45 22.43
CA TYR C 660 -43.33 -59.42 21.42
C TYR C 660 -42.03 -58.61 21.20
N LEU C 661 -41.33 -58.26 22.28
CA LEU C 661 -40.01 -57.65 22.20
C LEU C 661 -39.02 -58.52 21.41
N LYS C 662 -38.95 -59.81 21.74
CA LYS C 662 -38.07 -60.72 21.02
C LYS C 662 -38.35 -60.78 19.52
N ALA C 663 -39.63 -60.82 19.14
CA ALA C 663 -40.03 -60.86 17.72
C ALA C 663 -39.66 -59.58 16.97
N LEU C 664 -39.85 -58.44 17.62
CA LEU C 664 -39.52 -57.16 17.00
C LEU C 664 -38.00 -56.93 16.84
N ARG C 665 -37.20 -57.28 17.84
CA ARG C 665 -35.74 -57.15 17.73
C ARG C 665 -35.18 -58.00 16.59
N ALA C 666 -35.81 -59.15 16.36
CA ALA C 666 -35.44 -60.05 15.27
C ALA C 666 -35.79 -59.42 13.92
N LYS C 667 -36.97 -58.84 13.84
CA LYS C 667 -37.42 -58.17 12.63
C LYS C 667 -36.50 -57.02 12.30
N VAL C 668 -36.19 -56.20 13.29
CA VAL C 668 -35.28 -55.06 13.12
C VAL C 668 -33.90 -55.56 12.68
N TRP C 669 -33.43 -56.64 13.28
CA TRP C 669 -32.14 -57.22 12.90
C TRP C 669 -32.15 -57.69 11.47
N LYS C 670 -33.25 -58.34 11.07
CA LYS C 670 -33.38 -58.83 9.71
C LYS C 670 -33.41 -57.66 8.73
N ALA C 671 -34.18 -56.64 9.06
CA ALA C 671 -34.38 -55.48 8.19
C ALA C 671 -33.09 -54.67 7.98
N ARG C 672 -32.20 -54.73 8.96
CA ARG C 672 -30.98 -53.94 8.89
C ARG C 672 -30.04 -54.39 7.76
N VAL C 673 -30.08 -55.67 7.40
CA VAL C 673 -29.29 -56.12 6.25
C VAL C 673 -30.09 -56.22 4.95
N GLU C 674 -31.39 -56.50 5.06
CA GLU C 674 -32.23 -56.63 3.87
C GLU C 674 -32.68 -55.30 3.28
N SER C 675 -32.76 -54.25 4.10
CA SER C 675 -33.40 -52.99 3.67
C SER C 675 -32.40 -51.96 3.09
N PRO C 676 -32.90 -50.88 2.45
CA PRO C 676 -31.95 -49.90 1.90
C PRO C 676 -31.25 -49.01 2.93
N LEU C 677 -31.74 -49.01 4.18
CA LEU C 677 -31.27 -48.05 5.19
C LEU C 677 -29.75 -47.88 5.25
N PHE C 678 -29.03 -49.00 5.26
CA PHE C 678 -27.56 -49.00 5.34
C PHE C 678 -26.91 -49.34 4.01
N ASP C 679 -27.69 -49.33 2.93
CA ASP C 679 -27.17 -49.66 1.59
C ASP C 679 -26.62 -48.41 0.89
N CYS C 680 -25.33 -48.20 0.99
CA CYS C 680 -24.72 -47.00 0.43
C CYS C 680 -24.75 -46.91 -1.10
N SER C 681 -24.87 -48.03 -1.78
CA SER C 681 -24.95 -48.01 -3.25
C SER C 681 -26.31 -47.63 -3.78
N GLN C 682 -27.37 -48.12 -3.14
CA GLN C 682 -28.72 -47.70 -3.49
C GLN C 682 -28.81 -46.19 -3.31
N TYR C 683 -28.18 -45.67 -2.26
CA TYR C 683 -28.20 -44.26 -1.94
C TYR C 683 -27.54 -43.41 -3.03
N ALA C 684 -26.35 -43.81 -3.47
CA ALA C 684 -25.69 -43.17 -4.62
C ALA C 684 -26.56 -43.15 -5.88
N LYS C 685 -27.22 -44.26 -6.18
CA LYS C 685 -28.13 -44.30 -7.33
C LYS C 685 -29.21 -43.24 -7.18
N GLY C 686 -29.76 -43.15 -5.96
CA GLY C 686 -30.87 -42.22 -5.69
C GLY C 686 -30.47 -40.77 -5.86
N LEU C 687 -29.29 -40.43 -5.38
CA LEU C 687 -28.76 -39.10 -5.56
C LEU C 687 -28.62 -38.81 -7.06
N GLU C 688 -28.06 -39.75 -7.80
CA GLU C 688 -27.91 -39.63 -9.24
C GLU C 688 -29.22 -39.31 -9.97
N LYS C 689 -30.28 -40.07 -9.69
CA LYS C 689 -31.60 -39.82 -10.33
C LYS C 689 -32.12 -38.43 -10.02
N LEU C 690 -31.90 -38.00 -8.78
CA LEU C 690 -32.33 -36.69 -8.33
C LEU C 690 -31.56 -35.63 -9.10
N PHE C 691 -30.24 -35.77 -9.15
CA PHE C 691 -29.39 -34.83 -9.88
C PHE C 691 -29.77 -34.72 -11.36
N LEU C 692 -30.05 -35.85 -11.99
CA LEU C 692 -30.44 -35.89 -13.40
C LEU C 692 -31.73 -35.13 -13.61
N ARG C 693 -32.66 -35.34 -12.68
CA ARG C 693 -33.95 -34.72 -12.73
C ARG C 693 -33.79 -33.20 -12.59
N MET C 694 -32.87 -32.78 -11.71
CA MET C 694 -32.60 -31.36 -11.51
C MET C 694 -32.07 -30.77 -12.80
N TRP C 695 -31.11 -31.48 -13.41
CA TRP C 695 -30.57 -31.02 -14.67
C TRP C 695 -31.58 -30.96 -15.80
N GLU C 696 -32.39 -32.01 -15.97
CA GLU C 696 -33.43 -32.02 -17.00
C GLU C 696 -34.29 -30.75 -16.95
N LYS C 697 -34.72 -30.36 -15.75
CA LYS C 697 -35.56 -29.18 -15.59
C LYS C 697 -34.82 -27.94 -16.01
N TYR C 698 -33.53 -27.89 -15.65
CA TYR C 698 -32.70 -26.75 -15.99
C TYR C 698 -32.51 -26.66 -17.50
N GLU C 699 -32.28 -27.81 -18.14
CA GLU C 699 -32.02 -27.88 -19.57
C GLU C 699 -33.19 -27.33 -20.35
N ASN C 700 -34.40 -27.71 -19.95
CA ASN C 700 -35.61 -27.03 -20.42
C ASN C 700 -35.69 -25.70 -19.71
N GLY C 701 -36.72 -24.90 -19.97
CA GLY C 701 -36.75 -23.59 -19.37
C GLY C 701 -37.35 -23.58 -17.97
N GLU C 702 -37.26 -24.73 -17.28
CA GLU C 702 -38.06 -24.95 -16.07
C GLU C 702 -37.48 -24.42 -14.77
N LEU C 703 -38.29 -23.62 -14.07
CA LEU C 703 -38.01 -23.20 -12.70
C LEU C 703 -37.99 -24.41 -11.75
N PRO C 704 -37.20 -24.34 -10.67
CA PRO C 704 -37.23 -25.47 -9.75
C PRO C 704 -38.62 -25.75 -9.17
N ASP C 705 -38.95 -27.02 -9.06
CA ASP C 705 -40.22 -27.47 -8.53
C ASP C 705 -39.94 -28.79 -7.81
N HIS C 706 -40.88 -29.29 -7.01
CA HIS C 706 -40.66 -30.55 -6.28
C HIS C 706 -40.43 -31.70 -7.22
N ILE C 707 -39.48 -32.56 -6.89
CA ILE C 707 -39.15 -33.71 -7.72
C ILE C 707 -38.97 -34.94 -6.81
N SER C 708 -38.87 -36.12 -7.42
CA SER C 708 -38.66 -37.36 -6.68
C SER C 708 -37.86 -38.31 -7.54
N ALA C 709 -37.14 -39.23 -6.92
CA ALA C 709 -36.30 -40.17 -7.62
C ALA C 709 -37.07 -41.35 -8.27
N VAL C 710 -37.92 -42.03 -7.48
CA VAL C 710 -38.70 -43.18 -7.94
C VAL C 710 -39.91 -42.76 -8.77
N1 12V D . 31.29 -9.81 -1.18
C2 12V D . 31.08 -9.84 -2.51
O2 12V D . 29.94 -9.84 -2.97
N3 12V D . 32.13 -9.88 -3.42
C4 12V D . 33.45 -9.90 -2.95
O4 12V D . 34.39 -9.94 -3.76
C5 12V D . 33.69 -9.86 -1.59
C6 12V D . 32.61 -9.82 -0.70
PA 12V D . 30.37 -6.59 4.79
PB 12V D . 30.43 -8.15 7.11
C1' 12V D . 28.48 -6.99 8.42
O1' 12V D . 29.14 -8.19 7.99
O1A 12V D . 29.35 -5.53 4.97
C1B 12V D . 30.15 -9.77 -0.24
O1B 12V D . 31.01 -9.52 6.96
C2' 12V D . 28.50 -6.97 9.95
N2' 12V D . 29.89 -6.96 10.42
O2' 12V D . 29.74 -12.15 0.33
O2A 12V D . 31.78 -6.26 5.03
C2B 12V D . 30.23 -10.87 0.81
O2B 12V D . 31.23 -7.06 7.68
C3' 12V D . 27.88 -8.28 10.50
O3' 12V D . 28.08 -8.36 11.90
O3A 12V D . 29.86 -7.79 5.67
C3B 12V D . 29.29 -10.33 1.85
O3B 12V D . 27.87 -10.53 1.50
C4' 12V D . 26.39 -8.44 10.20
O4' 12V D . 26.01 -9.73 10.78
C4B 12V D . 29.62 -8.84 1.83
O4B 12V D . 30.22 -8.56 0.55
C5' 12V D . 26.19 -8.49 8.69
S5' 12V D . 26.76 -7.01 7.94
C5B 12V D . 30.59 -8.51 2.97
O5B 12V D . 30.33 -7.18 3.30
C6' 12V D . 24.73 -8.55 8.28
O6' 12V D . 23.99 -7.70 9.14
C7' 12V D . 30.42 -5.89 11.01
O7' 12V D . 29.83 -4.83 11.14
C8' 12V D . 31.83 -6.05 11.54
N1 12V E . -12.55 29.35 -23.40
C2 12V E . -13.58 28.82 -22.69
O2 12V E . -13.41 28.33 -21.58
N3 12V E . -14.89 28.81 -23.21
C4 12V E . -15.12 29.37 -24.47
O4 12V E . -16.27 29.37 -24.94
C5 12V E . -14.07 29.91 -25.22
C6 12V E . -12.79 29.90 -24.69
PA 12V E . -7.32 33.35 -23.78
PB 12V E . -5.06 32.64 -25.45
C1' 12V E . -2.97 33.37 -24.07
O1' 12V E . -3.58 32.38 -24.89
O1A 12V E . -7.34 33.63 -22.34
C1B 12V E . -11.16 29.35 -22.85
O1B 12V E . -5.43 31.50 -26.35
C2' 12V E . -1.61 33.78 -24.66
N2' 12V E . -1.80 34.46 -25.95
O2' 12V E . -10.58 27.06 -23.47
O2A 12V E . -7.57 34.47 -24.70
C2B 12V E . -10.26 28.47 -23.68
O2B 12V E . -5.03 34.01 -25.98
C3' 12V E . -0.71 32.55 -24.88
O3' 12V E . 0.48 32.97 -25.54
O3A 12V E . -5.95 32.56 -24.10
C3B 12V E . -8.91 28.79 -23.03
O3B 12V E . -8.75 28.14 -21.76
C4' 12V E . -0.30 31.83 -23.60
O4' 12V E . 0.46 30.66 -23.98
C4B 12V E . -9.03 30.28 -22.81
O4B 12V E . -10.46 30.61 -22.93
C5' 12V E . -1.52 31.37 -22.86
S5' 12V E . -2.64 32.70 -22.45
C5B 12V E . -8.14 30.90 -23.88
O5B 12V E . -8.43 32.26 -24.01
C6' 12V E . -1.07 30.66 -21.56
O6' 12V E . -0.34 31.57 -20.74
C7' 12V E . -1.78 35.78 -26.07
O7' 12V E . -1.60 36.55 -25.13
C8' 12V E . -1.95 36.32 -27.47
N1 12V F . -20.83 -40.55 20.00
C2 12V F . -19.72 -41.17 20.40
O2 12V F . -18.74 -41.23 19.65
N3 12V F . -19.63 -41.71 21.69
C4 12V F . -20.73 -41.63 22.54
O4 12V F . -20.67 -42.12 23.67
C5 12V F . -21.90 -41.00 22.13
C6 12V F . -21.94 -40.47 20.85
PA 12V F . -24.02 -35.18 17.05
PB 12V F . -26.46 -35.60 15.71
C1' 12V F . -25.90 -33.91 13.62
O1' 12V F . -26.29 -35.22 14.10
O1A 12V F . -23.40 -34.07 16.30
C1B 12V F . -20.91 -40.00 18.65
O1B 12V F . -27.18 -36.89 15.82
C2' 12V F . -27.07 -33.18 12.94
N2' 12V F . -28.14 -32.95 13.90
O2' 12V F . -21.49 -42.01 17.38
O2A 12V F . -24.76 -34.92 18.31
C2B 12V F . -21.98 -40.73 17.85
O2B 12V F . -26.98 -34.42 16.46
C3' 12V F . -27.67 -34.00 11.78
O3' 12V F . -28.90 -33.42 11.32
O3A 12V F . -24.95 -36.00 16.07
C3B 12V F . -22.24 -39.76 16.71
O3B 12V F . -21.32 -39.94 15.60
C4' 12V F . -26.69 -34.17 10.63
O4' 12V F . -27.33 -34.99 9.64
C4B 12V F . -21.95 -38.42 17.40
O4B 12V F . -21.45 -38.69 18.74
C5' 12V F . -25.44 -34.87 11.11
S5' 12V F . -24.59 -33.99 12.40
C5B 12V F . -23.23 -37.60 17.56
O5B 12V F . -22.89 -36.24 17.36
C6' 12V F . -24.45 -35.03 9.95
O6' 12V F . -23.98 -33.74 9.59
C7' 12V F . -28.53 -31.72 14.19
O7' 12V F . -28.01 -30.72 13.72
C8' 12V F . -29.68 -31.61 15.22
#